data_6QSN
#
_entry.id   6QSN
#
_cell.length_a   108.285
_cell.length_b   142.114
_cell.length_c   152.177
_cell.angle_alpha   90.00
_cell.angle_beta   90.00
_cell.angle_gamma   90.00
#
_symmetry.space_group_name_H-M   'P 21 21 21'
#
loop_
_entity.id
_entity.type
_entity.pdbx_description
1 polymer 'Genome polyprotein'
2 non-polymer S-ADENOSYL-L-HOMOCYSTEINE
3 non-polymer 'SULFATE ION'
4 non-polymer 'ZINC ION'
#
_entity_poly.entity_id   1
_entity_poly.type   'polypeptide(L)'
_entity_poly.pdbx_seq_one_letter_code
;GSANGKTLGEVWKRELNLLDKRQFELYKRTDIVEVDRDTARRHLAEGKVDTGVAVSRGTAKLRWFHERGYVKLEGRVIDL
GCGRGGWCYYAAAQKEVSGVKGFTLGRDGHEKPMNVQSLGWNIITFKDKTDIHRLEPVKCDTLLCDIGESSSSSVTEGER
TVRVLDTVEKWLACGVDNFCVKVLAPYMPDVLEKLELLQRRFGGTVIRNPLSRNSTHEMYYVSGARSNVTFTVNQTSRLL
MRRMRRPTGKVTLEADVILPIGTRSVETDKGPLDKEAIEERVERIKSEYMTSWFYDNDNPYRTWHYCGSYVTKTSGSAAS
MVNGVIKILTYPWDRIEEVTRMAMTDTTPFGQQRVFKEKVDTRAKDPPAGTRKIMKVVNRWLFRHLAREKNPRLCTKEEF
IAKVRSHAAIGAYLEEQEQWKTANEAVQDPKFWELVDEERKLHQQGRCRTCVYNMMGKREKKLSEFGKAKGSRAIWYMWL
GARYLEFEALGFLNEDHWASRENSGGGVEGIGLQYLGYVIRDLAAMDGGGFYADDTAGWDTRITEADLDDEQEILNYMSP
HHKKLAQAVMEMTYKNKVVKVLRPAPGGKAYMDVISRRDQRGSGQVVTYALNTITNLKVQLIRMAEAEMVIHHQHVQDCD
ESVLTRLEAWLTEHGCDRLKRMAVSGDDCVVRPIDDRFGLALSHLNAMSKVRKDISEWQPSKGWNDWENVPFCSHHFHEL
QLKDGRRIVVPCREQDELIGRGRVSPGNGWMIKETACLSKAYANMWSLMYFHKRDMRLLSLAVSSAVPTSWVPQGRTTWS
IHGKGEWMTTEDMLEVWNRVWITNNPHMQDKTMVKKWRDVPYLTKRQDKLCGSLIGMTNRATWASHIHLVIHRIRTLIGQ
EKYTDYLTVMDRYSVDADLQLGELI
;
_entity_poly.pdbx_strand_id   A,B
#
loop_
_chem_comp.id
_chem_comp.type
_chem_comp.name
_chem_comp.formula
SAH non-polymer S-ADENOSYL-L-HOMOCYSTEINE 'C14 H20 N6 O5 S'
SO4 non-polymer 'SULFATE ION' 'O4 S -2'
ZN non-polymer 'ZINC ION' 'Zn 2'
#
# COMPACT_ATOMS: atom_id res chain seq x y z
N LYS A 6 -50.84 12.35 10.92
CA LYS A 6 -51.88 13.18 10.35
C LYS A 6 -51.55 13.60 8.92
N THR A 7 -50.27 13.79 8.65
CA THR A 7 -49.83 14.10 7.30
C THR A 7 -49.51 12.83 6.53
N LEU A 8 -49.47 12.95 5.20
CA LEU A 8 -49.20 11.80 4.36
C LEU A 8 -47.79 11.27 4.58
N GLY A 9 -46.83 12.17 4.81
CA GLY A 9 -45.49 11.74 5.15
C GLY A 9 -45.45 10.93 6.44
N GLU A 10 -46.20 11.37 7.45
CA GLU A 10 -46.30 10.59 8.67
C GLU A 10 -46.88 9.20 8.40
N VAL A 11 -47.85 9.11 7.50
CA VAL A 11 -48.36 7.80 7.09
C VAL A 11 -47.24 6.97 6.49
N TRP A 12 -46.37 7.61 5.69
CA TRP A 12 -45.20 6.91 5.16
C TRP A 12 -44.28 6.46 6.29
N LYS A 13 -44.19 7.24 7.36
CA LYS A 13 -43.31 6.87 8.47
C LYS A 13 -43.85 5.65 9.21
N ARG A 14 -45.14 5.67 9.54
CA ARG A 14 -45.76 4.51 10.19
C ARG A 14 -45.65 3.27 9.30
N GLU A 15 -46.17 3.37 8.07
CA GLU A 15 -46.11 2.24 7.15
C GLU A 15 -44.68 1.77 6.91
N LEU A 16 -43.71 2.67 7.04
CA LEU A 16 -42.31 2.29 6.88
C LEU A 16 -41.82 1.50 8.08
N ASN A 17 -42.17 1.96 9.30
CA ASN A 17 -41.80 1.22 10.50
C ASN A 17 -42.46 -0.16 10.53
N LEU A 18 -43.63 -0.31 9.93
CA LEU A 18 -44.32 -1.59 9.94
C LEU A 18 -43.56 -2.66 9.15
N LEU A 19 -42.83 -2.27 8.12
CA LEU A 19 -42.15 -3.24 7.27
C LEU A 19 -41.06 -3.98 8.03
N ASP A 20 -40.86 -5.25 7.65
CA ASP A 20 -39.82 -6.07 8.25
C ASP A 20 -38.49 -5.80 7.57
N LYS A 21 -37.51 -6.66 7.81
CA LYS A 21 -36.16 -6.46 7.26
C LYS A 21 -36.17 -6.57 5.74
N ARG A 22 -36.72 -7.67 5.21
CA ARG A 22 -36.68 -7.93 3.78
C ARG A 22 -37.47 -6.89 2.99
N GLN A 23 -38.70 -6.60 3.45
CA GLN A 23 -39.52 -5.60 2.76
C GLN A 23 -38.84 -4.23 2.80
N PHE A 24 -38.18 -3.91 3.90
CA PHE A 24 -37.36 -2.71 3.95
C PHE A 24 -36.27 -2.74 2.89
N GLU A 25 -35.62 -3.89 2.72
CA GLU A 25 -34.53 -3.99 1.75
C GLU A 25 -35.03 -3.87 0.32
N LEU A 26 -36.25 -4.33 0.04
CA LEU A 26 -36.79 -4.22 -1.31
C LEU A 26 -37.38 -2.85 -1.59
N TYR A 27 -37.86 -2.16 -0.54
CA TYR A 27 -38.33 -0.79 -0.71
C TYR A 27 -37.19 0.22 -0.70
N LYS A 28 -36.04 -0.15 -0.12
CA LYS A 28 -34.90 0.75 -0.05
C LYS A 28 -34.44 1.20 -1.44
N ARG A 29 -34.41 0.27 -2.40
CA ARG A 29 -33.81 0.52 -3.72
C ARG A 29 -34.83 0.54 -4.84
N THR A 30 -36.12 0.74 -4.54
CA THR A 30 -37.15 0.65 -5.56
C THR A 30 -37.15 1.93 -6.40
N ASP A 31 -36.78 1.79 -7.67
CA ASP A 31 -36.83 2.86 -8.68
C ASP A 31 -35.90 4.03 -8.35
N ILE A 32 -34.95 3.84 -7.43
CA ILE A 32 -33.99 4.90 -7.10
C ILE A 32 -32.84 4.87 -8.10
N VAL A 33 -32.03 5.91 -8.10
CA VAL A 33 -30.78 5.95 -8.87
C VAL A 33 -29.63 5.68 -7.91
N GLU A 34 -28.78 4.71 -8.27
CA GLU A 34 -27.72 4.26 -7.37
C GLU A 34 -26.42 4.12 -8.13
N VAL A 35 -25.34 4.62 -7.54
CA VAL A 35 -23.98 4.39 -8.03
C VAL A 35 -23.42 3.17 -7.31
N ASP A 36 -22.58 2.41 -8.02
CA ASP A 36 -21.92 1.24 -7.43
C ASP A 36 -20.66 1.70 -6.71
N ARG A 37 -20.64 1.52 -5.38
CA ARG A 37 -19.56 2.03 -4.54
C ARG A 37 -18.49 0.98 -4.23
N ASP A 38 -18.66 -0.25 -4.72
CA ASP A 38 -17.78 -1.33 -4.28
C ASP A 38 -16.31 -1.05 -4.61
N THR A 39 -16.04 -0.49 -5.79
CA THR A 39 -14.67 -0.22 -6.19
C THR A 39 -14.03 0.84 -5.30
N ALA A 40 -14.74 1.95 -5.07
CA ALA A 40 -14.19 3.02 -4.25
C ALA A 40 -14.03 2.57 -2.80
N ARG A 41 -15.00 1.82 -2.29
CA ARG A 41 -14.89 1.29 -0.93
C ARG A 41 -13.69 0.36 -0.80
N ARG A 42 -13.42 -0.45 -1.84
CA ARG A 42 -12.22 -1.27 -1.81
C ARG A 42 -10.97 -0.41 -1.82
N HIS A 43 -10.95 0.64 -2.65
CA HIS A 43 -9.79 1.53 -2.70
C HIS A 43 -9.53 2.19 -1.34
N LEU A 44 -10.59 2.61 -0.65
CA LEU A 44 -10.42 3.32 0.61
C LEU A 44 -10.15 2.36 1.76
N ALA A 45 -10.62 1.12 1.66
CA ALA A 45 -10.24 0.11 2.65
C ALA A 45 -8.75 -0.19 2.58
N GLU A 46 -8.22 -0.38 1.38
CA GLU A 46 -6.80 -0.67 1.18
C GLU A 46 -5.90 0.53 1.46
N GLY A 47 -6.46 1.68 1.80
CA GLY A 47 -5.66 2.84 2.12
C GLY A 47 -5.16 3.65 0.94
N LYS A 48 -5.70 3.41 -0.25
CA LYS A 48 -5.27 4.16 -1.44
C LYS A 48 -5.92 5.53 -1.43
N VAL A 49 -5.10 6.58 -1.51
CA VAL A 49 -5.56 7.96 -1.41
C VAL A 49 -5.17 8.78 -2.63
N ASP A 50 -4.69 8.13 -3.69
CA ASP A 50 -4.32 8.80 -4.93
C ASP A 50 -5.12 8.27 -6.12
N THR A 51 -6.25 7.62 -5.86
CA THR A 51 -7.09 7.08 -6.94
C THR A 51 -8.13 8.08 -7.42
N GLY A 52 -8.53 9.01 -6.57
CA GLY A 52 -9.50 10.03 -6.95
C GLY A 52 -10.95 9.64 -6.78
N VAL A 53 -11.23 8.49 -6.17
CA VAL A 53 -12.61 8.05 -6.01
C VAL A 53 -13.30 8.88 -4.93
N ALA A 54 -14.61 9.05 -5.10
CA ALA A 54 -15.39 9.79 -4.11
C ALA A 54 -15.39 9.05 -2.78
N VAL A 55 -15.27 9.80 -1.68
CA VAL A 55 -15.14 9.20 -0.36
C VAL A 55 -16.48 8.89 0.29
N SER A 56 -17.60 9.13 -0.40
CA SER A 56 -18.91 8.86 0.17
C SER A 56 -19.95 8.79 -0.94
N ARG A 57 -21.06 8.12 -0.64
CA ARG A 57 -22.19 8.09 -1.55
C ARG A 57 -22.73 9.49 -1.82
N GLY A 58 -22.91 10.28 -0.74
CA GLY A 58 -23.55 11.58 -0.87
C GLY A 58 -22.93 12.47 -1.93
N THR A 59 -21.62 12.30 -2.18
CA THR A 59 -20.95 13.06 -3.24
C THR A 59 -21.76 13.00 -4.52
N ALA A 60 -22.07 11.78 -5.00
CA ALA A 60 -22.85 11.63 -6.22
C ALA A 60 -24.15 12.43 -6.14
N LYS A 61 -24.84 12.35 -5.00
CA LYS A 61 -26.01 13.18 -4.74
C LYS A 61 -25.75 14.62 -5.15
N LEU A 62 -24.77 15.25 -4.52
CA LEU A 62 -24.48 16.65 -4.83
C LEU A 62 -24.20 16.83 -6.32
N ARG A 63 -23.43 15.91 -6.90
CA ARG A 63 -23.09 16.01 -8.32
C ARG A 63 -24.35 16.18 -9.16
N TRP A 64 -25.40 15.41 -8.84
CA TRP A 64 -26.67 15.56 -9.53
C TRP A 64 -27.14 17.01 -9.48
N PHE A 65 -27.35 17.52 -8.25
CA PHE A 65 -27.76 18.91 -8.06
C PHE A 65 -26.89 19.87 -8.84
N HIS A 66 -25.61 19.54 -9.01
CA HIS A 66 -24.70 20.45 -9.68
C HIS A 66 -24.95 20.48 -11.18
N GLU A 67 -25.04 19.32 -11.82
CA GLU A 67 -24.98 19.27 -13.28
C GLU A 67 -26.34 19.41 -13.95
N ARG A 68 -27.38 19.82 -13.20
CA ARG A 68 -28.65 20.20 -13.81
C ARG A 68 -29.17 21.51 -13.25
N GLY A 69 -28.26 22.37 -12.78
CA GLY A 69 -28.61 23.73 -12.44
C GLY A 69 -29.29 23.94 -11.10
N TYR A 70 -29.62 22.87 -10.37
CA TYR A 70 -30.32 23.04 -9.09
C TYR A 70 -29.45 23.77 -8.08
N VAL A 71 -28.14 23.65 -8.19
CA VAL A 71 -27.22 24.43 -7.37
C VAL A 71 -25.95 24.70 -8.17
N LYS A 72 -25.46 25.92 -8.08
CA LYS A 72 -24.15 26.28 -8.62
C LYS A 72 -23.12 26.29 -7.50
N LEU A 73 -21.93 25.79 -7.79
CA LEU A 73 -20.83 25.74 -6.83
C LEU A 73 -19.84 26.82 -7.22
N GLU A 74 -19.80 27.90 -6.45
CA GLU A 74 -19.06 29.10 -6.82
C GLU A 74 -18.32 29.67 -5.62
N GLY A 75 -17.05 30.01 -5.82
CA GLY A 75 -16.35 30.85 -4.86
C GLY A 75 -16.05 30.13 -3.56
N ARG A 76 -16.41 30.80 -2.46
CA ARG A 76 -16.14 30.30 -1.12
C ARG A 76 -17.24 29.32 -0.72
N VAL A 77 -16.86 28.07 -0.48
CA VAL A 77 -17.81 27.02 -0.10
C VAL A 77 -17.66 26.74 1.38
N ILE A 78 -18.78 26.65 2.08
CA ILE A 78 -18.83 26.27 3.49
C ILE A 78 -19.71 25.03 3.61
N ASP A 79 -19.18 23.98 4.21
CA ASP A 79 -19.88 22.70 4.33
C ASP A 79 -20.13 22.42 5.81
N LEU A 80 -21.37 22.56 6.24
CA LEU A 80 -21.77 22.29 7.61
C LEU A 80 -22.11 20.82 7.73
N GLY A 81 -21.31 20.08 8.50
CA GLY A 81 -21.49 18.65 8.61
C GLY A 81 -20.83 17.91 7.46
N CYS A 82 -19.54 18.17 7.25
CA CYS A 82 -18.86 17.60 6.08
C CYS A 82 -18.66 16.10 6.19
N GLY A 83 -18.64 15.56 7.40
CA GLY A 83 -18.46 14.12 7.55
C GLY A 83 -17.12 13.67 7.01
N ARG A 84 -17.15 12.67 6.13
CA ARG A 84 -15.92 12.22 5.49
C ARG A 84 -15.33 13.32 4.60
N GLY A 85 -16.18 14.16 4.03
CA GLY A 85 -15.74 15.29 3.23
C GLY A 85 -16.05 15.23 1.75
N GLY A 86 -16.96 14.36 1.32
CA GLY A 86 -17.20 14.17 -0.11
C GLY A 86 -17.65 15.45 -0.81
N TRP A 87 -18.56 16.20 -0.18
CA TRP A 87 -19.03 17.44 -0.80
C TRP A 87 -17.91 18.46 -0.91
N CYS A 88 -17.02 18.50 0.08
CA CYS A 88 -15.88 19.42 0.03
C CYS A 88 -14.95 19.07 -1.13
N TYR A 89 -14.70 17.77 -1.34
CA TYR A 89 -13.81 17.37 -2.43
C TYR A 89 -14.44 17.63 -3.78
N TYR A 90 -15.71 17.26 -3.94
CA TYR A 90 -16.41 17.52 -5.20
C TYR A 90 -16.43 19.01 -5.52
N ALA A 91 -16.74 19.84 -4.52
CA ALA A 91 -16.73 21.29 -4.74
C ALA A 91 -15.33 21.79 -5.06
N ALA A 92 -14.31 21.26 -4.37
CA ALA A 92 -12.94 21.71 -4.59
C ALA A 92 -12.40 21.30 -5.95
N ALA A 93 -12.98 20.27 -6.57
CA ALA A 93 -12.54 19.87 -7.91
C ALA A 93 -13.13 20.74 -9.01
N GLN A 94 -13.93 21.74 -8.68
CA GLN A 94 -14.61 22.57 -9.66
C GLN A 94 -13.89 23.89 -9.84
N LYS A 95 -13.69 24.29 -11.10
CA LYS A 95 -12.96 25.51 -11.41
C LYS A 95 -13.61 26.74 -10.77
N GLU A 96 -14.94 26.76 -10.72
CA GLU A 96 -15.67 27.93 -10.22
C GLU A 96 -15.54 28.12 -8.72
N VAL A 97 -14.76 27.30 -8.03
CA VAL A 97 -14.65 27.33 -6.57
C VAL A 97 -13.27 27.81 -6.20
N SER A 98 -13.19 28.73 -5.24
CA SER A 98 -11.93 29.31 -4.80
C SER A 98 -11.45 28.81 -3.45
N GLY A 99 -12.37 28.33 -2.60
CA GLY A 99 -11.99 27.81 -1.30
C GLY A 99 -13.11 27.03 -0.64
N VAL A 100 -12.76 26.10 0.24
CA VAL A 100 -13.74 25.25 0.91
C VAL A 100 -13.37 25.13 2.37
N LYS A 101 -14.32 25.45 3.25
CA LYS A 101 -14.18 25.22 4.69
C LYS A 101 -15.18 24.15 5.11
N GLY A 102 -14.66 23.06 5.67
CA GLY A 102 -15.50 21.94 6.10
C GLY A 102 -15.45 21.77 7.61
N PHE A 103 -16.64 21.58 8.19
CA PHE A 103 -16.79 21.34 9.62
C PHE A 103 -17.62 20.08 9.82
N THR A 104 -17.28 19.31 10.86
CA THR A 104 -18.03 18.12 11.19
C THR A 104 -17.76 17.76 12.65
N LEU A 105 -18.69 17.00 13.23
CA LEU A 105 -18.46 16.41 14.54
C LEU A 105 -17.37 15.35 14.48
N GLY A 106 -17.56 14.36 13.61
CA GLY A 106 -16.58 13.30 13.38
C GLY A 106 -16.08 12.64 14.64
N ARG A 107 -16.94 12.57 15.65
CA ARG A 107 -16.59 11.98 16.93
C ARG A 107 -17.75 11.14 17.44
N ASP A 108 -17.42 10.16 18.27
CA ASP A 108 -18.40 9.33 18.98
C ASP A 108 -19.26 8.53 17.98
N GLY A 109 -18.60 7.82 17.09
CA GLY A 109 -19.28 6.93 16.17
C GLY A 109 -19.41 7.48 14.76
N HIS A 110 -19.67 8.78 14.64
CA HIS A 110 -19.84 9.40 13.34
C HIS A 110 -18.55 9.29 12.52
N GLU A 111 -18.71 9.44 11.21
CA GLU A 111 -17.58 9.36 10.29
C GLU A 111 -16.71 10.60 10.39
N LYS A 112 -15.41 10.33 10.47
CA LYS A 112 -14.35 11.36 10.63
C LYS A 112 -13.83 11.74 9.25
N PRO A 113 -13.33 12.97 9.06
CA PRO A 113 -12.86 13.46 7.76
C PRO A 113 -11.77 12.57 7.18
N MET A 114 -11.67 12.60 5.85
CA MET A 114 -10.75 11.75 5.11
C MET A 114 -9.80 12.62 4.31
N ASN A 115 -8.51 12.30 4.36
CA ASN A 115 -7.47 13.03 3.65
C ASN A 115 -7.10 12.24 2.40
N VAL A 116 -7.46 12.77 1.23
CA VAL A 116 -7.16 12.14 -0.05
C VAL A 116 -6.64 13.18 -1.03
N GLN A 117 -6.04 12.69 -2.11
CA GLN A 117 -5.35 13.53 -3.09
C GLN A 117 -6.26 14.07 -4.19
N SER A 118 -7.58 13.99 -4.02
CA SER A 118 -8.50 14.46 -5.05
C SER A 118 -8.23 15.93 -5.36
N LEU A 119 -8.56 16.32 -6.59
CA LEU A 119 -8.18 17.64 -7.10
C LEU A 119 -8.73 18.75 -6.22
N GLY A 120 -7.88 19.70 -5.88
CA GLY A 120 -8.28 20.79 -5.02
C GLY A 120 -8.22 20.48 -3.54
N TRP A 121 -7.54 19.41 -3.14
CA TRP A 121 -7.49 19.05 -1.72
C TRP A 121 -6.85 20.15 -0.88
N ASN A 122 -5.95 20.93 -1.46
CA ASN A 122 -5.22 21.95 -0.72
C ASN A 122 -6.04 23.20 -0.43
N ILE A 123 -7.20 23.37 -1.07
CA ILE A 123 -8.06 24.52 -0.83
C ILE A 123 -9.17 24.19 0.17
N ILE A 124 -9.15 23.00 0.77
CA ILE A 124 -10.13 22.59 1.76
C ILE A 124 -9.51 22.70 3.14
N THR A 125 -10.30 23.12 4.13
CA THR A 125 -9.84 23.23 5.51
C THR A 125 -10.87 22.55 6.40
N PHE A 126 -10.53 21.36 6.90
CA PHE A 126 -11.41 20.60 7.78
C PHE A 126 -11.17 20.95 9.24
N LYS A 127 -12.24 20.95 10.03
CA LYS A 127 -12.15 21.17 11.47
C LYS A 127 -13.17 20.26 12.16
N ASP A 128 -12.69 19.17 12.74
CA ASP A 128 -13.54 18.22 13.43
C ASP A 128 -13.78 18.68 14.86
N LYS A 129 -14.59 17.89 15.60
CA LYS A 129 -14.97 18.21 16.98
C LYS A 129 -15.55 19.62 17.08
N THR A 130 -16.39 19.99 16.11
CA THR A 130 -17.00 21.31 16.05
C THR A 130 -18.52 21.16 16.03
N ASP A 131 -19.19 21.94 16.89
CA ASP A 131 -20.64 21.99 16.92
C ASP A 131 -21.09 23.15 16.04
N ILE A 132 -21.76 22.81 14.93
CA ILE A 132 -22.16 23.83 13.96
C ILE A 132 -23.24 24.76 14.50
N HIS A 133 -24.02 24.31 15.48
CA HIS A 133 -25.10 25.14 16.02
C HIS A 133 -24.59 26.34 16.81
N ARG A 134 -23.33 26.31 17.25
CA ARG A 134 -22.74 27.48 17.91
C ARG A 134 -21.74 28.24 17.04
N LEU A 135 -21.36 27.71 15.89
CA LEU A 135 -20.37 28.37 15.06
C LEU A 135 -20.96 29.63 14.44
N GLU A 136 -20.34 30.77 14.69
CA GLU A 136 -20.84 32.04 14.16
C GLU A 136 -20.76 32.04 12.64
N PRO A 137 -21.85 32.36 11.95
CA PRO A 137 -21.84 32.35 10.47
C PRO A 137 -20.80 33.30 9.91
N VAL A 138 -20.18 32.88 8.81
CA VAL A 138 -19.23 33.70 8.07
C VAL A 138 -19.82 33.95 6.68
N LYS A 139 -19.34 35.00 6.03
CA LYS A 139 -19.79 35.31 4.68
C LYS A 139 -19.14 34.35 3.69
N CYS A 140 -19.94 33.81 2.77
CA CYS A 140 -19.46 32.91 1.74
C CYS A 140 -20.29 33.11 0.47
N ASP A 141 -20.02 32.28 -0.53
CA ASP A 141 -20.76 32.32 -1.78
C ASP A 141 -21.49 31.02 -2.09
N THR A 142 -21.18 29.93 -1.39
CA THR A 142 -21.85 28.66 -1.57
C THR A 142 -21.98 27.97 -0.22
N LEU A 143 -23.20 27.77 0.24
CA LEU A 143 -23.48 27.21 1.55
C LEU A 143 -24.09 25.82 1.38
N LEU A 144 -23.37 24.80 1.84
CA LEU A 144 -23.82 23.42 1.82
C LEU A 144 -24.04 22.91 3.23
N CYS A 145 -25.09 22.11 3.41
CA CYS A 145 -25.36 21.47 4.69
C CYS A 145 -26.07 20.14 4.42
N ASP A 146 -25.56 19.07 5.02
CA ASP A 146 -26.11 17.73 4.83
C ASP A 146 -26.30 17.04 6.17
N ILE A 147 -26.85 17.75 7.14
CA ILE A 147 -26.98 17.25 8.51
C ILE A 147 -28.40 16.74 8.73
N GLY A 148 -28.53 15.70 9.52
CA GLY A 148 -29.82 15.14 9.90
C GLY A 148 -29.78 13.64 10.06
N GLU A 149 -30.26 13.15 11.20
CA GLU A 149 -30.18 11.74 11.57
C GLU A 149 -31.55 11.10 11.43
N SER A 150 -31.59 9.94 10.75
CA SER A 150 -32.84 9.23 10.57
C SER A 150 -33.30 8.63 11.89
N SER A 151 -34.49 9.02 12.34
CA SER A 151 -35.11 8.46 13.54
C SER A 151 -36.38 7.73 13.14
N SER A 152 -36.96 7.03 14.12
CA SER A 152 -38.23 6.32 13.89
C SER A 152 -39.44 7.17 14.21
N SER A 153 -39.30 8.19 15.05
CA SER A 153 -40.38 9.12 15.34
C SER A 153 -40.30 10.32 14.41
N SER A 154 -41.40 10.60 13.71
CA SER A 154 -41.45 11.77 12.86
C SER A 154 -41.35 13.07 13.65
N VAL A 155 -41.70 13.03 14.94
CA VAL A 155 -41.52 14.20 15.79
C VAL A 155 -40.03 14.51 15.95
N THR A 156 -39.22 13.46 16.17
CA THR A 156 -37.77 13.66 16.28
C THR A 156 -37.22 14.26 15.00
N GLU A 157 -37.61 13.71 13.86
CA GLU A 157 -37.18 14.25 12.57
C GLU A 157 -37.61 15.70 12.40
N GLY A 158 -38.81 16.04 12.86
CA GLY A 158 -39.28 17.42 12.76
C GLY A 158 -38.49 18.37 13.63
N GLU A 159 -38.20 17.97 14.87
CA GLU A 159 -37.47 18.85 15.78
C GLU A 159 -36.02 19.03 15.32
N ARG A 160 -35.36 17.93 14.96
CA ARG A 160 -34.01 18.03 14.41
C ARG A 160 -34.00 18.88 13.14
N THR A 161 -35.01 18.71 12.29
CA THR A 161 -35.06 19.45 11.04
C THR A 161 -35.26 20.94 11.26
N VAL A 162 -36.16 21.32 12.18
CA VAL A 162 -36.36 22.75 12.43
C VAL A 162 -35.16 23.34 13.15
N ARG A 163 -34.43 22.53 13.93
CA ARG A 163 -33.18 23.02 14.50
C ARG A 163 -32.16 23.30 13.41
N VAL A 164 -31.98 22.34 12.49
CA VAL A 164 -31.05 22.52 11.38
C VAL A 164 -31.41 23.75 10.57
N LEU A 165 -32.68 23.85 10.14
CA LEU A 165 -33.09 25.00 9.35
C LEU A 165 -32.94 26.31 10.11
N ASP A 166 -33.17 26.29 11.43
CA ASP A 166 -32.98 27.49 12.23
C ASP A 166 -31.52 27.93 12.26
N THR A 167 -30.60 26.98 12.45
CA THR A 167 -29.18 27.33 12.43
C THR A 167 -28.76 27.81 11.05
N VAL A 168 -29.22 27.13 10.00
CA VAL A 168 -28.89 27.49 8.62
C VAL A 168 -29.40 28.88 8.29
N GLU A 169 -30.54 29.28 8.86
CA GLU A 169 -31.07 30.61 8.62
C GLU A 169 -30.06 31.70 8.99
N LYS A 170 -29.34 31.50 10.10
CA LYS A 170 -28.30 32.45 10.49
C LYS A 170 -27.24 32.57 9.41
N TRP A 171 -26.80 31.43 8.86
CA TRP A 171 -25.78 31.46 7.81
C TRP A 171 -26.30 32.07 6.52
N LEU A 172 -27.60 31.93 6.23
CA LEU A 172 -28.16 32.53 5.04
C LEU A 172 -28.32 34.04 5.17
N ALA A 173 -28.59 34.51 6.40
CA ALA A 173 -28.66 35.95 6.65
C ALA A 173 -27.42 36.68 6.15
N CYS A 174 -26.25 36.03 6.22
CA CYS A 174 -25.01 36.64 5.78
C CYS A 174 -24.96 36.94 4.29
N GLY A 175 -25.92 36.45 3.50
CA GLY A 175 -25.95 36.82 2.10
C GLY A 175 -25.19 35.87 1.18
N VAL A 176 -25.72 34.66 0.99
CA VAL A 176 -25.08 33.65 0.15
C VAL A 176 -25.80 33.58 -1.19
N ASP A 177 -25.04 33.28 -2.24
CA ASP A 177 -25.60 33.20 -3.57
C ASP A 177 -26.25 31.85 -3.85
N ASN A 178 -25.61 30.76 -3.42
CA ASN A 178 -26.11 29.41 -3.68
C ASN A 178 -26.06 28.61 -2.39
N PHE A 179 -26.94 27.60 -2.31
CA PHE A 179 -27.00 26.77 -1.12
C PHE A 179 -27.65 25.43 -1.46
N CYS A 180 -27.36 24.44 -0.62
CA CYS A 180 -27.99 23.12 -0.70
C CYS A 180 -28.06 22.60 0.72
N VAL A 181 -29.27 22.62 1.30
CA VAL A 181 -29.46 22.33 2.72
C VAL A 181 -30.36 21.12 2.85
N LYS A 182 -29.93 20.15 3.66
CA LYS A 182 -30.66 18.89 3.82
C LYS A 182 -31.88 19.13 4.70
N VAL A 183 -33.06 19.07 4.10
CA VAL A 183 -34.32 19.04 4.83
C VAL A 183 -34.68 17.58 5.04
N LEU A 184 -34.54 17.10 6.28
CA LEU A 184 -34.72 15.68 6.55
C LEU A 184 -36.19 15.28 6.50
N ALA A 185 -37.05 15.99 7.23
CA ALA A 185 -38.48 15.71 7.28
C ALA A 185 -39.25 16.93 6.78
N PRO A 186 -39.35 17.11 5.46
CA PRO A 186 -40.08 18.26 4.92
C PRO A 186 -41.60 18.10 4.95
N TYR A 187 -42.11 16.96 5.41
CA TYR A 187 -43.55 16.73 5.46
C TYR A 187 -44.18 17.22 6.76
N MET A 188 -43.38 17.63 7.73
CA MET A 188 -43.94 18.10 9.00
C MET A 188 -44.44 19.53 8.84
N PRO A 189 -45.55 19.89 9.48
CA PRO A 189 -46.12 21.24 9.28
C PRO A 189 -45.18 22.36 9.69
N ASP A 190 -44.55 22.27 10.86
CA ASP A 190 -43.61 23.29 11.28
C ASP A 190 -42.47 23.43 10.28
N VAL A 191 -41.98 22.30 9.77
CA VAL A 191 -40.92 22.34 8.76
C VAL A 191 -41.43 23.02 7.50
N LEU A 192 -42.69 22.79 7.16
CA LEU A 192 -43.27 23.43 5.98
C LEU A 192 -43.35 24.94 6.15
N GLU A 193 -43.76 25.39 7.34
CA GLU A 193 -43.84 26.84 7.59
C GLU A 193 -42.45 27.48 7.55
N LYS A 194 -41.50 26.91 8.30
CA LYS A 194 -40.13 27.45 8.28
C LYS A 194 -39.56 27.48 6.86
N LEU A 195 -39.75 26.39 6.12
CA LEU A 195 -39.32 26.33 4.73
C LEU A 195 -39.97 27.42 3.90
N GLU A 196 -41.26 27.67 4.12
CA GLU A 196 -41.97 28.69 3.35
C GLU A 196 -41.41 30.07 3.65
N LEU A 197 -41.10 30.35 4.92
CA LEU A 197 -40.45 31.61 5.27
C LEU A 197 -39.11 31.73 4.58
N LEU A 198 -38.32 30.65 4.57
CA LEU A 198 -37.05 30.64 3.85
C LEU A 198 -37.27 30.92 2.37
N GLN A 199 -38.38 30.44 1.80
CA GLN A 199 -38.67 30.67 0.39
C GLN A 199 -38.99 32.14 0.13
N ARG A 200 -39.69 32.79 1.05
CA ARG A 200 -39.96 34.22 0.88
C ARG A 200 -38.71 35.07 1.10
N ARG A 201 -37.85 34.65 2.04
CA ARG A 201 -36.71 35.45 2.44
C ARG A 201 -35.48 35.26 1.56
N PHE A 202 -35.33 34.08 0.96
CA PHE A 202 -34.10 33.75 0.23
C PHE A 202 -34.33 33.16 -1.15
N GLY A 203 -35.52 32.68 -1.46
CA GLY A 203 -35.75 32.01 -2.74
C GLY A 203 -35.56 30.51 -2.59
N GLY A 204 -35.29 29.88 -3.73
CA GLY A 204 -35.04 28.45 -3.75
C GLY A 204 -36.29 27.64 -3.47
N THR A 205 -36.09 26.33 -3.38
CA THR A 205 -37.19 25.41 -3.08
C THR A 205 -36.59 24.08 -2.64
N VAL A 206 -37.47 23.11 -2.38
CA VAL A 206 -37.05 21.77 -1.99
C VAL A 206 -37.10 20.86 -3.21
N ILE A 207 -36.11 19.98 -3.33
CA ILE A 207 -36.00 19.07 -4.45
C ILE A 207 -35.68 17.69 -3.92
N ARG A 208 -36.50 16.71 -4.29
CA ARG A 208 -36.20 15.32 -3.98
C ARG A 208 -35.05 14.83 -4.86
N ASN A 209 -34.05 14.22 -4.24
CA ASN A 209 -32.91 13.70 -4.99
C ASN A 209 -33.18 12.25 -5.38
N PRO A 210 -33.14 11.90 -6.67
CA PRO A 210 -33.40 10.51 -7.07
C PRO A 210 -32.33 9.54 -6.61
N LEU A 211 -31.20 10.03 -6.10
CA LEU A 211 -30.19 9.18 -5.51
C LEU A 211 -30.47 8.87 -4.04
N SER A 212 -31.40 9.59 -3.43
CA SER A 212 -31.80 9.30 -2.05
C SER A 212 -32.56 7.98 -2.01
N ARG A 213 -32.21 7.12 -1.06
CA ARG A 213 -32.94 5.87 -0.87
C ARG A 213 -34.37 6.17 -0.41
N ASN A 214 -35.30 5.31 -0.83
CA ASN A 214 -36.69 5.49 -0.45
C ASN A 214 -36.91 5.31 1.05
N SER A 215 -35.90 4.87 1.79
CA SER A 215 -36.01 4.71 3.24
C SER A 215 -35.97 6.03 3.99
N THR A 216 -35.73 7.15 3.30
CA THR A 216 -35.74 8.46 3.92
C THR A 216 -36.59 9.41 3.08
N HIS A 217 -37.28 10.32 3.77
CA HIS A 217 -38.14 11.31 3.14
C HIS A 217 -37.42 12.62 2.87
N GLU A 218 -36.08 12.60 2.80
CA GLU A 218 -35.31 13.83 2.75
C GLU A 218 -35.45 14.51 1.38
N MET A 219 -35.54 15.83 1.41
CA MET A 219 -35.44 16.66 0.23
C MET A 219 -34.41 17.74 0.51
N TYR A 220 -34.03 18.51 -0.51
CA TYR A 220 -32.94 19.45 -0.38
C TYR A 220 -33.38 20.85 -0.79
N TYR A 221 -33.25 21.79 0.14
CA TYR A 221 -33.45 23.21 -0.12
C TYR A 221 -32.29 23.72 -0.97
N VAL A 222 -32.54 23.89 -2.27
CA VAL A 222 -31.54 24.38 -3.20
C VAL A 222 -31.99 25.74 -3.72
N SER A 223 -31.03 26.48 -4.27
CA SER A 223 -31.22 27.86 -4.70
C SER A 223 -31.50 28.02 -6.19
N GLY A 224 -31.45 26.94 -6.97
CA GLY A 224 -31.54 27.09 -8.40
C GLY A 224 -32.89 26.79 -9.01
N ALA A 225 -33.95 26.84 -8.20
CA ALA A 225 -35.31 26.61 -8.69
C ALA A 225 -36.30 27.09 -7.65
N ARG A 226 -37.53 27.31 -8.10
CA ARG A 226 -38.65 27.65 -7.22
C ARG A 226 -39.86 26.80 -7.57
N SER A 227 -40.71 26.59 -6.58
CA SER A 227 -41.94 25.82 -6.73
C SER A 227 -42.77 25.99 -5.46
N ASN A 228 -43.95 25.40 -5.46
CA ASN A 228 -44.81 25.42 -4.28
C ASN A 228 -44.35 24.33 -3.32
N VAL A 229 -43.89 24.73 -2.14
CA VAL A 229 -43.30 23.79 -1.19
C VAL A 229 -44.27 22.66 -0.86
N THR A 230 -45.45 23.01 -0.35
CA THR A 230 -46.43 22.01 0.05
C THR A 230 -46.78 21.07 -1.11
N PHE A 231 -46.96 21.63 -2.31
CA PHE A 231 -47.37 20.82 -3.46
C PHE A 231 -46.33 19.76 -3.80
N THR A 232 -45.08 20.19 -4.03
CA THR A 232 -44.06 19.23 -4.45
C THR A 232 -43.66 18.29 -3.32
N VAL A 233 -43.75 18.75 -2.07
CA VAL A 233 -43.47 17.85 -0.94
C VAL A 233 -44.52 16.76 -0.87
N ASN A 234 -45.80 17.12 -1.03
CA ASN A 234 -46.84 16.11 -1.00
C ASN A 234 -46.79 15.23 -2.23
N GLN A 235 -46.27 15.74 -3.35
CA GLN A 235 -46.05 14.90 -4.53
C GLN A 235 -44.94 13.88 -4.27
N THR A 236 -43.88 14.30 -3.58
CA THR A 236 -42.81 13.37 -3.25
C THR A 236 -43.29 12.32 -2.25
N SER A 237 -44.13 12.72 -1.30
CA SER A 237 -44.78 11.75 -0.42
C SER A 237 -45.61 10.77 -1.23
N ARG A 238 -46.39 11.28 -2.19
CA ARG A 238 -47.19 10.43 -3.06
C ARG A 238 -46.31 9.41 -3.76
N LEU A 239 -45.18 9.85 -4.34
CA LEU A 239 -44.29 8.94 -5.03
C LEU A 239 -43.73 7.88 -4.09
N LEU A 240 -43.34 8.30 -2.87
CA LEU A 240 -42.80 7.33 -1.91
C LEU A 240 -43.85 6.28 -1.53
N MET A 241 -45.11 6.69 -1.45
CA MET A 241 -46.17 5.73 -1.12
C MET A 241 -46.44 4.79 -2.28
N ARG A 242 -46.60 5.34 -3.49
CA ARG A 242 -46.75 4.51 -4.69
C ARG A 242 -45.58 3.54 -4.85
N ARG A 243 -44.39 3.92 -4.38
CA ARG A 243 -43.26 3.01 -4.44
C ARG A 243 -43.31 1.97 -3.32
N MET A 244 -43.87 2.32 -2.17
CA MET A 244 -44.06 1.31 -1.12
C MET A 244 -45.10 0.28 -1.51
N ARG A 245 -46.13 0.69 -2.25
CA ARG A 245 -47.15 -0.25 -2.69
C ARG A 245 -46.69 -1.14 -3.85
N ARG A 246 -45.69 -0.69 -4.62
CA ARG A 246 -45.11 -1.47 -5.71
C ARG A 246 -43.64 -1.73 -5.38
N PRO A 247 -43.36 -2.70 -4.50
CA PRO A 247 -41.97 -2.96 -4.04
C PRO A 247 -41.14 -3.86 -4.95
N THR A 248 -40.58 -3.27 -6.00
CA THR A 248 -39.82 -4.03 -6.99
C THR A 248 -38.32 -4.03 -6.73
N GLY A 249 -37.79 -3.01 -6.05
CA GLY A 249 -36.37 -2.94 -5.75
C GLY A 249 -35.46 -2.85 -6.95
N LYS A 250 -36.03 -2.62 -8.13
CA LYS A 250 -35.25 -2.45 -9.34
C LYS A 250 -34.67 -1.05 -9.39
N VAL A 251 -33.37 -0.95 -9.61
CA VAL A 251 -32.64 0.30 -9.47
C VAL A 251 -32.30 0.87 -10.83
N THR A 252 -32.30 2.20 -10.92
CA THR A 252 -31.80 2.90 -12.09
C THR A 252 -30.32 3.20 -11.90
N LEU A 253 -29.55 3.05 -12.98
CA LEU A 253 -28.10 3.01 -12.90
C LEU A 253 -27.46 4.35 -13.25
N GLU A 254 -26.43 4.72 -12.49
CA GLU A 254 -25.60 5.89 -12.74
C GLU A 254 -24.20 5.62 -12.22
N ALA A 255 -23.20 6.15 -12.93
CA ALA A 255 -21.80 5.85 -12.64
C ALA A 255 -21.31 6.59 -11.40
N ASP A 256 -20.49 5.89 -10.60
CA ASP A 256 -19.88 6.49 -9.42
C ASP A 256 -18.93 7.62 -9.82
N VAL A 257 -18.49 8.38 -8.83
CA VAL A 257 -17.71 9.59 -9.04
C VAL A 257 -16.23 9.25 -8.95
N ILE A 258 -15.49 9.56 -10.02
CA ILE A 258 -14.04 9.50 -10.04
C ILE A 258 -13.53 10.89 -10.37
N LEU A 259 -12.80 11.49 -9.44
CA LEU A 259 -12.28 12.82 -9.64
C LEU A 259 -10.79 12.76 -9.94
N PRO A 260 -10.24 13.79 -10.59
CA PRO A 260 -8.80 13.80 -10.83
C PRO A 260 -8.02 14.12 -9.56
N ILE A 261 -6.70 14.03 -9.67
CA ILE A 261 -5.82 14.22 -8.53
C ILE A 261 -4.92 15.43 -8.80
N GLY A 262 -4.35 15.96 -7.72
CA GLY A 262 -3.39 17.04 -7.80
C GLY A 262 -3.82 18.24 -6.99
N THR A 263 -2.97 19.26 -7.04
CA THR A 263 -3.19 20.52 -6.34
C THR A 263 -3.75 21.56 -7.30
N ARG A 264 -4.22 22.67 -6.74
CA ARG A 264 -4.73 23.78 -7.51
C ARG A 264 -4.00 25.06 -7.13
N SER A 265 -3.97 26.00 -8.06
CA SER A 265 -3.48 27.33 -7.75
C SER A 265 -4.44 28.03 -6.80
N VAL A 266 -3.92 29.06 -6.12
CA VAL A 266 -4.69 29.83 -5.17
C VAL A 266 -4.23 31.28 -5.24
N GLU A 267 -5.05 32.17 -4.70
CA GLU A 267 -4.65 33.56 -4.59
C GLU A 267 -3.46 33.64 -3.65
N THR A 268 -2.45 34.41 -4.03
CA THR A 268 -1.20 34.45 -3.31
C THR A 268 -1.09 35.72 -2.48
N ASP A 269 -0.28 35.62 -1.43
CA ASP A 269 0.02 36.73 -0.54
C ASP A 269 1.52 36.85 -0.37
N LYS A 270 2.23 36.86 -1.50
CA LYS A 270 3.69 36.82 -1.49
C LYS A 270 4.26 38.16 -1.03
N GLY A 271 5.36 38.09 -0.29
CA GLY A 271 6.07 39.26 0.14
C GLY A 271 7.25 39.55 -0.77
N PRO A 272 8.16 40.40 -0.32
CA PRO A 272 9.34 40.71 -1.13
C PRO A 272 10.20 39.48 -1.36
N LEU A 273 10.84 39.43 -2.53
CA LEU A 273 11.76 38.36 -2.87
C LEU A 273 12.99 38.95 -3.54
N ASP A 274 14.17 38.61 -3.04
CA ASP A 274 15.43 39.05 -3.64
C ASP A 274 15.84 37.99 -4.65
N LYS A 275 15.32 38.12 -5.87
CA LYS A 275 15.63 37.15 -6.92
C LYS A 275 17.13 37.06 -7.19
N GLU A 276 17.81 38.21 -7.17
CA GLU A 276 19.24 38.23 -7.46
C GLU A 276 20.03 37.36 -6.49
N ALA A 277 19.54 37.20 -5.26
CA ALA A 277 20.26 36.41 -4.27
C ALA A 277 20.13 34.92 -4.52
N ILE A 278 18.98 34.46 -4.99
CA ILE A 278 18.73 33.04 -5.22
C ILE A 278 18.90 32.64 -6.68
N GLU A 279 19.24 33.59 -7.56
CA GLU A 279 19.27 33.30 -8.99
C GLU A 279 20.29 32.23 -9.32
N GLU A 280 21.48 32.30 -8.73
CA GLU A 280 22.53 31.35 -9.06
C GLU A 280 22.16 29.93 -8.60
N ARG A 281 21.60 29.80 -7.40
CA ARG A 281 21.22 28.49 -6.91
C ARG A 281 20.07 27.91 -7.73
N VAL A 282 19.05 28.72 -8.01
CA VAL A 282 17.91 28.23 -8.76
C VAL A 282 18.30 27.88 -10.19
N GLU A 283 19.28 28.60 -10.75
CA GLU A 283 19.75 28.25 -12.09
C GLU A 283 20.63 27.00 -12.07
N ARG A 284 21.34 26.76 -10.96
CA ARG A 284 22.10 25.51 -10.83
C ARG A 284 21.17 24.30 -10.72
N ILE A 285 20.14 24.41 -9.87
CA ILE A 285 19.14 23.34 -9.79
C ILE A 285 18.43 23.17 -11.11
N LYS A 286 18.07 24.28 -11.76
CA LYS A 286 17.37 24.23 -13.04
C LYS A 286 18.22 23.58 -14.12
N SER A 287 19.54 23.79 -14.08
CA SER A 287 20.43 23.21 -15.08
C SER A 287 20.71 21.74 -14.80
N GLU A 288 20.80 21.35 -13.52
CA GLU A 288 21.06 19.96 -13.19
C GLU A 288 19.89 19.05 -13.53
N TYR A 289 18.67 19.60 -13.62
CA TYR A 289 17.47 18.82 -13.93
C TYR A 289 16.74 19.44 -15.10
N MET A 290 17.48 19.77 -16.16
CA MET A 290 16.87 20.35 -17.36
C MET A 290 15.84 19.43 -17.98
N THR A 291 16.02 18.12 -17.87
CA THR A 291 15.14 17.18 -18.54
C THR A 291 13.75 17.15 -17.94
N SER A 292 13.60 17.60 -16.68
CA SER A 292 12.31 17.60 -16.01
C SER A 292 11.82 18.98 -15.62
N TRP A 293 12.64 20.03 -15.77
CA TRP A 293 12.27 21.35 -15.27
C TRP A 293 11.04 21.90 -15.98
N PHE A 294 10.18 22.55 -15.21
CA PHE A 294 8.98 23.18 -15.71
C PHE A 294 8.36 24.01 -14.58
N TYR A 295 7.54 24.98 -14.97
CA TYR A 295 6.78 25.79 -14.02
C TYR A 295 5.37 25.20 -13.90
N ASP A 296 5.07 24.61 -12.75
CA ASP A 296 3.75 24.02 -12.51
C ASP A 296 2.78 25.13 -12.14
N ASN A 297 1.82 25.40 -13.01
CA ASN A 297 0.80 26.41 -12.75
C ASN A 297 -0.25 25.95 -11.74
N ASP A 298 -0.08 24.75 -11.17
CA ASP A 298 -1.00 24.23 -10.16
C ASP A 298 -0.34 24.12 -8.79
N ASN A 299 0.74 24.86 -8.55
CA ASN A 299 1.42 24.80 -7.27
C ASN A 299 0.53 25.39 -6.18
N PRO A 300 0.50 24.77 -5.00
CA PRO A 300 -0.42 25.20 -3.93
C PRO A 300 0.10 26.32 -3.03
N TYR A 301 1.27 26.89 -3.34
CA TYR A 301 1.93 27.80 -2.42
C TYR A 301 1.30 29.18 -2.50
N ARG A 302 0.79 29.66 -1.35
CA ARG A 302 0.15 30.97 -1.26
C ARG A 302 1.07 32.03 -0.67
N THR A 303 1.90 31.67 0.31
CA THR A 303 2.78 32.61 0.96
C THR A 303 4.26 32.39 0.62
N TRP A 304 4.61 31.26 0.01
CA TRP A 304 5.96 31.02 -0.46
C TRP A 304 6.06 31.36 -1.94
N HIS A 305 7.15 32.00 -2.33
CA HIS A 305 7.44 32.22 -3.74
C HIS A 305 7.82 30.89 -4.39
N TYR A 306 7.07 30.53 -5.44
CA TYR A 306 7.34 29.31 -6.19
C TYR A 306 8.14 29.65 -7.43
N CYS A 307 9.24 28.93 -7.65
CA CYS A 307 10.16 29.21 -8.73
C CYS A 307 10.15 28.18 -9.85
N GLY A 308 9.80 26.94 -9.55
CA GLY A 308 9.82 25.89 -10.57
C GLY A 308 9.92 24.53 -9.93
N SER A 309 9.75 23.50 -10.76
CA SER A 309 9.72 22.13 -10.29
C SER A 309 10.45 21.22 -11.27
N TYR A 310 10.95 20.10 -10.75
CA TYR A 310 11.44 18.99 -11.57
C TYR A 310 10.87 17.70 -11.01
N VAL A 311 11.29 16.56 -11.58
CA VAL A 311 10.67 15.28 -11.27
C VAL A 311 11.73 14.32 -10.74
N THR A 312 11.42 13.64 -9.64
CA THR A 312 12.25 12.58 -9.09
C THR A 312 11.36 11.41 -8.70
N LYS A 313 11.95 10.44 -8.00
CA LYS A 313 11.20 9.34 -7.44
C LYS A 313 10.51 9.77 -6.15
N THR A 314 9.37 9.14 -5.87
CA THR A 314 8.72 9.39 -4.59
C THR A 314 9.55 8.77 -3.47
N SER A 315 9.29 9.22 -2.24
CA SER A 315 10.03 8.75 -1.09
C SER A 315 9.10 8.70 0.11
N GLY A 316 9.63 8.23 1.23
CA GLY A 316 8.86 8.19 2.46
C GLY A 316 7.76 7.15 2.46
N SER A 317 7.21 6.88 3.62
CA SER A 317 6.11 5.93 3.76
C SER A 317 5.03 6.52 4.66
N ALA A 318 3.80 6.09 4.41
CA ALA A 318 2.67 6.44 5.25
C ALA A 318 2.31 5.32 6.21
N ALA A 319 2.97 4.18 6.07
CA ALA A 319 2.73 3.02 6.92
C ALA A 319 3.52 3.12 8.21
N SER A 320 3.01 2.47 9.25
CA SER A 320 3.70 2.37 10.53
C SER A 320 3.96 0.90 10.81
N MET A 321 5.23 0.54 10.96
CA MET A 321 5.61 -0.83 11.27
C MET A 321 5.56 -1.04 12.77
N VAL A 322 5.14 -2.23 13.17
CA VAL A 322 4.96 -2.57 14.58
C VAL A 322 6.17 -3.35 15.07
N ASN A 323 6.76 -2.90 16.18
CA ASN A 323 7.81 -3.66 16.82
C ASN A 323 7.18 -4.89 17.48
N GLY A 324 7.56 -6.08 17.00
CA GLY A 324 6.82 -7.28 17.37
C GLY A 324 6.97 -7.64 18.84
N VAL A 325 8.21 -7.69 19.33
CA VAL A 325 8.45 -8.11 20.71
C VAL A 325 7.87 -7.09 21.69
N ILE A 326 8.02 -5.79 21.41
CA ILE A 326 7.44 -4.78 22.28
C ILE A 326 5.92 -4.87 22.26
N LYS A 327 5.34 -5.07 21.08
CA LYS A 327 3.89 -5.12 20.99
C LYS A 327 3.30 -6.35 21.66
N ILE A 328 4.02 -7.47 21.62
CA ILE A 328 3.53 -8.68 22.28
C ILE A 328 3.69 -8.56 23.80
N LEU A 329 4.82 -8.02 24.25
CA LEU A 329 5.03 -7.86 25.68
C LEU A 329 4.10 -6.81 26.28
N THR A 330 3.71 -5.81 25.49
CA THR A 330 2.78 -4.76 25.92
C THR A 330 1.33 -5.07 25.56
N TYR A 331 0.93 -6.34 25.54
CA TYR A 331 -0.44 -6.67 25.16
C TYR A 331 -1.51 -6.01 26.03
N PRO A 332 -1.37 -5.86 27.35
CA PRO A 332 -2.45 -5.23 28.13
C PRO A 332 -2.86 -3.84 27.65
N TRP A 333 -2.05 -3.19 26.81
CA TRP A 333 -2.36 -1.87 26.30
C TRP A 333 -3.00 -1.90 24.92
N ASP A 334 -3.27 -3.09 24.37
CA ASP A 334 -3.80 -3.20 23.02
C ASP A 334 -5.12 -2.48 22.84
N ARG A 335 -5.84 -2.18 23.92
CA ARG A 335 -7.14 -1.54 23.83
C ARG A 335 -7.11 -0.07 24.21
N ILE A 336 -5.98 0.44 24.70
CA ILE A 336 -5.85 1.87 25.01
C ILE A 336 -5.66 2.63 23.71
N GLU A 337 -6.42 3.71 23.53
CA GLU A 337 -6.30 4.50 22.31
C GLU A 337 -5.07 5.40 22.34
N GLU A 338 -4.63 5.82 23.53
CA GLU A 338 -3.49 6.71 23.63
C GLU A 338 -2.20 6.04 23.16
N VAL A 339 -2.14 4.71 23.18
CA VAL A 339 -0.98 3.97 22.69
C VAL A 339 -1.20 3.47 21.27
N THR A 340 -2.39 2.95 20.96
CA THR A 340 -2.64 2.42 19.63
C THR A 340 -2.68 3.52 18.58
N ARG A 341 -3.12 4.72 18.95
CA ARG A 341 -3.13 5.83 18.02
C ARG A 341 -1.72 6.34 17.71
N MET A 342 -0.71 5.85 18.42
CA MET A 342 0.65 6.27 18.12
C MET A 342 1.16 5.51 16.90
N ALA A 343 1.79 6.22 15.98
CA ALA A 343 2.21 5.65 14.72
C ALA A 343 3.31 6.54 14.14
N MET A 344 3.89 6.06 13.04
CA MET A 344 4.88 6.85 12.33
C MET A 344 4.20 8.01 11.59
N THR A 345 5.02 8.99 11.21
CA THR A 345 4.53 10.17 10.51
C THR A 345 4.56 9.94 9.01
N ASP A 346 3.53 10.43 8.32
CA ASP A 346 3.41 10.29 6.88
C ASP A 346 4.48 11.13 6.20
N THR A 347 5.53 10.47 5.70
CA THR A 347 6.62 11.14 5.01
C THR A 347 6.45 11.14 3.50
N THR A 348 5.33 10.61 2.99
CA THR A 348 5.03 10.75 1.57
C THR A 348 4.89 12.23 1.21
N PRO A 349 5.17 12.59 -0.05
CA PRO A 349 5.00 13.98 -0.47
C PRO A 349 3.62 14.55 -0.19
N PHE A 350 2.61 13.67 -0.10
CA PHE A 350 1.25 14.12 0.18
C PHE A 350 1.13 14.65 1.61
N GLY A 351 1.43 13.81 2.59
CA GLY A 351 1.37 14.26 3.98
C GLY A 351 2.34 15.39 4.26
N GLN A 352 3.54 15.30 3.68
CA GLN A 352 4.47 16.43 3.70
C GLN A 352 3.78 17.72 3.22
N GLN A 353 3.07 17.63 2.10
CA GLN A 353 2.51 18.82 1.49
C GLN A 353 1.33 19.37 2.28
N ARG A 354 0.56 18.50 2.94
CA ARG A 354 -0.57 19.02 3.72
C ARG A 354 -0.11 19.54 5.08
N VAL A 355 0.97 18.99 5.64
CA VAL A 355 1.59 19.65 6.78
C VAL A 355 2.13 21.01 6.38
N PHE A 356 2.75 21.09 5.19
CA PHE A 356 3.14 22.38 4.65
C PHE A 356 1.95 23.32 4.50
N LYS A 357 0.78 22.79 4.16
CA LYS A 357 -0.40 23.63 4.02
C LYS A 357 -0.85 24.17 5.36
N GLU A 358 -1.00 23.29 6.35
CA GLU A 358 -1.55 23.72 7.65
C GLU A 358 -0.58 24.63 8.38
N LYS A 359 0.72 24.29 8.38
CA LYS A 359 1.66 24.89 9.32
C LYS A 359 2.70 25.80 8.68
N VAL A 360 3.16 25.50 7.46
CA VAL A 360 4.34 26.17 6.93
C VAL A 360 3.94 27.29 5.98
N ASP A 361 2.82 27.13 5.29
CA ASP A 361 2.36 28.11 4.31
C ASP A 361 1.54 29.22 4.92
N THR A 362 1.72 29.50 6.22
CA THR A 362 1.04 30.61 6.85
C THR A 362 1.62 31.94 6.37
N ARG A 363 0.91 33.02 6.69
CA ARG A 363 1.37 34.37 6.41
C ARG A 363 1.74 35.03 7.72
N ALA A 364 2.94 35.58 7.79
CA ALA A 364 3.47 36.12 9.03
C ALA A 364 3.09 37.58 9.19
N LYS A 365 2.80 37.97 10.43
CA LYS A 365 2.63 39.37 10.78
C LYS A 365 3.98 39.95 11.18
N ASP A 366 4.35 41.05 10.53
CA ASP A 366 5.57 41.75 10.92
C ASP A 366 5.32 42.46 12.24
N PRO A 367 6.24 42.35 13.20
CA PRO A 367 6.05 43.01 14.50
C PRO A 367 5.93 44.51 14.32
N PRO A 368 4.95 45.14 14.97
CA PRO A 368 4.79 46.59 14.88
C PRO A 368 6.04 47.33 15.34
N ALA A 369 6.04 48.65 15.11
CA ALA A 369 7.25 49.44 15.25
C ALA A 369 7.78 49.42 16.67
N GLY A 370 6.90 49.65 17.65
CA GLY A 370 7.35 49.73 19.03
C GLY A 370 7.84 48.39 19.54
N THR A 371 7.07 47.33 19.28
CA THR A 371 7.52 45.98 19.61
C THR A 371 8.88 45.68 18.96
N ARG A 372 9.08 46.14 17.73
CA ARG A 372 10.37 45.94 17.08
C ARG A 372 11.49 46.67 17.82
N LYS A 373 11.24 47.92 18.22
CA LYS A 373 12.26 48.66 18.97
C LYS A 373 12.62 47.95 20.27
N ILE A 374 11.60 47.48 20.99
CA ILE A 374 11.83 46.70 22.21
C ILE A 374 12.68 45.47 21.88
N MET A 375 12.38 44.80 20.76
CA MET A 375 13.16 43.65 20.33
C MET A 375 14.62 44.03 20.10
N LYS A 376 14.85 45.20 19.49
CA LYS A 376 16.22 45.64 19.23
C LYS A 376 16.96 45.91 20.54
N VAL A 377 16.32 46.57 21.49
CA VAL A 377 16.99 46.89 22.75
C VAL A 377 17.30 45.62 23.53
N VAL A 378 16.27 44.79 23.79
CA VAL A 378 16.46 43.57 24.56
C VAL A 378 17.45 42.64 23.86
N ASN A 379 17.38 42.59 22.54
CA ASN A 379 18.28 41.73 21.78
C ASN A 379 19.73 42.21 21.89
N ARG A 380 19.96 43.49 21.65
CA ARG A 380 21.31 44.04 21.72
C ARG A 380 21.90 43.88 23.12
N TRP A 381 21.10 44.15 24.16
CA TRP A 381 21.55 43.89 25.52
C TRP A 381 21.89 42.42 25.72
N LEU A 382 21.02 41.53 25.23
CA LEU A 382 21.22 40.09 25.45
C LEU A 382 22.52 39.62 24.80
N PHE A 383 22.80 40.09 23.58
CA PHE A 383 24.05 39.70 22.93
C PHE A 383 25.26 40.34 23.59
N ARG A 384 25.11 41.58 24.10
CA ARG A 384 26.19 42.18 24.86
C ARG A 384 26.50 41.39 26.12
N HIS A 385 25.50 40.74 26.70
CA HIS A 385 25.72 39.92 27.89
C HIS A 385 26.23 38.53 27.54
N LEU A 386 25.82 37.98 26.40
CA LEU A 386 26.29 36.65 26.00
C LEU A 386 27.74 36.70 25.55
N ALA A 387 28.20 37.84 25.05
CA ALA A 387 29.55 38.00 24.55
C ALA A 387 30.46 38.74 25.54
N ARG A 388 30.11 38.75 26.82
CA ARG A 388 30.93 39.44 27.81
C ARG A 388 32.27 38.74 27.97
N GLU A 389 32.27 37.40 27.95
CA GLU A 389 33.45 36.60 28.23
C GLU A 389 33.98 35.89 27.00
N LYS A 390 33.12 35.25 26.23
CA LYS A 390 33.52 34.52 25.05
C LYS A 390 33.76 35.46 23.86
N ASN A 391 34.50 34.95 22.88
CA ASN A 391 34.80 35.68 21.65
C ASN A 391 34.43 34.79 20.48
N PRO A 392 33.63 35.28 19.53
CA PRO A 392 33.34 34.48 18.33
C PRO A 392 34.62 34.06 17.62
N ARG A 393 34.55 32.90 16.97
CA ARG A 393 35.72 32.30 16.34
C ARG A 393 35.29 31.40 15.21
N LEU A 394 36.16 31.25 14.22
CA LEU A 394 35.93 30.29 13.16
C LEU A 394 36.18 28.87 13.67
N CYS A 395 35.39 27.94 13.15
CA CYS A 395 35.58 26.52 13.43
C CYS A 395 36.31 25.87 12.28
N THR A 396 37.09 24.84 12.59
CA THR A 396 38.08 24.31 11.68
C THR A 396 37.61 23.03 11.00
N LYS A 397 38.23 22.76 9.84
CA LYS A 397 37.99 21.51 9.12
C LYS A 397 38.23 20.28 9.99
N GLU A 398 39.24 20.35 10.87
CA GLU A 398 39.53 19.22 11.75
C GLU A 398 38.39 19.00 12.76
N GLU A 399 37.82 20.08 13.28
CA GLU A 399 36.67 19.95 14.16
C GLU A 399 35.49 19.32 13.44
N PHE A 400 35.30 19.69 12.18
CA PHE A 400 34.19 19.13 11.39
C PHE A 400 34.38 17.64 11.17
N ILE A 401 35.55 17.24 10.67
CA ILE A 401 35.81 15.82 10.42
C ILE A 401 35.65 15.00 11.69
N ALA A 402 36.12 15.54 12.82
CA ALA A 402 35.93 14.84 14.09
C ALA A 402 34.45 14.73 14.45
N LYS A 403 33.64 15.72 14.08
CA LYS A 403 32.21 15.72 14.36
C LYS A 403 31.42 14.79 13.44
N VAL A 404 32.05 14.20 12.43
CA VAL A 404 31.32 13.36 11.48
C VAL A 404 31.06 11.97 12.05
N ARG A 405 31.49 11.72 13.29
CA ARG A 405 31.15 10.47 13.96
C ARG A 405 29.63 10.33 14.09
N SER A 406 28.97 11.34 14.65
CA SER A 406 27.51 11.36 14.75
C SER A 406 27.08 12.83 14.67
N HIS A 407 26.77 13.27 13.47
CA HIS A 407 26.28 14.62 13.21
C HIS A 407 24.87 14.55 12.65
N ALA A 408 24.35 15.69 12.23
CA ALA A 408 22.97 15.77 11.76
C ALA A 408 22.85 16.89 10.73
N ALA A 409 21.62 17.12 10.30
CA ALA A 409 21.29 18.17 9.33
C ALA A 409 22.11 18.01 8.04
N ILE A 410 21.94 16.87 7.39
CA ILE A 410 22.70 16.57 6.18
C ILE A 410 22.03 15.45 5.40
N GLU A 418 27.01 13.45 -4.46
CA GLU A 418 26.71 12.15 -5.06
C GLU A 418 27.99 11.46 -5.53
N GLN A 419 29.09 12.22 -5.56
CA GLN A 419 30.38 11.64 -5.91
C GLN A 419 30.87 10.68 -4.84
N TRP A 420 30.43 10.85 -3.60
CA TRP A 420 30.75 9.97 -2.49
C TRP A 420 29.46 9.36 -1.94
N LYS A 421 29.63 8.37 -1.07
CA LYS A 421 28.50 7.64 -0.52
C LYS A 421 28.37 7.73 0.99
N THR A 422 29.41 8.20 1.69
CA THR A 422 29.33 8.45 3.12
C THR A 422 29.96 9.80 3.43
N ALA A 423 29.46 10.45 4.48
CA ALA A 423 30.05 11.71 4.93
C ALA A 423 31.53 11.55 5.23
N ASN A 424 31.91 10.46 5.90
CA ASN A 424 33.33 10.22 6.18
C ASN A 424 34.11 9.99 4.91
N GLU A 425 33.49 9.37 3.90
CA GLU A 425 34.17 9.18 2.62
C GLU A 425 34.37 10.49 1.89
N ALA A 426 33.51 11.49 2.13
CA ALA A 426 33.62 12.76 1.44
C ALA A 426 34.64 13.67 2.09
N VAL A 427 34.71 13.68 3.42
CA VAL A 427 35.64 14.55 4.12
C VAL A 427 37.08 14.05 4.02
N GLN A 428 37.30 12.87 3.44
CA GLN A 428 38.63 12.35 3.18
C GLN A 428 39.10 12.63 1.75
N ASP A 429 38.28 13.31 0.94
CA ASP A 429 38.58 13.54 -0.47
C ASP A 429 38.90 15.01 -0.67
N PRO A 430 40.11 15.36 -1.14
CA PRO A 430 40.45 16.78 -1.30
C PRO A 430 39.58 17.51 -2.31
N LYS A 431 38.97 16.82 -3.27
CA LYS A 431 38.09 17.48 -4.22
C LYS A 431 36.86 18.07 -3.53
N PHE A 432 36.36 17.37 -2.50
CA PHE A 432 35.27 17.90 -1.70
C PHE A 432 35.64 19.24 -1.09
N TRP A 433 36.81 19.31 -0.44
CA TRP A 433 37.26 20.56 0.13
C TRP A 433 37.62 21.59 -0.93
N GLU A 434 37.90 21.16 -2.16
CA GLU A 434 38.04 22.10 -3.27
C GLU A 434 36.71 22.77 -3.57
N LEU A 435 35.63 21.98 -3.64
CA LEU A 435 34.31 22.55 -3.78
C LEU A 435 33.99 23.50 -2.63
N VAL A 436 34.34 23.09 -1.41
CA VAL A 436 34.14 23.95 -0.25
C VAL A 436 34.88 25.27 -0.40
N ASP A 437 36.13 25.21 -0.86
CA ASP A 437 36.90 26.44 -1.06
C ASP A 437 36.27 27.32 -2.12
N GLU A 438 35.67 26.72 -3.14
CA GLU A 438 35.07 27.50 -4.22
C GLU A 438 33.80 28.19 -3.75
N GLU A 439 32.91 27.45 -3.08
CA GLU A 439 31.70 28.08 -2.54
C GLU A 439 32.03 29.10 -1.47
N ARG A 440 33.12 28.88 -0.71
CA ARG A 440 33.55 29.88 0.26
C ARG A 440 34.01 31.16 -0.45
N LYS A 441 34.79 31.02 -1.53
CA LYS A 441 35.15 32.19 -2.32
C LYS A 441 33.91 32.92 -2.82
N LEU A 442 32.94 32.17 -3.35
CA LEU A 442 31.69 32.77 -3.80
C LEU A 442 31.02 33.56 -2.67
N HIS A 443 30.93 32.96 -1.49
CA HIS A 443 30.35 33.65 -0.34
C HIS A 443 31.13 34.93 -0.02
N GLN A 444 32.45 34.89 -0.18
CA GLN A 444 33.25 36.08 0.07
C GLN A 444 33.00 37.16 -0.97
N GLN A 445 32.57 36.78 -2.17
CA GLN A 445 32.17 37.75 -3.18
C GLN A 445 30.70 38.15 -3.08
N GLY A 446 29.97 37.66 -2.10
CA GLY A 446 28.56 37.97 -1.99
C GLY A 446 27.67 37.14 -2.87
N ARG A 447 28.16 36.03 -3.40
CA ARG A 447 27.39 35.10 -4.19
C ARG A 447 27.23 33.77 -3.46
N CYS A 448 26.19 33.03 -3.84
CA CYS A 448 25.94 31.72 -3.25
C CYS A 448 25.29 30.84 -4.31
N ARG A 449 25.83 29.64 -4.52
CA ARG A 449 25.40 28.80 -5.62
C ARG A 449 24.94 27.41 -5.21
N THR A 450 25.43 26.86 -4.09
CA THR A 450 25.12 25.48 -3.74
C THR A 450 24.44 25.32 -2.38
N CYS A 451 24.39 26.35 -1.55
CA CYS A 451 23.81 26.23 -0.21
C CYS A 451 22.29 26.27 -0.35
N VAL A 452 21.71 25.10 -0.61
CA VAL A 452 20.27 24.95 -0.81
C VAL A 452 19.73 24.02 0.26
N TYR A 453 18.50 24.28 0.68
CA TYR A 453 17.83 23.47 1.69
C TYR A 453 17.03 22.36 1.00
N ASN A 454 17.18 21.14 1.50
CA ASN A 454 16.37 20.01 1.08
C ASN A 454 15.42 19.69 2.22
N MET A 455 14.13 19.92 2.01
CA MET A 455 13.14 19.87 3.07
C MET A 455 12.49 18.48 3.08
N MET A 456 13.20 17.53 3.66
CA MET A 456 12.71 16.15 3.71
C MET A 456 12.02 15.87 5.04
N GLY A 457 11.22 14.81 5.03
CA GLY A 457 10.36 14.51 6.15
C GLY A 457 11.09 13.76 7.25
N LYS A 458 10.64 14.02 8.47
CA LYS A 458 11.26 13.46 9.67
C LYS A 458 10.41 12.28 10.15
N ARG A 459 11.03 11.10 10.22
CA ARG A 459 10.32 9.94 10.73
C ARG A 459 10.16 10.07 12.23
N GLU A 460 9.02 10.60 12.67
CA GLU A 460 8.70 10.77 14.06
C GLU A 460 7.56 9.84 14.46
N LYS A 461 7.34 9.73 15.77
CA LYS A 461 6.25 8.97 16.33
C LYS A 461 5.23 9.95 16.88
N LYS A 462 4.08 10.06 16.20
CA LYS A 462 3.03 10.99 16.61
C LYS A 462 1.72 10.24 16.78
N LEU A 463 0.73 10.93 17.33
CA LEU A 463 -0.60 10.36 17.50
C LEU A 463 -1.38 10.47 16.19
N SER A 464 -2.01 9.37 15.78
CA SER A 464 -2.71 9.33 14.51
C SER A 464 -3.93 10.26 14.52
N GLU A 465 -4.18 10.90 13.38
CA GLU A 465 -5.34 11.77 13.21
C GLU A 465 -6.42 11.05 12.40
N PHE A 466 -7.62 11.03 12.97
CA PHE A 466 -8.77 10.44 12.25
C PHE A 466 -8.76 8.93 12.42
N GLY A 467 -7.57 8.35 12.42
CA GLY A 467 -7.45 6.89 12.48
C GLY A 467 -6.40 6.52 11.49
N LYS A 468 -5.79 7.54 10.94
CA LYS A 468 -4.68 7.37 10.00
C LYS A 468 -3.51 8.22 10.46
N ALA A 469 -2.37 8.01 9.82
CA ALA A 469 -1.13 8.61 10.28
C ALA A 469 -1.17 10.13 10.14
N LYS A 470 -0.59 10.83 11.10
CA LYS A 470 -0.48 12.28 11.04
C LYS A 470 0.71 12.65 10.16
N GLY A 471 0.56 13.77 9.44
CA GLY A 471 1.63 14.22 8.56
C GLY A 471 2.93 14.45 9.30
N SER A 472 4.01 14.54 8.54
CA SER A 472 5.36 14.57 9.08
C SER A 472 5.89 15.98 9.07
N ARG A 473 6.38 16.44 10.22
CA ARG A 473 7.17 17.66 10.26
C ARG A 473 8.39 17.50 9.36
N ALA A 474 8.89 18.62 8.86
CA ALA A 474 9.99 18.61 7.91
C ALA A 474 11.25 19.11 8.61
N ILE A 475 12.37 18.44 8.32
CA ILE A 475 13.68 18.87 8.82
C ILE A 475 14.55 19.27 7.63
N TRP A 476 15.10 20.47 7.69
CA TRP A 476 15.84 21.03 6.56
C TRP A 476 17.27 20.53 6.57
N TYR A 477 17.71 19.95 5.46
CA TYR A 477 19.09 19.55 5.28
C TYR A 477 19.79 20.47 4.29
N MET A 478 21.12 20.40 4.32
CA MET A 478 21.95 20.95 3.26
C MET A 478 23.03 19.93 2.94
N TRP A 479 23.67 20.09 1.79
CA TRP A 479 24.76 19.20 1.46
C TRP A 479 25.94 19.46 2.41
N LEU A 480 26.89 18.53 2.40
CA LEU A 480 27.95 18.54 3.41
C LEU A 480 28.72 19.86 3.42
N GLY A 481 29.00 20.41 2.23
CA GLY A 481 29.78 21.63 2.17
C GLY A 481 29.07 22.83 2.77
N ALA A 482 27.76 22.94 2.53
CA ALA A 482 27.00 24.04 3.10
C ALA A 482 26.96 23.96 4.62
N ARG A 483 26.79 22.75 5.15
CA ARG A 483 26.82 22.57 6.60
C ARG A 483 28.20 22.87 7.16
N TYR A 484 29.26 22.56 6.42
CA TYR A 484 30.59 22.94 6.88
C TYR A 484 30.74 24.46 6.90
N LEU A 485 30.26 25.15 5.87
CA LEU A 485 30.35 26.61 5.86
C LEU A 485 29.58 27.22 7.03
N GLU A 486 28.36 26.71 7.28
CA GLU A 486 27.60 27.15 8.44
C GLU A 486 28.35 26.87 9.74
N PHE A 487 28.99 25.70 9.84
CA PHE A 487 29.70 25.33 11.05
C PHE A 487 30.94 26.19 11.26
N GLU A 488 31.64 26.52 10.17
CA GLU A 488 32.80 27.40 10.24
C GLU A 488 32.40 28.81 10.65
N ALA A 489 31.27 29.29 10.11
CA ALA A 489 30.89 30.68 10.33
C ALA A 489 30.24 30.88 11.70
N LEU A 490 29.36 29.97 12.12
CA LEU A 490 28.55 30.16 13.31
C LEU A 490 28.60 28.99 14.28
N GLY A 491 29.36 27.95 13.99
CA GLY A 491 29.43 26.78 14.85
C GLY A 491 30.00 27.06 16.23
N PHE A 492 30.69 28.19 16.40
CA PHE A 492 31.23 28.55 17.72
C PHE A 492 30.13 28.69 18.75
N LEU A 493 28.91 29.02 18.31
CA LEU A 493 27.79 29.11 19.25
C LEU A 493 27.52 27.77 19.92
N ASN A 494 27.77 26.67 19.21
CA ASN A 494 27.63 25.33 19.77
C ASN A 494 28.91 24.86 20.45
N GLU A 495 30.03 24.92 19.73
CA GLU A 495 31.29 24.37 20.24
C GLU A 495 31.84 25.14 21.43
N ASP A 496 31.47 26.41 21.58
CA ASP A 496 31.94 27.20 22.72
C ASP A 496 30.85 27.44 23.75
N HIS A 497 29.73 26.71 23.64
CA HIS A 497 28.67 26.68 24.66
C HIS A 497 28.19 28.08 25.02
N TRP A 498 27.70 28.80 24.00
CA TRP A 498 27.17 30.13 24.24
C TRP A 498 25.80 30.09 24.92
N ALA A 499 25.01 29.05 24.66
CA ALA A 499 23.71 28.89 25.28
C ALA A 499 23.79 28.08 26.57
N SER A 500 24.99 27.93 27.14
CA SER A 500 25.13 27.25 28.42
C SER A 500 24.44 28.04 29.53
N ARG A 501 24.11 27.33 30.61
CA ARG A 501 23.51 28.00 31.75
C ARG A 501 24.48 28.96 32.42
N GLU A 502 25.77 28.65 32.36
CA GLU A 502 26.78 29.54 32.94
C GLU A 502 26.92 30.82 32.13
N ASN A 503 26.83 30.72 30.80
CA ASN A 503 27.02 31.87 29.93
C ASN A 503 25.73 32.65 29.68
N SER A 504 24.56 32.03 29.85
CA SER A 504 23.30 32.67 29.52
C SER A 504 22.31 32.72 30.68
N GLY A 505 22.56 32.01 31.76
CA GLY A 505 21.60 32.00 32.86
C GLY A 505 20.36 31.16 32.63
N GLY A 506 19.71 31.34 31.48
CA GLY A 506 18.50 30.61 31.18
C GLY A 506 18.70 29.40 30.29
N GLY A 507 19.88 29.30 29.68
CA GLY A 507 20.15 28.15 28.82
C GLY A 507 20.36 26.88 29.61
N VAL A 508 20.18 25.75 28.92
CA VAL A 508 20.40 24.44 29.52
C VAL A 508 21.27 23.58 28.61
N GLU A 509 22.07 24.22 27.76
CA GLU A 509 22.87 23.48 26.79
C GLU A 509 23.89 22.60 27.50
N GLY A 510 23.90 21.31 27.14
CA GLY A 510 24.83 20.35 27.68
C GLY A 510 24.23 19.42 28.72
N ILE A 511 23.19 19.87 29.42
CA ILE A 511 22.58 19.08 30.49
C ILE A 511 21.65 18.05 29.88
N GLY A 512 21.88 16.78 30.22
CA GLY A 512 21.02 15.71 29.74
C GLY A 512 19.69 15.66 30.48
N LEU A 513 18.78 14.85 29.93
CA LEU A 513 17.48 14.59 30.55
C LEU A 513 17.61 14.30 32.04
N GLN A 514 18.63 13.53 32.42
CA GLN A 514 18.83 13.14 33.81
C GLN A 514 18.76 14.33 34.75
N TYR A 515 19.64 15.31 34.53
CA TYR A 515 19.84 16.41 35.47
C TYR A 515 19.05 17.66 35.11
N LEU A 516 18.10 17.56 34.17
CA LEU A 516 17.28 18.71 33.81
C LEU A 516 16.32 19.09 34.93
N GLY A 517 15.82 18.09 35.67
CA GLY A 517 14.88 18.38 36.75
C GLY A 517 15.47 19.24 37.85
N TYR A 518 16.78 19.15 38.07
CA TYR A 518 17.41 19.96 39.11
C TYR A 518 17.29 21.45 38.78
N VAL A 519 17.23 21.80 37.50
CA VAL A 519 17.04 23.18 37.09
C VAL A 519 15.66 23.66 37.49
N ILE A 520 14.63 22.88 37.16
CA ILE A 520 13.26 23.26 37.50
C ILE A 520 13.10 23.36 39.02
N ARG A 521 13.64 22.39 39.75
CA ARG A 521 13.61 22.43 41.21
C ARG A 521 14.32 23.67 41.75
N ASP A 522 15.45 24.04 41.12
CA ASP A 522 16.15 25.25 41.53
C ASP A 522 15.29 26.49 41.30
N LEU A 523 14.60 26.55 40.17
CA LEU A 523 13.65 27.63 39.93
C LEU A 523 12.54 27.63 40.97
N ALA A 524 12.12 26.45 41.42
CA ALA A 524 11.11 26.34 42.45
C ALA A 524 11.61 26.81 43.81
N ALA A 525 12.94 26.82 44.01
CA ALA A 525 13.48 27.34 45.26
C ALA A 525 13.39 28.86 45.35
N MET A 526 13.21 29.56 44.23
CA MET A 526 13.16 31.01 44.23
C MET A 526 11.81 31.52 44.73
N ASP A 527 11.77 32.82 45.00
CA ASP A 527 10.51 33.51 45.28
C ASP A 527 9.85 33.92 43.98
N GLY A 528 8.53 34.04 44.01
CA GLY A 528 7.78 34.51 42.87
C GLY A 528 6.45 33.82 42.77
N GLY A 529 5.81 33.98 41.61
CA GLY A 529 4.52 33.37 41.34
C GLY A 529 4.65 31.94 40.88
N GLY A 530 3.64 31.48 40.13
CA GLY A 530 3.63 30.11 39.65
C GLY A 530 4.51 29.91 38.43
N PHE A 531 4.67 28.65 38.06
CA PHE A 531 5.45 28.28 36.89
C PHE A 531 4.64 28.46 35.61
N TYR A 532 5.30 28.97 34.58
CA TYR A 532 4.71 29.08 33.25
C TYR A 532 5.62 28.38 32.25
N ALA A 533 5.06 27.44 31.49
CA ALA A 533 5.78 26.73 30.44
C ALA A 533 4.85 26.67 29.24
N ASP A 534 4.92 27.70 28.39
CA ASP A 534 4.04 27.83 27.24
C ASP A 534 4.72 27.28 26.00
N ASP A 535 3.97 26.48 25.23
CA ASP A 535 4.45 25.98 23.95
C ASP A 535 4.03 26.94 22.85
N THR A 536 4.95 27.22 21.93
CA THR A 536 4.67 28.08 20.80
C THR A 536 4.14 27.24 19.65
N ALA A 537 3.06 27.70 19.03
CA ALA A 537 2.45 26.99 17.90
C ALA A 537 3.36 27.16 16.68
N GLY A 538 4.15 26.13 16.39
CA GLY A 538 5.04 26.15 15.24
C GLY A 538 6.09 27.24 15.34
N TRP A 539 7.02 27.10 16.28
CA TRP A 539 8.01 28.14 16.54
C TRP A 539 8.80 28.50 15.29
N ASP A 540 9.23 27.49 14.53
CA ASP A 540 10.07 27.75 13.36
C ASP A 540 9.32 28.54 12.30
N THR A 541 8.00 28.36 12.22
CA THR A 541 7.20 29.12 11.28
C THR A 541 6.88 30.53 11.77
N ARG A 542 7.22 30.86 13.02
CA ARG A 542 6.95 32.17 13.58
C ARG A 542 8.21 33.00 13.78
N ILE A 543 9.38 32.48 13.43
CA ILE A 543 10.61 33.26 13.48
C ILE A 543 10.53 34.34 12.39
N THR A 544 10.40 35.59 12.79
CA THR A 544 10.18 36.65 11.81
C THR A 544 11.50 37.11 11.21
N GLU A 545 11.39 37.87 10.13
CA GLU A 545 12.55 38.57 9.59
C GLU A 545 13.20 39.46 10.64
N ALA A 546 12.39 40.05 11.52
CA ALA A 546 12.93 40.84 12.63
C ALA A 546 13.77 39.97 13.55
N ASP A 547 13.32 38.75 13.85
CA ASP A 547 14.11 37.85 14.67
C ASP A 547 15.44 37.51 13.99
N LEU A 548 15.43 37.37 12.66
CA LEU A 548 16.66 37.06 11.96
C LEU A 548 17.64 38.23 12.01
N ASP A 549 17.15 39.44 11.71
CA ASP A 549 18.00 40.62 11.80
C ASP A 549 18.52 40.83 13.21
N ASP A 550 17.69 40.53 14.21
CA ASP A 550 18.12 40.60 15.60
C ASP A 550 19.24 39.60 15.86
N GLU A 551 19.09 38.37 15.38
CA GLU A 551 20.13 37.36 15.54
C GLU A 551 21.41 37.74 14.79
N GLN A 552 21.30 38.60 13.77
CA GLN A 552 22.50 39.06 13.08
C GLN A 552 23.36 40.00 13.91
N GLU A 553 23.00 40.25 15.16
CA GLU A 553 23.83 41.06 16.04
C GLU A 553 25.17 40.38 16.34
N ILE A 554 25.28 39.08 16.11
CA ILE A 554 26.56 38.40 16.34
C ILE A 554 27.62 38.92 15.36
N LEU A 555 27.18 39.36 14.17
CA LEU A 555 28.12 39.91 13.20
C LEU A 555 28.86 41.12 13.76
N ASN A 556 28.20 41.90 14.62
CA ASN A 556 28.82 43.08 15.22
C ASN A 556 29.84 42.73 16.29
N TYR A 557 30.04 41.44 16.58
CA TYR A 557 31.04 40.99 17.53
C TYR A 557 32.10 40.12 16.87
N MET A 558 32.24 40.19 15.55
CA MET A 558 33.16 39.35 14.82
C MET A 558 34.24 40.19 14.14
N SER A 559 35.33 39.52 13.78
CA SER A 559 36.35 40.12 12.94
C SER A 559 35.81 40.26 11.51
N PRO A 560 36.38 41.19 10.72
CA PRO A 560 35.92 41.33 9.33
C PRO A 560 35.93 40.04 8.53
N HIS A 561 37.03 39.28 8.61
CA HIS A 561 37.12 38.04 7.85
C HIS A 561 36.06 37.04 8.28
N HIS A 562 35.77 36.97 9.59
CA HIS A 562 34.72 36.09 10.08
C HIS A 562 33.34 36.67 9.78
N LYS A 563 33.17 37.98 10.00
CA LYS A 563 31.87 38.62 9.79
C LYS A 563 31.42 38.49 8.33
N LYS A 564 32.36 38.47 7.39
CA LYS A 564 31.98 38.31 5.99
C LYS A 564 31.35 36.94 5.75
N LEU A 565 32.02 35.87 6.20
CA LEU A 565 31.49 34.52 6.00
C LEU A 565 30.17 34.32 6.75
N ALA A 566 30.16 34.62 8.04
CA ALA A 566 28.94 34.47 8.82
C ALA A 566 27.80 35.30 8.25
N GLN A 567 28.10 36.55 7.89
CA GLN A 567 27.12 37.40 7.23
C GLN A 567 26.60 36.76 5.95
N ALA A 568 27.48 36.09 5.20
CA ALA A 568 27.05 35.40 3.98
C ALA A 568 26.06 34.29 4.31
N VAL A 569 26.34 33.50 5.35
CA VAL A 569 25.40 32.44 5.75
C VAL A 569 24.07 33.05 6.18
N MET A 570 24.12 33.97 7.15
CA MET A 570 22.90 34.54 7.72
C MET A 570 22.04 35.20 6.65
N GLU A 571 22.64 36.11 5.86
CA GLU A 571 21.86 36.80 4.83
C GLU A 571 21.46 35.86 3.70
N MET A 572 22.45 35.23 3.05
CA MET A 572 22.20 34.49 1.82
C MET A 572 21.57 33.13 2.02
N THR A 573 21.74 32.51 3.19
CA THR A 573 21.19 31.17 3.45
C THR A 573 19.99 31.17 4.37
N TYR A 574 20.00 31.97 5.44
CA TYR A 574 18.90 31.96 6.39
C TYR A 574 17.75 32.85 5.92
N LYS A 575 18.06 33.99 5.29
CA LYS A 575 17.04 34.91 4.82
C LYS A 575 16.63 34.58 3.38
N ASN A 576 17.59 34.64 2.46
CA ASN A 576 17.33 34.32 1.05
C ASN A 576 17.45 32.82 0.81
N LYS A 577 16.62 32.08 1.53
CA LYS A 577 16.61 30.62 1.46
C LYS A 577 16.28 30.14 0.05
N VAL A 578 16.74 28.93 -0.25
CA VAL A 578 16.26 28.15 -1.39
C VAL A 578 15.93 26.76 -0.86
N VAL A 579 14.66 26.38 -0.94
CA VAL A 579 14.16 25.18 -0.29
C VAL A 579 13.54 24.27 -1.35
N LYS A 580 13.82 22.97 -1.25
CA LYS A 580 13.28 21.97 -2.16
C LYS A 580 12.31 21.08 -1.38
N VAL A 581 11.05 21.04 -1.82
CA VAL A 581 10.01 20.31 -1.13
C VAL A 581 9.37 19.32 -2.09
N LEU A 582 8.97 18.16 -1.56
CA LEU A 582 8.34 17.13 -2.36
C LEU A 582 6.83 17.29 -2.38
N ARG A 583 6.25 17.15 -3.56
CA ARG A 583 4.80 17.21 -3.76
C ARG A 583 4.38 16.06 -4.66
N PRO A 584 3.27 15.40 -4.38
CA PRO A 584 2.87 14.24 -5.20
C PRO A 584 2.66 14.62 -6.65
N ALA A 585 2.98 13.67 -7.52
CA ALA A 585 2.98 13.86 -8.97
C ALA A 585 2.34 12.64 -9.61
N PRO A 586 1.88 12.76 -10.86
CA PRO A 586 1.25 11.62 -11.52
C PRO A 586 2.19 10.43 -11.62
N GLY A 587 1.61 9.25 -11.76
CA GLY A 587 2.40 8.04 -11.78
C GLY A 587 2.98 7.76 -10.40
N GLY A 588 4.15 7.13 -10.38
CA GLY A 588 4.86 6.84 -9.16
C GLY A 588 5.99 7.79 -8.86
N LYS A 589 6.10 8.89 -9.59
CA LYS A 589 7.13 9.89 -9.34
C LYS A 589 6.61 11.01 -8.45
N ALA A 590 7.46 12.00 -8.22
CA ALA A 590 7.12 13.15 -7.39
C ALA A 590 7.73 14.42 -7.97
N TYR A 591 7.07 15.54 -7.70
CA TYR A 591 7.62 16.85 -8.04
C TYR A 591 8.51 17.35 -6.92
N MET A 592 9.65 17.92 -7.30
CA MET A 592 10.51 18.67 -6.40
C MET A 592 10.34 20.14 -6.73
N ASP A 593 9.74 20.87 -5.80
CA ASP A 593 9.43 22.29 -5.94
C ASP A 593 10.51 23.12 -5.27
N VAL A 594 10.95 24.17 -5.96
CA VAL A 594 11.95 25.10 -5.45
C VAL A 594 11.20 26.36 -5.01
N ILE A 595 11.13 26.57 -3.70
CA ILE A 595 10.39 27.67 -3.12
C ILE A 595 11.30 28.45 -2.18
N SER A 596 10.89 29.68 -1.87
CA SER A 596 11.71 30.55 -1.03
C SER A 596 10.84 31.62 -0.38
N ARG A 597 11.20 31.97 0.84
CA ARG A 597 10.76 33.21 1.47
C ARG A 597 11.89 33.68 2.39
N ARG A 598 11.58 34.65 3.26
CA ARG A 598 12.59 35.25 4.11
C ARG A 598 12.39 34.99 5.60
N ASP A 599 11.23 34.47 6.01
CA ASP A 599 10.80 34.60 7.39
C ASP A 599 10.60 33.26 8.11
N GLN A 600 11.30 32.20 7.72
CA GLN A 600 11.27 30.98 8.51
C GLN A 600 12.66 30.36 8.60
N ARG A 601 12.78 29.35 9.47
CA ARG A 601 13.99 28.59 9.69
C ARG A 601 13.62 27.11 9.79
N GLY A 602 14.63 26.25 9.80
CA GLY A 602 14.43 24.82 9.90
C GLY A 602 15.07 24.26 11.16
N SER A 603 14.42 23.25 11.74
CA SER A 603 14.85 22.64 13.00
C SER A 603 16.04 21.71 12.86
N GLY A 604 16.38 21.26 11.64
CA GLY A 604 17.38 20.22 11.51
C GLY A 604 18.78 20.64 11.91
N GLN A 605 19.13 21.91 11.71
CA GLN A 605 20.48 22.36 11.97
C GLN A 605 20.79 22.32 13.47
N VAL A 606 22.09 22.26 13.76
CA VAL A 606 22.55 22.30 15.15
C VAL A 606 22.82 23.72 15.61
N VAL A 607 23.00 24.67 14.68
CA VAL A 607 23.06 26.07 15.07
C VAL A 607 21.66 26.62 15.27
N THR A 608 20.64 25.93 14.73
CA THR A 608 19.25 26.32 14.94
C THR A 608 18.92 26.33 16.43
N TYR A 609 19.39 25.31 17.15
CA TYR A 609 19.09 25.17 18.57
C TYR A 609 19.61 26.36 19.37
N ALA A 610 20.86 26.77 19.10
CA ALA A 610 21.45 27.89 19.83
C ALA A 610 20.69 29.18 19.57
N LEU A 611 20.43 29.49 18.29
CA LEU A 611 19.77 30.75 17.96
C LEU A 611 18.31 30.75 18.41
N ASN A 612 17.67 29.59 18.42
CA ASN A 612 16.32 29.50 18.98
C ASN A 612 16.33 29.72 20.47
N THR A 613 17.36 29.22 21.16
CA THR A 613 17.47 29.45 22.60
C THR A 613 17.70 30.93 22.89
N ILE A 614 18.57 31.57 22.10
CA ILE A 614 18.84 33.00 22.32
C ILE A 614 17.60 33.83 22.02
N THR A 615 16.97 33.57 20.87
CA THR A 615 15.79 34.35 20.48
C THR A 615 14.64 34.14 21.46
N ASN A 616 14.49 32.90 21.97
CA ASN A 616 13.47 32.66 22.98
C ASN A 616 13.82 33.35 24.31
N LEU A 617 15.12 33.44 24.63
CA LEU A 617 15.54 34.25 25.77
C LEU A 617 15.09 35.69 25.59
N LYS A 618 15.31 36.26 24.40
CA LYS A 618 14.84 37.61 24.12
C LYS A 618 13.32 37.71 24.26
N VAL A 619 12.59 36.71 23.77
CA VAL A 619 11.13 36.76 23.79
C VAL A 619 10.62 36.74 25.23
N GLN A 620 11.04 35.74 26.01
CA GLN A 620 10.62 35.66 27.41
C GLN A 620 11.08 36.89 28.20
N LEU A 621 12.23 37.45 27.84
CA LEU A 621 12.69 38.69 28.47
C LEU A 621 11.71 39.82 28.22
N ILE A 622 11.30 40.01 26.96
CA ILE A 622 10.33 41.04 26.63
C ILE A 622 9.03 40.81 27.37
N ARG A 623 8.53 39.58 27.34
CA ARG A 623 7.26 39.28 28.00
C ARG A 623 7.33 39.57 29.50
N MET A 624 8.46 39.24 30.14
CA MET A 624 8.63 39.57 31.54
C MET A 624 8.73 41.07 31.76
N ALA A 625 9.24 41.80 30.76
CA ALA A 625 9.25 43.26 30.87
C ALA A 625 7.84 43.82 30.83
N GLU A 626 6.98 43.23 30.00
CA GLU A 626 5.57 43.63 29.98
C GLU A 626 4.87 43.23 31.27
N ALA A 627 5.23 42.09 31.85
CA ALA A 627 4.59 41.62 33.08
C ALA A 627 4.91 42.50 34.27
N GLU A 628 6.05 43.20 34.26
CA GLU A 628 6.43 44.08 35.34
C GLU A 628 6.14 45.55 35.01
N MET A 629 5.31 45.80 34.00
CA MET A 629 4.82 47.14 33.65
C MET A 629 5.93 48.08 33.23
N VAL A 630 7.07 47.55 32.81
CA VAL A 630 8.05 48.37 32.12
C VAL A 630 7.51 48.82 30.77
N ILE A 631 7.00 47.86 29.99
CA ILE A 631 6.25 48.12 28.77
C ILE A 631 4.87 47.51 28.92
N HIS A 632 3.92 48.01 28.14
CA HIS A 632 2.59 47.42 28.10
C HIS A 632 1.93 47.76 26.76
N HIS A 633 0.61 47.51 26.69
CA HIS A 633 -0.05 47.33 25.40
C HIS A 633 0.05 48.57 24.52
N GLN A 634 -0.06 49.77 25.11
CA GLN A 634 0.01 50.99 24.30
C GLN A 634 1.34 51.08 23.56
N HIS A 635 2.40 50.52 24.13
CA HIS A 635 3.73 50.54 23.52
C HIS A 635 3.89 49.54 22.39
N VAL A 636 2.81 48.86 21.97
CA VAL A 636 2.93 47.89 20.88
C VAL A 636 3.19 48.60 19.55
N GLN A 637 2.28 49.51 19.17
CA GLN A 637 2.37 50.11 17.85
C GLN A 637 3.54 51.08 17.71
N ASP A 638 3.97 51.69 18.80
CA ASP A 638 5.15 52.55 18.79
C ASP A 638 5.62 52.74 20.22
N CYS A 639 6.74 53.45 20.38
CA CYS A 639 7.45 53.46 21.64
C CYS A 639 8.35 54.68 21.68
N ASP A 640 8.26 55.45 22.75
CA ASP A 640 9.10 56.63 22.92
C ASP A 640 10.47 56.23 23.46
N GLU A 641 11.47 57.07 23.18
CA GLU A 641 12.77 56.88 23.79
C GLU A 641 12.72 56.92 25.30
N SER A 642 11.67 57.51 25.88
CA SER A 642 11.51 57.50 27.33
C SER A 642 11.34 56.08 27.85
N VAL A 643 10.26 55.41 27.44
CA VAL A 643 10.02 54.04 27.88
C VAL A 643 11.08 53.09 27.35
N LEU A 644 11.72 53.43 26.22
CA LEU A 644 12.81 52.62 25.72
C LEU A 644 14.02 52.69 26.64
N THR A 645 14.31 53.89 27.18
CA THR A 645 15.38 54.02 28.15
C THR A 645 14.99 53.38 29.48
N ARG A 646 13.71 53.46 29.85
CA ARG A 646 13.20 52.72 31.00
C ARG A 646 13.52 51.23 30.86
N LEU A 647 13.19 50.66 29.70
CA LEU A 647 13.48 49.25 29.46
C LEU A 647 14.98 48.99 29.52
N GLU A 648 15.78 49.92 28.99
CA GLU A 648 17.23 49.78 29.06
C GLU A 648 17.70 49.65 30.51
N ALA A 649 17.27 50.58 31.37
CA ALA A 649 17.67 50.53 32.77
C ALA A 649 17.11 49.29 33.48
N TRP A 650 15.92 48.84 33.07
CA TRP A 650 15.38 47.61 33.65
C TRP A 650 16.24 46.40 33.30
N LEU A 651 16.67 46.30 32.04
CA LEU A 651 17.60 45.26 31.67
C LEU A 651 18.89 45.36 32.48
N THR A 652 19.39 46.58 32.68
CA THR A 652 20.59 46.77 33.48
C THR A 652 20.40 46.27 34.90
N GLU A 653 19.22 46.54 35.50
CA GLU A 653 18.99 46.24 36.90
C GLU A 653 18.73 44.75 37.13
N HIS A 654 17.80 44.17 36.38
CA HIS A 654 17.29 42.84 36.67
C HIS A 654 17.48 41.84 35.54
N GLY A 655 18.17 42.22 34.46
CA GLY A 655 18.27 41.34 33.31
C GLY A 655 18.81 39.96 33.65
N CYS A 656 19.94 39.92 34.36
CA CYS A 656 20.58 38.64 34.66
C CYS A 656 19.77 37.82 35.65
N ASP A 657 19.04 38.49 36.55
CA ASP A 657 18.13 37.77 37.45
C ASP A 657 17.01 37.11 36.67
N ARG A 658 16.37 37.88 35.78
CA ARG A 658 15.27 37.33 34.99
C ARG A 658 15.74 36.19 34.10
N LEU A 659 16.96 36.30 33.55
CA LEU A 659 17.50 35.21 32.75
C LEU A 659 17.67 33.94 33.58
N LYS A 660 18.17 34.07 34.81
CA LYS A 660 18.33 32.91 35.69
C LYS A 660 17.01 32.33 36.14
N ARG A 661 15.89 33.03 35.92
CA ARG A 661 14.56 32.51 36.17
C ARG A 661 14.00 31.74 34.98
N MET A 662 14.85 31.26 34.10
CA MET A 662 14.42 30.61 32.87
C MET A 662 15.14 29.28 32.69
N ALA A 663 14.43 28.34 32.06
CA ALA A 663 15.01 27.10 31.54
C ALA A 663 14.56 27.00 30.09
N VAL A 664 15.46 27.33 29.17
CA VAL A 664 15.13 27.46 27.75
C VAL A 664 15.96 26.48 26.95
N SER A 665 15.29 25.56 26.27
CA SER A 665 15.91 24.64 25.31
C SER A 665 15.19 24.82 23.98
N GLY A 666 15.81 25.57 23.07
CA GLY A 666 15.17 25.86 21.80
C GLY A 666 13.89 26.62 22.00
N ASP A 667 12.79 26.07 21.46
CA ASP A 667 11.47 26.68 21.64
C ASP A 667 10.82 26.31 22.96
N ASP A 668 11.32 25.28 23.65
CA ASP A 668 10.78 24.93 24.96
C ASP A 668 11.31 25.89 26.01
N CYS A 669 10.41 26.38 26.88
CA CYS A 669 10.79 27.35 27.90
C CYS A 669 10.02 27.08 29.18
N VAL A 670 10.66 27.41 30.31
CA VAL A 670 10.04 27.38 31.62
C VAL A 670 10.45 28.63 32.37
N VAL A 671 9.49 29.46 32.73
CA VAL A 671 9.75 30.77 33.34
C VAL A 671 9.14 30.79 34.73
N ARG A 672 9.96 31.19 35.72
CA ARG A 672 9.50 31.44 37.08
C ARG A 672 9.56 32.95 37.31
N PRO A 673 8.48 33.67 37.04
CA PRO A 673 8.51 35.14 37.09
C PRO A 673 8.35 35.65 38.52
N ILE A 674 8.47 36.97 38.65
CA ILE A 674 8.28 37.64 39.95
C ILE A 674 6.89 37.38 40.49
N ASP A 675 5.89 37.40 39.61
CA ASP A 675 4.50 37.25 40.02
C ASP A 675 3.68 36.75 38.84
N ASP A 676 2.42 36.45 39.10
CA ASP A 676 1.56 35.81 38.12
C ASP A 676 1.03 36.77 37.06
N ARG A 677 1.38 38.07 37.14
CA ARG A 677 1.10 38.99 36.05
C ARG A 677 1.69 38.50 34.74
N PHE A 678 2.68 37.60 34.81
CA PHE A 678 3.25 36.99 33.62
C PHE A 678 2.18 36.33 32.77
N GLY A 679 1.22 35.66 33.41
CA GLY A 679 0.18 34.97 32.68
C GLY A 679 -0.72 35.88 31.85
N LEU A 680 -0.65 37.19 32.06
CA LEU A 680 -1.48 38.13 31.34
C LEU A 680 -0.69 39.04 30.40
N ALA A 681 0.63 38.89 30.33
CA ALA A 681 1.45 39.71 29.45
C ALA A 681 1.48 39.02 28.08
N LEU A 682 0.55 39.42 27.22
CA LEU A 682 0.37 38.78 25.93
C LEU A 682 0.47 39.73 24.73
N SER A 683 0.52 41.04 24.95
CA SER A 683 0.50 41.99 23.84
C SER A 683 1.72 41.80 22.93
N HIS A 684 2.92 41.85 23.50
CA HIS A 684 4.12 41.74 22.70
C HIS A 684 4.39 40.30 22.29
N LEU A 685 4.04 39.33 23.14
CA LEU A 685 4.17 37.93 22.77
C LEU A 685 3.38 37.63 21.49
N ASN A 686 2.13 38.11 21.43
CA ASN A 686 1.33 37.94 20.22
C ASN A 686 1.84 38.82 19.08
N ALA A 687 2.37 40.01 19.41
CA ALA A 687 2.91 40.88 18.37
C ALA A 687 4.11 40.26 17.67
N MET A 688 4.94 39.54 18.42
CA MET A 688 6.10 38.85 17.86
C MET A 688 5.74 37.50 17.26
N SER A 689 4.45 37.23 17.04
CA SER A 689 3.95 36.02 16.40
C SER A 689 4.24 34.75 17.20
N LYS A 690 4.68 34.88 18.45
CA LYS A 690 4.95 33.71 19.29
C LYS A 690 3.66 33.27 20.00
N VAL A 691 2.70 32.84 19.18
CA VAL A 691 1.37 32.50 19.68
C VAL A 691 1.42 31.17 20.42
N ARG A 692 0.75 31.12 21.56
CA ARG A 692 0.75 29.92 22.38
C ARG A 692 -0.15 28.85 21.77
N LYS A 693 0.26 27.60 21.93
CA LYS A 693 -0.49 26.48 21.37
C LYS A 693 -1.63 26.07 22.30
N ASP A 694 -2.72 25.60 21.68
CA ASP A 694 -3.87 25.04 22.39
C ASP A 694 -4.46 26.03 23.40
N ILE A 695 -4.63 27.27 22.96
CA ILE A 695 -5.22 28.31 23.80
C ILE A 695 -5.70 29.45 22.91
N SER A 696 -6.62 30.26 23.45
CA SER A 696 -7.09 31.45 22.75
C SER A 696 -6.05 32.55 22.82
N GLU A 697 -6.02 33.38 21.78
CA GLU A 697 -4.95 34.36 21.62
C GLU A 697 -4.83 35.28 22.83
N TRP A 698 -5.94 35.59 23.50
CA TRP A 698 -5.91 36.51 24.64
C TRP A 698 -6.40 35.87 25.92
N GLN A 699 -6.40 34.54 25.98
CA GLN A 699 -6.72 33.82 27.21
C GLN A 699 -5.48 33.74 28.09
N PRO A 700 -5.62 33.98 29.39
CA PRO A 700 -4.46 33.88 30.29
C PRO A 700 -3.82 32.50 30.23
N SER A 701 -2.52 32.47 30.56
CA SER A 701 -1.73 31.25 30.43
C SER A 701 -1.92 30.34 31.62
N LYS A 702 -1.86 29.04 31.36
CA LYS A 702 -1.95 28.02 32.41
C LYS A 702 -0.77 28.13 33.38
N GLY A 703 -1.05 28.48 34.63
CA GLY A 703 -0.03 28.45 35.66
C GLY A 703 0.18 27.04 36.18
N TRP A 704 1.21 26.89 37.00
CA TRP A 704 1.53 25.60 37.60
C TRP A 704 1.87 25.76 39.06
N ASN A 705 1.30 24.89 39.89
CA ASN A 705 1.43 24.95 41.34
C ASN A 705 2.63 24.17 41.85
N ASP A 706 2.65 22.87 41.58
CA ASP A 706 3.72 21.99 42.03
C ASP A 706 4.76 21.88 40.92
N TRP A 707 6.02 22.19 41.24
CA TRP A 707 7.06 22.17 40.22
C TRP A 707 7.23 20.80 39.61
N GLU A 708 6.88 19.74 40.34
CA GLU A 708 6.98 18.39 39.81
C GLU A 708 5.99 18.12 38.69
N ASN A 709 5.03 19.03 38.45
CA ASN A 709 4.08 18.90 37.37
C ASN A 709 4.40 19.80 36.18
N VAL A 710 5.47 20.59 36.27
CA VAL A 710 5.79 21.55 35.20
C VAL A 710 6.38 20.78 34.02
N PRO A 711 5.88 20.99 32.80
CA PRO A 711 6.44 20.29 31.65
C PRO A 711 7.60 21.02 31.01
N PHE A 712 8.61 20.26 30.63
CA PHE A 712 9.81 20.81 30.00
C PHE A 712 10.51 19.69 29.25
N CYS A 713 10.74 19.90 27.95
CA CYS A 713 11.37 18.90 27.09
C CYS A 713 10.60 17.58 27.13
N SER A 714 9.29 17.69 26.92
CA SER A 714 8.36 16.56 26.83
C SER A 714 8.25 15.77 28.13
N HIS A 715 8.84 16.24 29.21
CA HIS A 715 8.84 15.50 30.48
C HIS A 715 8.41 16.41 31.62
N HIS A 716 8.09 15.77 32.74
CA HIS A 716 8.06 16.38 34.06
C HIS A 716 9.04 15.63 34.94
N PHE A 717 9.20 16.06 36.19
CA PHE A 717 10.25 15.50 37.03
C PHE A 717 9.75 15.27 38.44
N HIS A 718 10.32 14.25 39.09
CA HIS A 718 9.94 13.85 40.43
C HIS A 718 11.18 13.75 41.31
N GLU A 719 11.02 14.04 42.60
CA GLU A 719 12.09 13.85 43.56
C GLU A 719 11.93 12.49 44.22
N LEU A 720 12.96 11.66 44.14
CA LEU A 720 12.95 10.32 44.70
C LEU A 720 14.02 10.20 45.78
N GLN A 721 13.73 9.34 46.76
CA GLN A 721 14.64 9.06 47.86
C GLN A 721 15.15 7.63 47.75
N LEU A 722 16.46 7.48 47.72
CA LEU A 722 17.07 6.15 47.63
C LEU A 722 16.86 5.38 48.93
N LYS A 723 17.26 4.11 48.90
CA LYS A 723 17.15 3.27 50.09
C LYS A 723 17.89 3.89 51.26
N ASP A 724 19.03 4.54 50.99
CA ASP A 724 19.87 5.13 52.03
C ASP A 724 19.57 6.60 52.27
N GLY A 725 18.34 7.05 52.01
CA GLY A 725 17.92 8.40 52.34
C GLY A 725 18.37 9.48 51.37
N ARG A 726 19.28 9.19 50.44
CA ARG A 726 19.72 10.19 49.50
C ARG A 726 18.60 10.54 48.51
N ARG A 727 18.80 11.64 47.79
CA ARG A 727 17.77 12.20 46.93
C ARG A 727 18.29 12.38 45.51
N ILE A 728 17.45 12.07 44.53
CA ILE A 728 17.76 12.34 43.13
C ILE A 728 16.49 12.86 42.46
N VAL A 729 16.68 13.56 41.35
CA VAL A 729 15.57 14.10 40.57
C VAL A 729 15.51 13.30 39.27
N VAL A 730 14.38 12.64 39.03
CA VAL A 730 14.22 11.72 37.91
C VAL A 730 13.21 12.26 36.91
N PRO A 731 13.36 11.94 35.64
CA PRO A 731 12.35 12.33 34.64
C PRO A 731 11.20 11.34 34.59
N CYS A 732 10.04 11.86 34.18
CA CYS A 732 8.83 11.05 34.10
C CYS A 732 7.92 11.67 33.03
N ARG A 733 7.13 10.81 32.41
CA ARG A 733 6.10 11.24 31.48
C ARG A 733 4.97 10.22 31.49
N GLU A 734 3.89 10.54 30.78
CA GLU A 734 2.78 9.60 30.66
C GLU A 734 3.27 8.27 30.11
N GLN A 735 2.95 7.19 30.81
CA GLN A 735 3.44 5.87 30.43
C GLN A 735 2.88 5.46 29.07
N ASP A 736 1.71 5.98 28.70
CA ASP A 736 1.11 5.65 27.42
C ASP A 736 1.96 6.18 26.28
N GLU A 737 2.60 7.34 26.46
CA GLU A 737 3.51 7.85 25.45
C GLU A 737 4.72 6.94 25.29
N LEU A 738 5.30 6.51 26.41
CA LEU A 738 6.47 5.63 26.36
C LEU A 738 6.16 4.31 25.68
N ILE A 739 4.99 3.72 25.98
CA ILE A 739 4.66 2.42 25.40
C ILE A 739 4.28 2.58 23.93
N GLY A 740 3.45 3.58 23.62
CA GLY A 740 3.08 3.81 22.23
C GLY A 740 4.28 4.10 21.35
N ARG A 741 5.27 4.82 21.89
CA ARG A 741 6.47 5.12 21.11
C ARG A 741 7.38 3.90 21.03
N GLY A 742 7.45 3.10 22.10
CA GLY A 742 8.24 1.88 22.05
C GLY A 742 7.66 0.81 21.15
N ARG A 743 6.35 0.87 20.87
CA ARG A 743 5.65 -0.16 20.11
C ARG A 743 5.80 0.00 18.61
N VAL A 744 6.44 1.06 18.13
CA VAL A 744 6.47 1.38 16.71
C VAL A 744 7.91 1.27 16.21
N SER A 745 8.07 0.66 15.03
CA SER A 745 9.36 0.46 14.38
C SER A 745 9.42 1.25 13.08
N PRO A 746 10.53 1.95 12.81
CA PRO A 746 10.61 2.79 11.61
C PRO A 746 10.69 2.04 10.28
N GLY A 747 11.60 1.08 10.18
CA GLY A 747 11.84 0.39 8.92
C GLY A 747 10.63 -0.41 8.43
N ASN A 748 10.71 -0.79 7.17
CA ASN A 748 9.66 -1.57 6.52
C ASN A 748 9.97 -3.06 6.66
N GLY A 749 8.92 -3.84 6.95
CA GLY A 749 8.96 -5.29 6.99
C GLY A 749 10.29 -5.84 7.45
N TRP A 750 10.72 -5.41 8.62
CA TRP A 750 12.10 -5.63 9.04
C TRP A 750 12.32 -7.06 9.52
N MET A 751 13.59 -7.41 9.63
CA MET A 751 14.01 -8.67 10.22
C MET A 751 13.89 -8.59 11.74
N ILE A 752 13.48 -9.71 12.34
CA ILE A 752 13.29 -9.77 13.78
C ILE A 752 14.60 -9.50 14.54
N LYS A 753 15.72 -9.43 13.83
CA LYS A 753 17.00 -9.11 14.45
C LYS A 753 17.14 -7.60 14.67
N GLU A 754 16.72 -6.80 13.69
CA GLU A 754 16.80 -5.35 13.83
C GLU A 754 15.89 -4.87 14.95
N THR A 755 14.61 -5.23 14.88
CA THR A 755 13.64 -4.76 15.87
C THR A 755 13.90 -5.31 17.26
N ALA A 756 14.62 -6.43 17.38
CA ALA A 756 15.01 -6.92 18.70
C ALA A 756 16.11 -6.04 19.29
N CYS A 757 17.04 -5.58 18.47
CA CYS A 757 18.05 -4.63 18.94
C CYS A 757 17.42 -3.30 19.30
N LEU A 758 16.47 -2.84 18.49
CA LEU A 758 15.72 -1.63 18.84
C LEU A 758 14.99 -1.81 20.16
N SER A 759 14.35 -2.96 20.36
CA SER A 759 13.64 -3.21 21.60
C SER A 759 14.58 -3.25 22.79
N LYS A 760 15.77 -3.82 22.62
CA LYS A 760 16.76 -3.79 23.69
C LYS A 760 17.21 -2.37 23.99
N ALA A 761 17.27 -1.52 22.96
CA ALA A 761 17.62 -0.12 23.17
C ALA A 761 16.53 0.60 23.98
N TYR A 762 15.27 0.37 23.62
CA TYR A 762 14.17 0.94 24.40
C TYR A 762 14.19 0.44 25.84
N ALA A 763 14.43 -0.85 26.03
CA ALA A 763 14.49 -1.40 27.38
C ALA A 763 15.61 -0.77 28.18
N ASN A 764 16.74 -0.50 27.53
CA ASN A 764 17.85 0.13 28.24
C ASN A 764 17.54 1.58 28.59
N MET A 765 16.89 2.31 27.68
CA MET A 765 16.51 3.69 28.00
C MET A 765 15.51 3.72 29.15
N TRP A 766 14.52 2.84 29.13
CA TRP A 766 13.57 2.75 30.24
C TRP A 766 14.29 2.40 31.53
N SER A 767 15.26 1.48 31.46
CA SER A 767 16.03 1.12 32.64
C SER A 767 16.82 2.31 33.18
N LEU A 768 17.26 3.20 32.31
CA LEU A 768 18.17 4.27 32.72
C LEU A 768 17.43 5.51 33.20
N MET A 769 16.38 5.94 32.48
CA MET A 769 15.67 7.17 32.83
C MET A 769 14.34 6.92 33.53
N TYR A 770 13.67 5.81 33.23
CA TYR A 770 12.30 5.59 33.70
C TYR A 770 12.21 4.34 34.57
N PHE A 771 13.31 3.98 35.22
CA PHE A 771 13.36 2.78 36.06
C PHE A 771 12.32 2.82 37.18
N HIS A 772 11.91 4.01 37.60
CA HIS A 772 11.06 4.17 38.78
C HIS A 772 9.60 3.90 38.49
N LYS A 773 9.24 3.54 37.27
CA LYS A 773 7.87 3.19 36.91
C LYS A 773 7.81 1.68 36.79
N ARG A 774 6.89 1.06 37.54
CA ARG A 774 6.94 -0.38 37.74
C ARG A 774 6.71 -1.15 36.45
N ASP A 775 5.71 -0.73 35.66
CA ASP A 775 5.49 -1.36 34.37
C ASP A 775 6.69 -1.15 33.44
N MET A 776 7.41 -0.05 33.61
CA MET A 776 8.55 0.25 32.75
C MET A 776 9.77 -0.59 33.11
N ARG A 777 10.02 -0.82 34.40
CA ARG A 777 11.14 -1.67 34.79
C ARG A 777 10.83 -3.13 34.48
N LEU A 778 9.62 -3.59 34.82
CA LEU A 778 9.22 -4.94 34.45
C LEU A 778 9.29 -5.13 32.94
N LEU A 779 8.92 -4.10 32.19
CA LEU A 779 8.97 -4.17 30.73
C LEU A 779 10.41 -4.23 30.23
N SER A 780 11.29 -3.42 30.83
CA SER A 780 12.71 -3.46 30.46
C SER A 780 13.31 -4.83 30.68
N LEU A 781 13.17 -5.37 31.90
CA LEU A 781 13.75 -6.67 32.21
C LEU A 781 13.14 -7.77 31.37
N ALA A 782 11.83 -7.68 31.09
CA ALA A 782 11.18 -8.66 30.23
C ALA A 782 11.76 -8.60 28.81
N VAL A 783 11.93 -7.39 28.26
CA VAL A 783 12.47 -7.24 26.92
C VAL A 783 13.89 -7.79 26.85
N SER A 784 14.75 -7.34 27.76
CA SER A 784 16.12 -7.84 27.79
C SER A 784 16.21 -9.27 28.30
N SER A 785 15.07 -9.91 28.60
CA SER A 785 15.02 -11.33 28.88
C SER A 785 14.54 -12.14 27.68
N ALA A 786 13.78 -11.52 26.78
CA ALA A 786 13.35 -12.19 25.56
C ALA A 786 14.30 -11.98 24.39
N VAL A 787 15.17 -10.98 24.45
CA VAL A 787 16.10 -10.67 23.37
C VAL A 787 17.44 -11.34 23.67
N PRO A 788 18.07 -11.97 22.68
CA PRO A 788 19.40 -12.59 22.90
C PRO A 788 20.34 -11.64 23.62
N THR A 789 21.07 -12.19 24.60
CA THR A 789 21.90 -11.37 25.48
C THR A 789 23.08 -10.76 24.74
N SER A 790 23.63 -11.47 23.76
CA SER A 790 24.83 -11.01 23.06
C SER A 790 24.52 -9.99 21.98
N TRP A 791 23.26 -9.66 21.74
CA TRP A 791 22.90 -8.71 20.70
C TRP A 791 23.03 -7.28 21.21
N VAL A 792 23.44 -6.38 20.32
CA VAL A 792 23.81 -5.02 20.70
C VAL A 792 22.66 -4.08 20.36
N PRO A 793 22.30 -3.16 21.26
CA PRO A 793 21.17 -2.26 20.97
C PRO A 793 21.51 -1.28 19.85
N GLN A 794 20.60 -1.19 18.88
CA GLN A 794 20.69 -0.24 17.78
C GLN A 794 19.36 0.50 17.63
N GLY A 795 19.37 1.54 16.82
CA GLY A 795 18.17 2.30 16.52
C GLY A 795 18.11 3.60 17.30
N ARG A 796 17.02 4.33 17.05
CA ARG A 796 16.77 5.61 17.70
C ARG A 796 15.62 5.47 18.69
N THR A 797 15.86 5.90 19.92
CA THR A 797 14.84 5.87 20.96
C THR A 797 14.24 7.24 21.25
N THR A 798 15.01 8.31 21.08
CA THR A 798 14.52 9.67 21.30
C THR A 798 15.11 10.59 20.25
N TRP A 799 14.47 11.74 20.07
CA TRP A 799 14.97 12.81 19.23
C TRP A 799 15.46 14.00 20.03
N SER A 800 15.32 13.99 21.35
CA SER A 800 15.75 15.10 22.17
C SER A 800 17.26 15.26 22.12
N ILE A 801 17.72 16.51 21.99
CA ILE A 801 19.14 16.80 22.06
C ILE A 801 19.69 16.51 23.45
N HIS A 802 18.82 16.40 24.45
CA HIS A 802 19.23 16.08 25.81
C HIS A 802 19.28 14.58 26.07
N GLY A 803 19.06 13.76 25.05
CA GLY A 803 19.27 12.33 25.17
C GLY A 803 20.67 11.95 24.74
N LYS A 804 21.57 11.79 25.71
CA LYS A 804 22.99 11.59 25.42
C LYS A 804 23.29 10.19 24.91
N GLY A 805 22.34 9.27 24.96
CA GLY A 805 22.56 7.94 24.43
C GLY A 805 23.27 6.98 25.36
N GLU A 806 23.35 7.30 26.66
CA GLU A 806 24.08 6.47 27.61
C GLU A 806 23.51 5.06 27.70
N TRP A 807 22.25 4.86 27.31
CA TRP A 807 21.62 3.55 27.38
C TRP A 807 21.92 2.68 26.18
N MET A 808 22.57 3.21 25.13
CA MET A 808 22.79 2.48 23.90
C MET A 808 24.04 1.61 23.94
N THR A 809 24.49 1.23 25.13
CA THR A 809 25.69 0.43 25.30
C THR A 809 25.34 -1.04 25.51
N THR A 810 26.38 -1.87 25.44
CA THR A 810 26.29 -3.28 25.81
C THR A 810 26.60 -3.50 27.28
N GLU A 811 26.88 -2.43 28.02
CA GLU A 811 27.21 -2.50 29.43
C GLU A 811 26.01 -3.01 30.24
N ASP A 812 26.27 -3.31 31.51
CA ASP A 812 25.20 -3.66 32.44
C ASP A 812 24.46 -2.39 32.85
N MET A 813 23.13 -2.42 32.73
CA MET A 813 22.35 -1.21 32.96
C MET A 813 22.47 -0.71 34.40
N LEU A 814 22.76 -1.61 35.35
CA LEU A 814 22.96 -1.17 36.73
C LEU A 814 24.20 -0.29 36.86
N GLU A 815 25.23 -0.54 36.05
CA GLU A 815 26.47 0.20 36.20
C GLU A 815 26.40 1.56 35.52
N VAL A 816 25.74 1.64 34.35
CA VAL A 816 25.48 2.94 33.76
C VAL A 816 24.47 3.70 34.61
N TRP A 817 23.58 2.98 35.31
CA TRP A 817 22.67 3.64 36.25
C TRP A 817 23.45 4.30 37.38
N ASN A 818 24.33 3.54 38.03
CA ASN A 818 25.15 4.11 39.10
C ASN A 818 26.07 5.19 38.56
N ARG A 819 26.48 5.11 37.29
CA ARG A 819 27.33 6.12 36.72
C ARG A 819 26.59 7.44 36.54
N VAL A 820 25.47 7.42 35.83
CA VAL A 820 24.77 8.66 35.53
C VAL A 820 24.11 9.24 36.78
N TRP A 821 23.57 8.38 37.66
CA TRP A 821 22.85 8.87 38.84
C TRP A 821 23.73 9.12 40.06
N ILE A 822 24.74 8.29 40.30
CA ILE A 822 25.60 8.43 41.46
C ILE A 822 26.98 8.95 41.08
N THR A 823 27.65 8.27 40.15
CA THR A 823 29.06 8.53 39.89
C THR A 823 29.28 9.88 39.21
N ASN A 824 28.46 10.21 38.20
CA ASN A 824 28.66 11.40 37.39
C ASN A 824 27.63 12.48 37.64
N ASN A 825 26.87 12.40 38.74
CA ASN A 825 25.84 13.38 39.03
C ASN A 825 26.43 14.45 39.93
N PRO A 826 26.57 15.70 39.48
CA PRO A 826 27.16 16.74 40.34
C PRO A 826 26.36 17.01 41.61
N HIS A 827 25.07 16.67 41.64
CA HIS A 827 24.24 16.91 42.82
C HIS A 827 24.30 15.79 43.84
N MET A 828 24.98 14.69 43.53
CA MET A 828 25.17 13.59 44.48
C MET A 828 26.55 13.68 45.09
N GLN A 829 26.60 14.11 46.36
CA GLN A 829 27.88 14.25 47.05
C GLN A 829 28.46 12.89 47.41
N ASP A 830 27.71 12.12 48.21
CA ASP A 830 28.12 10.76 48.57
C ASP A 830 28.07 9.88 47.32
N LYS A 831 29.24 9.42 46.86
CA LYS A 831 29.35 8.66 45.63
C LYS A 831 29.23 7.16 45.87
N THR A 832 28.59 6.73 46.95
CA THR A 832 28.41 5.31 47.21
C THR A 832 27.44 4.72 46.19
N MET A 833 27.89 3.67 45.51
CA MET A 833 27.10 3.06 44.46
C MET A 833 26.00 2.18 45.06
N VAL A 834 24.98 1.92 44.26
CA VAL A 834 23.88 1.04 44.64
C VAL A 834 24.20 -0.35 44.12
N LYS A 835 23.98 -1.36 44.96
CA LYS A 835 24.51 -2.70 44.71
C LYS A 835 23.59 -3.54 43.83
N LYS A 836 22.34 -3.70 44.23
CA LYS A 836 21.39 -4.53 43.51
C LYS A 836 20.30 -3.68 42.88
N TRP A 837 19.59 -4.29 41.91
CA TRP A 837 18.48 -3.61 41.27
C TRP A 837 17.32 -3.38 42.25
N ARG A 838 17.13 -4.30 43.20
CA ARG A 838 16.03 -4.18 44.15
C ARG A 838 16.21 -3.01 45.12
N ASP A 839 17.43 -2.48 45.24
CA ASP A 839 17.67 -1.31 46.06
C ASP A 839 17.41 -0.01 45.30
N VAL A 840 17.28 -0.08 43.99
CA VAL A 840 16.87 1.08 43.20
C VAL A 840 15.39 1.37 43.48
N PRO A 841 15.03 2.58 43.87
CA PRO A 841 13.66 2.84 44.33
C PRO A 841 12.68 2.98 43.17
N TYR A 842 11.41 3.04 43.54
CA TYR A 842 10.31 3.30 42.63
C TYR A 842 9.65 4.61 43.01
N LEU A 843 8.74 5.08 42.16
CA LEU A 843 7.88 6.18 42.56
C LEU A 843 6.86 5.69 43.59
N THR A 844 6.24 6.65 44.26
CA THR A 844 5.09 6.33 45.09
C THR A 844 3.99 5.70 44.24
N LYS A 845 3.31 4.69 44.81
CA LYS A 845 2.21 4.05 44.09
C LYS A 845 1.15 5.07 43.66
N ARG A 846 0.94 6.12 44.46
CA ARG A 846 0.04 7.18 44.06
C ARG A 846 0.58 7.93 42.85
N GLN A 847 1.85 8.34 42.90
CA GLN A 847 2.43 9.08 41.79
C GLN A 847 2.58 8.19 40.56
N ASP A 848 2.89 6.91 40.76
CA ASP A 848 2.99 5.99 39.63
C ASP A 848 1.63 5.80 38.95
N LYS A 849 0.58 5.57 39.74
CA LYS A 849 -0.76 5.48 39.17
C LYS A 849 -1.15 6.79 38.48
N LEU A 850 -0.75 7.93 39.06
CA LEU A 850 -1.11 9.22 38.49
C LEU A 850 -0.35 9.51 37.20
N CYS A 851 0.77 8.83 36.95
CA CYS A 851 1.54 9.01 35.73
C CYS A 851 1.45 7.79 34.81
N GLY A 852 0.37 7.04 34.91
CA GLY A 852 0.02 6.07 33.88
C GLY A 852 0.24 4.60 34.21
N SER A 853 0.64 4.28 35.44
CA SER A 853 0.88 2.88 35.78
C SER A 853 -0.42 2.10 35.85
N LEU A 854 -0.36 0.85 35.42
CA LEU A 854 -1.52 -0.05 35.45
C LEU A 854 -1.54 -0.94 36.68
N ILE A 855 -0.72 -0.64 37.69
CA ILE A 855 -0.75 -1.40 38.93
C ILE A 855 -2.11 -1.26 39.59
N GLY A 856 -2.57 -2.35 40.21
CA GLY A 856 -3.88 -2.36 40.84
C GLY A 856 -4.91 -3.10 39.99
N MET A 857 -4.84 -2.88 38.68
CA MET A 857 -5.71 -3.60 37.76
C MET A 857 -5.31 -5.08 37.71
N THR A 858 -6.32 -5.95 37.62
CA THR A 858 -6.03 -7.39 37.57
C THR A 858 -5.44 -7.80 36.24
N ASN A 859 -5.58 -6.99 35.19
CA ASN A 859 -4.96 -7.32 33.92
C ASN A 859 -3.45 -7.18 33.99
N ARG A 860 -2.95 -6.22 34.77
CA ARG A 860 -1.50 -6.13 34.95
C ARG A 860 -0.99 -7.24 35.85
N ALA A 861 -1.80 -7.69 36.81
CA ALA A 861 -1.42 -8.82 37.65
C ALA A 861 -1.28 -10.08 36.79
N THR A 862 -2.34 -10.44 36.06
CA THR A 862 -2.26 -11.58 35.16
C THR A 862 -1.11 -11.42 34.16
N TRP A 863 -0.89 -10.17 33.71
CA TRP A 863 0.25 -9.90 32.83
C TRP A 863 1.57 -10.25 33.49
N ALA A 864 1.76 -9.82 34.74
CA ALA A 864 3.00 -10.06 35.45
C ALA A 864 3.20 -11.52 35.81
N SER A 865 2.12 -12.30 35.91
CA SER A 865 2.28 -13.72 36.18
C SER A 865 2.61 -14.49 34.91
N HIS A 866 1.93 -14.17 33.81
CA HIS A 866 2.09 -14.86 32.53
C HIS A 866 3.10 -14.19 31.60
N ILE A 867 3.87 -13.23 32.11
CA ILE A 867 4.87 -12.55 31.29
C ILE A 867 5.97 -13.51 30.82
N HIS A 868 6.21 -14.58 31.57
CA HIS A 868 7.28 -15.50 31.24
C HIS A 868 6.92 -16.40 30.06
N LEU A 869 5.64 -16.80 29.95
CA LEU A 869 5.19 -17.53 28.78
C LEU A 869 5.35 -16.71 27.51
N VAL A 870 5.04 -15.42 27.58
CA VAL A 870 5.23 -14.53 26.44
C VAL A 870 6.71 -14.39 26.11
N ILE A 871 7.55 -14.24 27.14
CA ILE A 871 8.99 -14.19 26.93
C ILE A 871 9.45 -15.44 26.16
N HIS A 872 8.98 -16.61 26.58
CA HIS A 872 9.32 -17.83 25.88
C HIS A 872 8.82 -17.81 24.44
N ARG A 873 7.62 -17.27 24.21
CA ARG A 873 7.11 -17.14 22.85
C ARG A 873 8.08 -16.34 21.99
N ILE A 874 8.54 -15.20 22.50
CA ILE A 874 9.41 -14.33 21.72
C ILE A 874 10.75 -14.99 21.48
N ARG A 875 11.28 -15.68 22.49
CA ARG A 875 12.50 -16.48 22.29
C ARG A 875 12.31 -17.50 21.18
N THR A 876 11.17 -18.19 21.17
CA THR A 876 10.89 -19.16 20.12
C THR A 876 10.87 -18.50 18.74
N LEU A 877 10.19 -17.36 18.63
CA LEU A 877 10.08 -16.69 17.34
C LEU A 877 11.43 -16.18 16.85
N ILE A 878 12.28 -15.68 17.77
CA ILE A 878 13.59 -15.19 17.36
C ILE A 878 14.48 -16.33 16.88
N GLY A 879 14.39 -17.48 17.54
CA GLY A 879 15.18 -18.64 17.18
C GLY A 879 16.17 -19.00 18.27
N GLN A 880 17.08 -19.91 17.91
CA GLN A 880 18.02 -20.50 18.86
C GLN A 880 19.18 -19.55 19.10
N GLU A 881 19.26 -19.01 20.32
CA GLU A 881 20.36 -18.15 20.73
C GLU A 881 20.52 -18.25 22.25
N LYS A 882 21.52 -17.53 22.77
CA LYS A 882 21.83 -17.53 24.19
C LYS A 882 21.08 -16.38 24.87
N TYR A 883 20.11 -16.72 25.71
CA TYR A 883 19.31 -15.75 26.44
C TYR A 883 19.71 -15.72 27.91
N THR A 884 19.17 -14.73 28.62
CA THR A 884 19.39 -14.59 30.06
C THR A 884 18.09 -14.15 30.73
N ASP A 885 17.85 -14.70 31.93
CA ASP A 885 16.61 -14.44 32.68
C ASP A 885 16.86 -13.29 33.66
N TYR A 886 16.73 -12.07 33.15
CA TYR A 886 16.98 -10.88 33.96
C TYR A 886 15.92 -10.67 35.03
N LEU A 887 14.71 -11.22 34.84
CA LEU A 887 13.61 -10.95 35.75
C LEU A 887 13.93 -11.36 37.18
N THR A 888 14.91 -12.24 37.38
CA THR A 888 15.28 -12.67 38.73
C THR A 888 15.80 -11.51 39.58
N VAL A 889 16.18 -10.38 38.96
CA VAL A 889 16.61 -9.22 39.73
C VAL A 889 15.44 -8.50 40.39
N MET A 890 14.22 -8.97 40.19
CA MET A 890 13.03 -8.43 40.83
C MET A 890 12.67 -9.29 42.03
N ASP A 891 11.83 -8.71 42.91
CA ASP A 891 11.45 -9.39 44.15
C ASP A 891 10.63 -10.65 43.88
N ARG A 892 9.56 -10.54 43.10
CA ARG A 892 8.63 -11.63 42.87
C ARG A 892 9.03 -12.54 41.71
N TYR A 893 10.31 -12.60 41.35
CA TYR A 893 10.72 -13.47 40.24
C TYR A 893 11.96 -14.28 40.59
N SER A 894 12.32 -14.38 41.87
CA SER A 894 13.44 -15.21 42.30
C SER A 894 13.13 -16.69 42.10
N LYS B 6 -33.48 -30.84 27.30
CA LYS B 6 -33.53 -31.75 28.44
C LYS B 6 -32.18 -31.78 29.16
N THR B 7 -31.11 -31.62 28.39
CA THR B 7 -29.77 -31.53 28.94
C THR B 7 -29.43 -30.07 29.23
N LEU B 8 -28.40 -29.87 30.06
CA LEU B 8 -28.03 -28.53 30.47
C LEU B 8 -27.55 -27.68 29.29
N GLY B 9 -26.83 -28.30 28.34
CA GLY B 9 -26.42 -27.58 27.16
C GLY B 9 -27.59 -27.09 26.33
N GLU B 10 -28.61 -27.95 26.15
CA GLU B 10 -29.82 -27.55 25.44
C GLU B 10 -30.49 -26.37 26.15
N VAL B 11 -30.51 -26.40 27.48
CA VAL B 11 -31.01 -25.26 28.25
C VAL B 11 -30.19 -24.01 27.97
N TRP B 12 -28.87 -24.17 27.84
CA TRP B 12 -28.02 -23.04 27.50
C TRP B 12 -28.38 -22.49 26.12
N LYS B 13 -28.76 -23.36 25.19
CA LYS B 13 -29.12 -22.90 23.85
C LYS B 13 -30.45 -22.14 23.87
N ARG B 14 -31.46 -22.70 24.52
CA ARG B 14 -32.73 -21.99 24.64
C ARG B 14 -32.55 -20.65 25.34
N GLU B 15 -31.98 -20.68 26.56
CA GLU B 15 -31.75 -19.47 27.32
C GLU B 15 -30.90 -18.46 26.56
N LEU B 16 -30.04 -18.95 25.66
CA LEU B 16 -29.24 -18.05 24.84
C LEU B 16 -30.09 -17.39 23.76
N ASN B 17 -30.94 -18.16 23.09
CA ASN B 17 -31.84 -17.59 22.10
C ASN B 17 -32.79 -16.58 22.72
N LEU B 18 -33.15 -16.77 23.99
CA LEU B 18 -34.09 -15.87 24.64
C LEU B 18 -33.51 -14.47 24.84
N LEU B 19 -32.19 -14.36 25.00
CA LEU B 19 -31.57 -13.07 25.25
C LEU B 19 -31.71 -12.14 24.04
N ASP B 20 -31.81 -10.85 24.32
CA ASP B 20 -31.90 -9.83 23.27
C ASP B 20 -30.50 -9.50 22.77
N LYS B 21 -30.38 -8.41 22.01
CA LYS B 21 -29.10 -8.06 21.40
C LYS B 21 -28.07 -7.67 22.45
N ARG B 22 -28.41 -6.76 23.36
CA ARG B 22 -27.42 -6.25 24.30
C ARG B 22 -26.96 -7.33 25.26
N GLN B 23 -27.89 -8.10 25.82
CA GLN B 23 -27.53 -9.19 26.72
C GLN B 23 -26.66 -10.23 26.01
N PHE B 24 -26.96 -10.50 24.74
CA PHE B 24 -26.09 -11.35 23.94
C PHE B 24 -24.69 -10.76 23.81
N GLU B 25 -24.59 -9.45 23.59
CA GLU B 25 -23.30 -8.83 23.39
C GLU B 25 -22.47 -8.81 24.67
N LEU B 26 -23.11 -8.70 25.84
CA LEU B 26 -22.36 -8.73 27.08
C LEU B 26 -22.06 -10.15 27.54
N TYR B 27 -22.91 -11.12 27.18
CA TYR B 27 -22.62 -12.51 27.50
C TYR B 27 -21.65 -13.15 26.50
N LYS B 28 -21.56 -12.60 25.29
CA LYS B 28 -20.63 -13.14 24.30
C LYS B 28 -19.19 -13.12 24.81
N ARG B 29 -18.81 -12.06 25.50
CA ARG B 29 -17.42 -11.82 25.88
C ARG B 29 -17.19 -11.93 27.38
N THR B 30 -18.10 -12.58 28.11
CA THR B 30 -18.03 -12.61 29.56
C THR B 30 -16.96 -13.61 30.01
N ASP B 31 -15.92 -13.09 30.64
CA ASP B 31 -14.83 -13.86 31.26
C ASP B 31 -14.03 -14.69 30.26
N ILE B 32 -14.16 -14.40 28.97
CA ILE B 32 -13.40 -15.11 27.94
C ILE B 32 -12.02 -14.48 27.80
N VAL B 33 -11.12 -15.17 27.11
CA VAL B 33 -9.82 -14.64 26.75
C VAL B 33 -9.90 -14.15 25.31
N GLU B 34 -9.47 -12.90 25.08
CA GLU B 34 -9.63 -12.26 23.78
C GLU B 34 -8.33 -11.57 23.38
N VAL B 35 -7.92 -11.79 22.14
CA VAL B 35 -6.82 -11.06 21.54
C VAL B 35 -7.39 -9.86 20.80
N ASP B 36 -6.64 -8.76 20.78
CA ASP B 36 -7.05 -7.57 20.03
C ASP B 36 -6.59 -7.72 18.59
N ARG B 37 -7.56 -7.78 17.67
CA ARG B 37 -7.28 -8.07 16.27
C ARG B 37 -7.13 -6.81 15.41
N ASP B 38 -7.31 -5.62 15.99
CA ASP B 38 -7.38 -4.40 15.19
C ASP B 38 -6.11 -4.19 14.38
N THR B 39 -4.95 -4.50 14.96
CA THR B 39 -3.68 -4.30 14.25
C THR B 39 -3.59 -5.21 13.04
N ALA B 40 -3.92 -6.49 13.21
CA ALA B 40 -3.86 -7.44 12.10
C ALA B 40 -4.92 -7.12 11.05
N ARG B 41 -6.12 -6.74 11.48
CA ARG B 41 -7.18 -6.37 10.54
C ARG B 41 -6.77 -5.16 9.71
N ARG B 42 -6.14 -4.18 10.34
CA ARG B 42 -5.64 -3.01 9.59
C ARG B 42 -4.52 -3.41 8.63
N HIS B 43 -3.59 -4.24 9.09
CA HIS B 43 -2.49 -4.68 8.23
C HIS B 43 -3.00 -5.42 7.00
N LEU B 44 -3.99 -6.30 7.19
CA LEU B 44 -4.47 -7.11 6.08
C LEU B 44 -5.44 -6.35 5.19
N ALA B 45 -6.13 -5.35 5.72
CA ALA B 45 -6.95 -4.48 4.88
C ALA B 45 -6.08 -3.70 3.91
N GLU B 46 -5.01 -3.07 4.41
CA GLU B 46 -4.10 -2.28 3.59
C GLU B 46 -3.24 -3.14 2.65
N GLY B 47 -3.38 -4.46 2.68
CA GLY B 47 -2.65 -5.32 1.79
C GLY B 47 -1.24 -5.68 2.22
N LYS B 48 -0.88 -5.43 3.47
CA LYS B 48 0.45 -5.77 3.96
C LYS B 48 0.50 -7.26 4.28
N VAL B 49 1.43 -7.97 3.66
CA VAL B 49 1.47 -9.43 3.79
C VAL B 49 2.85 -9.89 4.25
N ASP B 50 3.68 -8.94 4.70
CA ASP B 50 5.02 -9.27 5.20
C ASP B 50 5.19 -8.86 6.65
N THR B 51 4.09 -8.65 7.37
CA THR B 51 4.13 -8.28 8.77
C THR B 51 4.13 -9.49 9.70
N GLY B 52 3.60 -10.62 9.25
CA GLY B 52 3.58 -11.82 10.06
C GLY B 52 2.38 -11.97 10.97
N VAL B 53 1.39 -11.09 10.85
CA VAL B 53 0.22 -11.15 11.72
C VAL B 53 -0.65 -12.34 11.33
N ALA B 54 -1.32 -12.92 12.32
CA ALA B 54 -2.25 -14.01 12.06
C ALA B 54 -3.43 -13.52 11.23
N VAL B 55 -3.85 -14.34 10.27
CA VAL B 55 -4.90 -13.93 9.34
C VAL B 55 -6.30 -14.19 9.87
N SER B 56 -6.42 -14.70 11.10
CA SER B 56 -7.74 -14.99 11.64
C SER B 56 -7.63 -15.10 13.17
N ARG B 57 -8.78 -14.94 13.83
CA ARG B 57 -8.87 -15.16 15.27
C ARG B 57 -8.48 -16.58 15.64
N GLY B 58 -9.01 -17.56 14.89
CA GLY B 58 -8.83 -18.96 15.25
C GLY B 58 -7.39 -19.35 15.47
N THR B 59 -6.46 -18.69 14.76
CA THR B 59 -5.04 -18.95 14.96
C THR B 59 -4.68 -18.95 16.45
N ALA B 60 -5.01 -17.85 17.13
CA ALA B 60 -4.74 -17.76 18.57
C ALA B 60 -5.32 -18.96 19.30
N LYS B 61 -6.57 -19.30 18.97
CA LYS B 61 -7.21 -20.51 19.48
C LYS B 61 -6.25 -21.69 19.39
N LEU B 62 -5.86 -22.03 18.16
CA LEU B 62 -4.96 -23.17 17.97
C LEU B 62 -3.69 -23.00 18.79
N ARG B 63 -3.12 -21.78 18.79
CA ARG B 63 -1.89 -21.54 19.52
C ARG B 63 -2.02 -22.02 20.96
N TRP B 64 -3.16 -21.73 21.59
CA TRP B 64 -3.40 -22.20 22.95
C TRP B 64 -3.20 -23.71 23.01
N PHE B 65 -4.02 -24.45 22.26
CA PHE B 65 -3.91 -25.91 22.21
C PHE B 65 -2.48 -26.35 21.96
N HIS B 66 -1.72 -25.56 21.21
CA HIS B 66 -0.36 -25.97 20.87
C HIS B 66 0.58 -25.88 22.07
N GLU B 67 0.56 -24.75 22.78
CA GLU B 67 1.62 -24.50 23.74
C GLU B 67 1.33 -25.03 25.14
N ARG B 68 0.31 -25.88 25.28
CA ARG B 68 0.10 -26.61 26.54
C ARG B 68 -0.18 -28.09 26.28
N GLY B 69 0.34 -28.62 25.18
CA GLY B 69 0.35 -30.05 24.95
C GLY B 69 -0.94 -30.67 24.46
N TYR B 70 -2.03 -29.91 24.38
CA TYR B 70 -3.31 -30.49 23.95
C TYR B 70 -3.26 -30.99 22.52
N VAL B 71 -2.38 -30.42 21.68
CA VAL B 71 -2.17 -30.93 20.34
C VAL B 71 -0.72 -30.68 19.94
N LYS B 72 -0.12 -31.68 19.30
CA LYS B 72 1.19 -31.54 18.69
C LYS B 72 1.01 -31.32 17.19
N LEU B 73 1.83 -30.44 16.62
CA LEU B 73 1.81 -30.15 15.20
C LEU B 73 3.05 -30.77 14.59
N GLU B 74 2.86 -31.89 13.87
CA GLU B 74 3.98 -32.69 13.40
C GLU B 74 3.72 -33.18 11.98
N GLY B 75 4.74 -33.07 11.13
CA GLY B 75 4.73 -33.78 9.86
C GLY B 75 3.71 -33.23 8.88
N ARG B 76 2.91 -34.14 8.32
CA ARG B 76 1.92 -33.77 7.32
C ARG B 76 0.65 -33.29 8.00
N VAL B 77 0.29 -32.03 7.77
CA VAL B 77 -0.90 -31.42 8.37
C VAL B 77 -1.97 -31.30 7.29
N ILE B 78 -3.20 -31.69 7.65
CA ILE B 78 -4.36 -31.51 6.78
C ILE B 78 -5.39 -30.70 7.55
N ASP B 79 -5.85 -29.61 6.96
CA ASP B 79 -6.78 -28.70 7.61
C ASP B 79 -8.08 -28.68 6.81
N LEU B 80 -9.11 -29.33 7.34
CA LEU B 80 -10.43 -29.37 6.71
C LEU B 80 -11.22 -28.14 7.18
N GLY B 81 -11.53 -27.25 6.25
CA GLY B 81 -12.21 -26.02 6.59
C GLY B 81 -11.23 -24.95 7.05
N CYS B 82 -10.21 -24.70 6.24
CA CYS B 82 -9.14 -23.79 6.64
C CYS B 82 -9.58 -22.34 6.64
N GLY B 83 -10.62 -21.99 5.89
CA GLY B 83 -11.07 -20.61 5.84
C GLY B 83 -9.99 -19.71 5.27
N ARG B 84 -9.67 -18.64 6.01
CA ARG B 84 -8.58 -17.77 5.58
C ARG B 84 -7.24 -18.48 5.61
N GLY B 85 -7.07 -19.45 6.49
CA GLY B 85 -5.87 -20.25 6.56
C GLY B 85 -5.02 -20.10 7.81
N GLY B 86 -5.58 -19.54 8.90
CA GLY B 86 -4.77 -19.27 10.08
C GLY B 86 -4.13 -20.53 10.66
N TRP B 87 -4.88 -21.62 10.73
CA TRP B 87 -4.31 -22.86 11.25
C TRP B 87 -3.22 -23.40 10.34
N CYS B 88 -3.39 -23.24 9.03
CA CYS B 88 -2.36 -23.70 8.09
C CYS B 88 -1.07 -22.90 8.25
N TYR B 89 -1.18 -21.58 8.41
CA TYR B 89 0.03 -20.77 8.58
C TYR B 89 0.69 -21.03 9.92
N TYR B 90 -0.11 -21.09 11.00
CA TYR B 90 0.46 -21.38 12.31
C TYR B 90 1.15 -22.73 12.31
N ALA B 91 0.53 -23.74 11.71
CA ALA B 91 1.17 -25.05 11.62
C ALA B 91 2.44 -24.99 10.78
N ALA B 92 2.40 -24.25 9.67
CA ALA B 92 3.55 -24.15 8.79
C ALA B 92 4.71 -23.39 9.42
N ALA B 93 4.46 -22.57 10.44
CA ALA B 93 5.53 -21.86 11.13
C ALA B 93 6.26 -22.73 12.13
N GLN B 94 5.89 -23.99 12.27
CA GLN B 94 6.47 -24.89 13.27
C GLN B 94 7.51 -25.78 12.61
N LYS B 95 8.68 -25.88 13.24
CA LYS B 95 9.77 -26.68 12.70
C LYS B 95 9.36 -28.14 12.48
N GLU B 96 8.54 -28.67 13.39
CA GLU B 96 8.16 -30.09 13.37
C GLU B 96 7.20 -30.44 12.23
N VAL B 97 6.87 -29.51 11.35
CA VAL B 97 5.88 -29.72 10.31
C VAL B 97 6.58 -29.72 8.96
N SER B 98 6.21 -30.68 8.10
CA SER B 98 6.83 -30.81 6.79
C SER B 98 5.93 -30.36 5.65
N GLY B 99 4.61 -30.36 5.82
CA GLY B 99 3.71 -29.92 4.78
C GLY B 99 2.29 -29.72 5.29
N VAL B 100 1.54 -28.84 4.63
CA VAL B 100 0.17 -28.52 5.04
C VAL B 100 -0.70 -28.47 3.80
N LYS B 101 -1.78 -29.25 3.79
CA LYS B 101 -2.81 -29.16 2.76
C LYS B 101 -4.09 -28.64 3.41
N GLY B 102 -4.59 -27.51 2.90
CA GLY B 102 -5.80 -26.90 3.42
C GLY B 102 -6.92 -26.96 2.39
N PHE B 103 -8.11 -27.33 2.86
CA PHE B 103 -9.30 -27.38 2.02
C PHE B 103 -10.40 -26.56 2.67
N THR B 104 -11.18 -25.88 1.85
CA THR B 104 -12.28 -25.07 2.34
C THR B 104 -13.27 -24.84 1.20
N LEU B 105 -14.50 -24.47 1.56
CA LEU B 105 -15.47 -24.06 0.56
C LEU B 105 -15.02 -22.77 -0.11
N GLY B 106 -14.79 -21.72 0.68
CA GLY B 106 -14.23 -20.46 0.21
C GLY B 106 -14.84 -19.86 -1.04
N ARG B 107 -16.14 -20.04 -1.24
CA ARG B 107 -16.79 -19.53 -2.43
C ARG B 107 -18.13 -18.90 -2.07
N ASP B 108 -18.53 -17.92 -2.88
CA ASP B 108 -19.87 -17.32 -2.81
C ASP B 108 -20.13 -16.70 -1.44
N GLY B 109 -19.22 -15.84 -1.00
CA GLY B 109 -19.41 -15.14 0.25
C GLY B 109 -18.57 -15.68 1.39
N HIS B 110 -18.44 -17.01 1.47
CA HIS B 110 -17.66 -17.63 2.52
C HIS B 110 -16.20 -17.17 2.44
N GLU B 111 -15.49 -17.30 3.55
CA GLU B 111 -14.09 -16.88 3.58
C GLU B 111 -13.22 -17.86 2.80
N LYS B 112 -12.43 -17.26 1.91
CA LYS B 112 -11.50 -17.93 1.00
C LYS B 112 -10.07 -17.69 1.46
N PRO B 113 -9.14 -18.56 1.06
CA PRO B 113 -7.76 -18.58 1.56
C PRO B 113 -7.05 -17.25 1.34
N MET B 114 -6.04 -17.00 2.17
CA MET B 114 -5.31 -15.75 2.18
C MET B 114 -3.84 -16.02 1.89
N ASN B 115 -3.25 -15.19 1.03
CA ASN B 115 -1.85 -15.31 0.63
C ASN B 115 -1.02 -14.30 1.41
N VAL B 116 -0.19 -14.80 2.34
CA VAL B 116 0.69 -13.95 3.13
C VAL B 116 2.05 -14.62 3.21
N GLN B 117 3.06 -13.81 3.61
CA GLN B 117 4.45 -14.24 3.63
C GLN B 117 4.86 -14.90 4.93
N SER B 118 3.92 -15.28 5.78
CA SER B 118 4.26 -15.89 7.07
C SER B 118 5.11 -17.13 6.86
N LEU B 119 5.93 -17.45 7.86
CA LEU B 119 6.94 -18.49 7.72
C LEU B 119 6.30 -19.83 7.34
N GLY B 120 6.89 -20.48 6.33
CA GLY B 120 6.37 -21.74 5.85
C GLY B 120 5.24 -21.63 4.84
N TRP B 121 5.02 -20.46 4.26
CA TRP B 121 3.93 -20.29 3.31
C TRP B 121 4.09 -21.22 2.11
N ASN B 122 5.33 -21.55 1.76
CA ASN B 122 5.60 -22.36 0.56
C ASN B 122 5.30 -23.84 0.76
N ILE B 123 5.12 -24.29 2.00
CA ILE B 123 4.78 -25.68 2.28
C ILE B 123 3.29 -25.89 2.44
N ILE B 124 2.48 -24.84 2.21
CA ILE B 124 1.04 -24.92 2.30
C ILE B 124 0.47 -25.00 0.90
N THR B 125 -0.58 -25.80 0.74
CA THR B 125 -1.29 -25.96 -0.53
C THR B 125 -2.78 -25.83 -0.25
N PHE B 126 -3.36 -24.70 -0.66
CA PHE B 126 -4.78 -24.46 -0.48
C PHE B 126 -5.54 -25.01 -1.68
N LYS B 127 -6.75 -25.53 -1.41
CA LYS B 127 -7.62 -26.07 -2.45
C LYS B 127 -9.04 -25.64 -2.09
N ASP B 128 -9.51 -24.57 -2.73
CA ASP B 128 -10.83 -24.03 -2.46
C ASP B 128 -11.89 -24.74 -3.30
N LYS B 129 -13.15 -24.35 -3.09
CA LYS B 129 -14.29 -24.97 -3.76
C LYS B 129 -14.28 -26.49 -3.59
N THR B 130 -13.95 -26.93 -2.37
CA THR B 130 -13.86 -28.35 -2.04
C THR B 130 -14.79 -28.66 -0.88
N ASP B 131 -15.61 -29.69 -1.04
CA ASP B 131 -16.47 -30.17 0.03
C ASP B 131 -15.74 -31.31 0.73
N ILE B 132 -15.37 -31.09 1.99
CA ILE B 132 -14.60 -32.09 2.72
C ILE B 132 -15.43 -33.33 3.00
N HIS B 133 -16.77 -33.19 3.04
CA HIS B 133 -17.62 -34.34 3.30
C HIS B 133 -17.60 -35.32 2.13
N ARG B 134 -17.21 -34.87 0.95
CA ARG B 134 -16.99 -35.73 -0.21
C ARG B 134 -15.51 -35.95 -0.50
N LEU B 135 -14.62 -35.22 0.15
CA LEU B 135 -13.19 -35.32 -0.13
C LEU B 135 -12.66 -36.66 0.38
N GLU B 136 -12.05 -37.43 -0.51
CA GLU B 136 -11.52 -38.73 -0.14
C GLU B 136 -10.41 -38.57 0.88
N PRO B 137 -10.44 -39.30 1.99
CA PRO B 137 -9.40 -39.13 3.02
C PRO B 137 -8.01 -39.41 2.46
N VAL B 138 -7.05 -38.63 2.93
CA VAL B 138 -5.64 -38.78 2.57
C VAL B 138 -4.85 -39.13 3.82
N LYS B 139 -3.67 -39.70 3.61
CA LYS B 139 -2.78 -40.02 4.72
C LYS B 139 -2.12 -38.76 5.25
N CYS B 140 -2.13 -38.60 6.57
CA CYS B 140 -1.48 -37.46 7.20
C CYS B 140 -0.96 -37.88 8.58
N ASP B 141 -0.36 -36.91 9.27
CA ASP B 141 0.10 -37.10 10.64
C ASP B 141 -0.54 -36.14 11.62
N THR B 142 -1.20 -35.09 11.15
CA THR B 142 -1.86 -34.12 12.00
C THR B 142 -3.15 -33.68 11.29
N LEU B 143 -4.28 -33.97 11.92
CA LEU B 143 -5.59 -33.69 11.34
C LEU B 143 -6.24 -32.56 12.10
N LEU B 144 -6.46 -31.44 11.41
CA LEU B 144 -7.13 -30.28 11.97
C LEU B 144 -8.47 -30.09 11.25
N CYS B 145 -9.50 -29.73 12.01
CA CYS B 145 -10.79 -29.42 11.43
C CYS B 145 -11.48 -28.40 12.32
N ASP B 146 -11.97 -27.32 11.72
CA ASP B 146 -12.60 -26.22 12.44
C ASP B 146 -13.93 -25.88 11.81
N ILE B 147 -14.70 -26.91 11.45
CA ILE B 147 -15.95 -26.74 10.70
C ILE B 147 -17.14 -26.85 11.65
N GLY B 148 -18.18 -26.08 11.34
CA GLY B 148 -19.44 -26.13 12.05
C GLY B 148 -20.06 -24.75 12.12
N GLU B 149 -21.32 -24.62 11.70
CA GLU B 149 -21.99 -23.34 11.62
C GLU B 149 -23.02 -23.23 12.74
N SER B 150 -22.97 -22.13 13.47
CA SER B 150 -23.89 -21.92 14.59
C SER B 150 -25.30 -21.66 14.08
N SER B 151 -26.24 -22.48 14.53
CA SER B 151 -27.66 -22.31 14.24
C SER B 151 -28.40 -21.97 15.53
N SER B 152 -29.68 -21.61 15.38
CA SER B 152 -30.50 -21.30 16.54
C SER B 152 -31.20 -22.53 17.10
N SER B 153 -31.40 -23.56 16.29
CA SER B 153 -31.97 -24.82 16.75
C SER B 153 -30.82 -25.75 17.13
N SER B 154 -30.85 -26.26 18.37
CA SER B 154 -29.84 -27.20 18.82
C SER B 154 -29.89 -28.51 18.03
N VAL B 155 -31.03 -28.84 17.43
CA VAL B 155 -31.10 -30.02 16.58
C VAL B 155 -30.22 -29.85 15.35
N THR B 156 -30.27 -28.67 14.72
CA THR B 156 -29.43 -28.40 13.57
C THR B 156 -27.95 -28.47 13.95
N GLU B 157 -27.58 -27.83 15.07
CA GLU B 157 -26.20 -27.90 15.54
C GLU B 157 -25.76 -29.33 15.78
N GLY B 158 -26.65 -30.15 16.34
CA GLY B 158 -26.32 -31.55 16.56
C GLY B 158 -26.11 -32.31 15.26
N GLU B 159 -26.97 -32.07 14.28
CA GLU B 159 -26.85 -32.75 12.99
C GLU B 159 -25.58 -32.35 12.27
N ARG B 160 -25.28 -31.05 12.23
CA ARG B 160 -24.03 -30.58 11.65
C ARG B 160 -22.83 -31.20 12.37
N THR B 161 -22.91 -31.30 13.69
CA THR B 161 -21.80 -31.85 14.47
C THR B 161 -21.59 -33.33 14.17
N VAL B 162 -22.67 -34.11 14.09
CA VAL B 162 -22.52 -35.53 13.80
C VAL B 162 -22.09 -35.75 12.36
N ARG B 163 -22.43 -34.82 11.46
CA ARG B 163 -21.90 -34.90 10.10
C ARG B 163 -20.39 -34.69 10.08
N VAL B 164 -19.93 -33.61 10.72
CA VAL B 164 -18.50 -33.33 10.79
C VAL B 164 -17.76 -34.50 11.41
N LEU B 165 -18.20 -34.92 12.60
CA LEU B 165 -17.55 -36.05 13.27
C LEU B 165 -17.63 -37.32 12.44
N ASP B 166 -18.69 -37.50 11.66
CA ASP B 166 -18.83 -38.68 10.82
C ASP B 166 -17.73 -38.71 9.75
N THR B 167 -17.50 -37.58 9.07
CA THR B 167 -16.42 -37.53 8.09
C THR B 167 -15.05 -37.65 8.77
N VAL B 168 -14.89 -36.95 9.90
CA VAL B 168 -13.61 -36.98 10.62
C VAL B 168 -13.26 -38.40 11.03
N GLU B 169 -14.26 -39.21 11.38
CA GLU B 169 -13.97 -40.60 11.72
C GLU B 169 -13.30 -41.32 10.55
N LYS B 170 -13.80 -41.08 9.33
CA LYS B 170 -13.15 -41.65 8.16
C LYS B 170 -11.71 -41.15 8.03
N TRP B 171 -11.48 -39.85 8.26
CA TRP B 171 -10.12 -39.36 8.14
C TRP B 171 -9.20 -39.93 9.22
N LEU B 172 -9.74 -40.22 10.41
CA LEU B 172 -8.93 -40.79 11.48
C LEU B 172 -8.64 -42.27 11.24
N ALA B 173 -9.57 -42.99 10.61
CA ALA B 173 -9.35 -44.40 10.29
C ALA B 173 -8.03 -44.62 9.56
N CYS B 174 -7.64 -43.67 8.70
CA CYS B 174 -6.39 -43.80 7.96
C CYS B 174 -5.16 -43.75 8.87
N GLY B 175 -5.33 -43.33 10.12
CA GLY B 175 -4.25 -43.37 11.09
C GLY B 175 -3.53 -42.06 11.27
N VAL B 176 -4.00 -41.22 12.18
CA VAL B 176 -3.38 -39.92 12.46
C VAL B 176 -2.74 -39.99 13.85
N ASP B 177 -1.65 -39.24 14.00
CA ASP B 177 -0.98 -39.17 15.30
C ASP B 177 -1.62 -38.10 16.19
N ASN B 178 -1.97 -36.95 15.61
CA ASN B 178 -2.54 -35.84 16.36
C ASN B 178 -3.74 -35.29 15.61
N PHE B 179 -4.65 -34.67 16.35
CA PHE B 179 -5.83 -34.08 15.75
C PHE B 179 -6.41 -33.01 16.66
N CYS B 180 -7.16 -32.09 16.03
CA CYS B 180 -7.90 -31.05 16.74
C CYS B 180 -9.16 -30.78 15.92
N VAL B 181 -10.30 -31.27 16.40
CA VAL B 181 -11.54 -31.26 15.62
C VAL B 181 -12.59 -30.45 16.38
N LYS B 182 -13.22 -29.50 15.69
CA LYS B 182 -14.20 -28.61 16.29
C LYS B 182 -15.52 -29.36 16.49
N VAL B 183 -15.85 -29.64 17.74
CA VAL B 183 -17.18 -30.14 18.11
C VAL B 183 -18.04 -28.93 18.45
N LEU B 184 -18.99 -28.61 17.58
CA LEU B 184 -19.77 -27.39 17.73
C LEU B 184 -20.78 -27.52 18.87
N ALA B 185 -21.59 -28.58 18.86
CA ALA B 185 -22.61 -28.82 19.87
C ALA B 185 -22.32 -30.14 20.56
N PRO B 186 -21.39 -30.16 21.53
CA PRO B 186 -21.07 -31.40 22.24
C PRO B 186 -22.10 -31.79 23.29
N TYR B 187 -23.14 -30.99 23.47
CA TYR B 187 -24.17 -31.25 24.47
C TYR B 187 -25.31 -32.11 23.95
N MET B 188 -25.36 -32.38 22.64
CA MET B 188 -26.45 -33.18 22.11
C MET B 188 -26.18 -34.66 22.36
N PRO B 189 -27.23 -35.45 22.63
CA PRO B 189 -27.00 -36.87 23.00
C PRO B 189 -26.28 -37.66 21.93
N ASP B 190 -26.71 -37.54 20.67
CA ASP B 190 -26.02 -38.23 19.58
C ASP B 190 -24.56 -37.82 19.51
N VAL B 191 -24.28 -36.53 19.70
CA VAL B 191 -22.90 -36.05 19.70
C VAL B 191 -22.13 -36.65 20.87
N LEU B 192 -22.78 -36.80 22.03
CA LEU B 192 -22.10 -37.40 23.18
C LEU B 192 -21.74 -38.86 22.90
N GLU B 193 -22.68 -39.61 22.31
CA GLU B 193 -22.42 -41.01 21.98
C GLU B 193 -21.28 -41.12 20.97
N LYS B 194 -21.37 -40.37 19.88
CA LYS B 194 -20.30 -40.38 18.88
C LYS B 194 -18.95 -39.99 19.49
N LEU B 195 -18.94 -38.96 20.34
CA LEU B 195 -17.70 -38.54 20.99
C LEU B 195 -17.11 -39.68 21.82
N GLU B 196 -17.93 -40.37 22.61
CA GLU B 196 -17.38 -41.44 23.44
C GLU B 196 -16.89 -42.61 22.58
N LEU B 197 -17.63 -42.97 21.53
CA LEU B 197 -17.18 -44.03 20.64
C LEU B 197 -15.85 -43.66 19.98
N LEU B 198 -15.75 -42.44 19.48
CA LEU B 198 -14.48 -41.96 18.92
C LEU B 198 -13.37 -41.99 19.95
N GLN B 199 -13.71 -41.73 21.22
CA GLN B 199 -12.70 -41.82 22.28
C GLN B 199 -12.26 -43.27 22.49
N ARG B 200 -13.19 -44.22 22.29
CA ARG B 200 -12.82 -45.62 22.39
C ARG B 200 -11.92 -46.04 21.24
N ARG B 201 -12.15 -45.48 20.04
CA ARG B 201 -11.44 -45.92 18.86
C ARG B 201 -10.12 -45.19 18.62
N PHE B 202 -9.98 -43.94 19.11
CA PHE B 202 -8.82 -43.12 18.80
C PHE B 202 -8.18 -42.45 20.00
N GLY B 203 -8.86 -42.34 21.13
CA GLY B 203 -8.32 -41.65 22.28
C GLY B 203 -8.74 -40.19 22.32
N GLY B 204 -7.95 -39.40 23.04
CA GLY B 204 -8.21 -37.98 23.13
C GLY B 204 -9.46 -37.66 23.95
N THR B 205 -9.82 -36.38 23.95
CA THR B 205 -11.02 -35.92 24.63
C THR B 205 -11.37 -34.54 24.10
N VAL B 206 -12.45 -33.97 24.65
CA VAL B 206 -12.90 -32.63 24.27
C VAL B 206 -12.42 -31.63 25.30
N ILE B 207 -12.01 -30.46 24.82
CA ILE B 207 -11.49 -29.39 25.68
C ILE B 207 -12.13 -28.08 25.24
N ARG B 208 -12.74 -27.38 26.19
CA ARG B 208 -13.24 -26.03 25.93
C ARG B 208 -12.06 -25.07 25.83
N ASN B 209 -12.04 -24.28 24.76
CA ASN B 209 -10.97 -23.31 24.56
C ASN B 209 -11.36 -21.99 25.20
N PRO B 210 -10.57 -21.44 26.12
CA PRO B 210 -10.95 -20.18 26.78
C PRO B 210 -11.00 -18.99 25.84
N LEU B 211 -10.53 -19.12 24.61
CA LEU B 211 -10.70 -18.06 23.62
C LEU B 211 -12.03 -18.13 22.89
N SER B 212 -12.76 -19.23 23.02
CA SER B 212 -14.09 -19.32 22.42
C SER B 212 -15.05 -18.40 23.14
N ARG B 213 -15.83 -17.65 22.37
CA ARG B 213 -16.85 -16.79 22.95
C ARG B 213 -17.93 -17.63 23.61
N ASN B 214 -18.50 -17.10 24.70
CA ASN B 214 -19.56 -17.79 25.42
C ASN B 214 -20.83 -17.93 24.59
N SER B 215 -20.89 -17.28 23.42
CA SER B 215 -22.04 -17.40 22.54
C SER B 215 -22.09 -18.72 21.79
N THR B 216 -21.05 -19.55 21.91
CA THR B 216 -21.02 -20.86 21.30
C THR B 216 -20.57 -21.88 22.33
N HIS B 217 -21.13 -23.09 22.25
CA HIS B 217 -20.80 -24.18 23.15
C HIS B 217 -19.69 -25.07 22.60
N GLU B 218 -18.87 -24.54 21.70
CA GLU B 218 -17.92 -25.39 20.99
C GLU B 218 -16.79 -25.83 21.91
N MET B 219 -16.42 -27.11 21.77
CA MET B 219 -15.24 -27.67 22.40
C MET B 219 -14.45 -28.39 21.32
N TYR B 220 -13.24 -28.84 21.64
CA TYR B 220 -12.36 -29.39 20.62
C TYR B 220 -11.90 -30.78 21.01
N TYR B 221 -12.22 -31.76 20.15
CA TYR B 221 -11.71 -33.12 20.24
C TYR B 221 -10.23 -33.10 19.87
N VAL B 222 -9.36 -33.13 20.87
CA VAL B 222 -7.93 -33.12 20.69
C VAL B 222 -7.35 -34.43 21.20
N SER B 223 -6.13 -34.72 20.76
CA SER B 223 -5.45 -35.98 21.05
C SER B 223 -4.47 -35.87 22.21
N GLY B 224 -4.27 -34.68 22.77
CA GLY B 224 -3.25 -34.47 23.77
C GLY B 224 -3.74 -34.46 25.20
N ALA B 225 -4.90 -35.06 25.44
CA ALA B 225 -5.45 -35.11 26.79
C ALA B 225 -6.52 -36.19 26.85
N ARG B 226 -6.84 -36.60 28.08
CA ARG B 226 -7.93 -37.54 28.34
C ARG B 226 -8.77 -37.02 29.49
N SER B 227 -10.06 -37.37 29.46
CA SER B 227 -11.01 -36.99 30.50
C SER B 227 -12.31 -37.72 30.21
N ASN B 228 -13.27 -37.56 31.12
CA ASN B 228 -14.61 -38.09 30.92
C ASN B 228 -15.40 -37.11 30.06
N VAL B 229 -15.78 -37.54 28.85
CA VAL B 229 -16.43 -36.64 27.89
C VAL B 229 -17.65 -36.00 28.51
N THR B 230 -18.62 -36.81 28.94
CA THR B 230 -19.85 -36.29 29.52
C THR B 230 -19.55 -35.34 30.67
N PHE B 231 -18.58 -35.70 31.52
CA PHE B 231 -18.28 -34.89 32.69
C PHE B 231 -17.79 -33.51 32.30
N THR B 232 -16.77 -33.43 31.46
CA THR B 232 -16.20 -32.13 31.12
C THR B 232 -17.14 -31.32 30.24
N VAL B 233 -17.96 -31.98 29.41
CA VAL B 233 -18.95 -31.25 28.61
C VAL B 233 -20.00 -30.62 29.52
N ASN B 234 -20.50 -31.38 30.50
CA ASN B 234 -21.50 -30.82 31.41
C ASN B 234 -20.89 -29.79 32.36
N GLN B 235 -19.59 -29.92 32.65
CA GLN B 235 -18.92 -28.88 33.42
C GLN B 235 -18.82 -27.58 32.62
N THR B 236 -18.52 -27.68 31.32
CA THR B 236 -18.46 -26.49 30.49
C THR B 236 -19.85 -25.87 30.33
N SER B 237 -20.88 -26.71 30.24
CA SER B 237 -22.25 -26.20 30.25
C SER B 237 -22.55 -25.44 31.55
N ARG B 238 -22.17 -26.04 32.69
CA ARG B 238 -22.34 -25.38 33.97
C ARG B 238 -21.66 -24.01 34.00
N LEU B 239 -20.41 -23.95 33.54
CA LEU B 239 -19.68 -22.68 33.53
C LEU B 239 -20.36 -21.67 32.62
N LEU B 240 -20.85 -22.12 31.45
CA LEU B 240 -21.53 -21.21 30.54
C LEU B 240 -22.81 -20.66 31.16
N MET B 241 -23.50 -21.48 31.94
CA MET B 241 -24.72 -21.02 32.60
C MET B 241 -24.40 -20.02 33.71
N ARG B 242 -23.43 -20.35 34.57
CA ARG B 242 -22.97 -19.39 35.56
C ARG B 242 -22.53 -18.08 34.93
N ARG B 243 -22.03 -18.13 33.69
CA ARG B 243 -21.67 -16.91 33.01
C ARG B 243 -22.88 -16.19 32.44
N MET B 244 -23.94 -16.93 32.07
CA MET B 244 -25.17 -16.26 31.67
C MET B 244 -25.82 -15.56 32.84
N ARG B 245 -25.73 -16.12 34.05
CA ARG B 245 -26.27 -15.43 35.22
C ARG B 245 -25.41 -14.26 35.65
N ARG B 246 -24.12 -14.25 35.30
CA ARG B 246 -23.22 -13.12 35.56
C ARG B 246 -22.74 -12.54 34.24
N PRO B 247 -23.59 -11.78 33.53
CA PRO B 247 -23.17 -11.21 32.23
C PRO B 247 -22.42 -9.89 32.39
N THR B 248 -21.13 -9.99 32.73
CA THR B 248 -20.32 -8.82 33.01
C THR B 248 -19.52 -8.34 31.80
N GLY B 249 -19.25 -9.20 30.84
CA GLY B 249 -18.51 -8.83 29.64
C GLY B 249 -17.08 -8.39 29.88
N LYS B 250 -16.56 -8.63 31.08
CA LYS B 250 -15.17 -8.31 31.38
C LYS B 250 -14.26 -9.37 30.77
N VAL B 251 -13.30 -8.93 29.97
CA VAL B 251 -12.47 -9.83 29.16
C VAL B 251 -11.08 -9.92 29.76
N THR B 252 -10.49 -11.10 29.65
CA THR B 252 -9.09 -11.29 29.96
C THR B 252 -8.26 -11.11 28.70
N LEU B 253 -7.10 -10.47 28.84
CA LEU B 253 -6.34 -9.99 27.70
C LEU B 253 -5.22 -10.97 27.36
N GLU B 254 -4.99 -11.14 26.06
CA GLU B 254 -3.91 -11.99 25.57
C GLU B 254 -3.39 -11.41 24.25
N ALA B 255 -2.09 -11.59 24.03
CA ALA B 255 -1.45 -10.99 22.87
C ALA B 255 -1.78 -11.77 21.60
N ASP B 256 -2.03 -11.03 20.52
CA ASP B 256 -2.27 -11.66 19.24
C ASP B 256 -0.99 -12.34 18.74
N VAL B 257 -1.13 -13.09 17.65
CA VAL B 257 -0.06 -13.95 17.17
C VAL B 257 0.73 -13.20 16.10
N ILE B 258 2.04 -13.11 16.30
CA ILE B 258 2.98 -12.59 15.31
C ILE B 258 3.96 -13.70 14.97
N LEU B 259 3.93 -14.16 13.72
CA LEU B 259 4.80 -15.20 13.22
C LEU B 259 5.89 -14.61 12.33
N PRO B 260 7.00 -15.32 12.16
CA PRO B 260 8.05 -14.82 11.25
C PRO B 260 7.66 -15.01 9.80
N ILE B 261 8.49 -14.47 8.92
CA ILE B 261 8.24 -14.51 7.49
C ILE B 261 9.37 -15.28 6.83
N GLY B 262 9.13 -15.75 5.61
CA GLY B 262 10.13 -16.40 4.81
C GLY B 262 9.69 -17.78 4.36
N THR B 263 10.60 -18.44 3.64
CA THR B 263 10.37 -19.77 3.11
C THR B 263 11.03 -20.83 3.99
N ARG B 264 10.67 -22.09 3.73
CA ARG B 264 11.23 -23.22 4.43
C ARG B 264 11.76 -24.23 3.43
N SER B 265 12.70 -25.06 3.88
CA SER B 265 13.19 -26.15 3.06
C SER B 265 12.11 -27.20 2.84
N VAL B 266 12.27 -27.99 1.78
CA VAL B 266 11.31 -29.03 1.43
C VAL B 266 12.07 -30.20 0.80
N GLU B 267 11.40 -31.35 0.75
CA GLU B 267 11.96 -32.52 0.07
C GLU B 267 12.10 -32.25 -1.42
N THR B 268 13.24 -32.65 -1.98
CA THR B 268 13.58 -32.35 -3.36
C THR B 268 13.44 -33.59 -4.25
N ASP B 269 13.17 -33.34 -5.52
CA ASP B 269 13.12 -34.37 -6.57
C ASP B 269 13.92 -33.90 -7.78
N LYS B 270 15.15 -33.45 -7.53
CA LYS B 270 15.96 -32.82 -8.56
C LYS B 270 16.42 -33.84 -9.60
N GLY B 271 16.54 -33.38 -10.85
CA GLY B 271 17.00 -34.21 -11.93
C GLY B 271 18.49 -34.03 -12.20
N PRO B 272 18.95 -34.49 -13.36
CA PRO B 272 20.37 -34.40 -13.68
C PRO B 272 20.85 -32.96 -13.79
N LEU B 273 22.10 -32.74 -13.36
CA LEU B 273 22.75 -31.44 -13.49
C LEU B 273 24.21 -31.64 -13.87
N ASP B 274 24.64 -30.97 -14.94
CA ASP B 274 26.04 -30.97 -15.36
C ASP B 274 26.70 -29.79 -14.65
N LYS B 275 27.23 -30.05 -13.45
CA LYS B 275 27.81 -29.00 -12.64
C LYS B 275 28.90 -28.24 -13.38
N GLU B 276 29.76 -28.97 -14.11
CA GLU B 276 30.84 -28.33 -14.84
C GLU B 276 30.32 -27.34 -15.88
N ALA B 277 29.12 -27.55 -16.40
CA ALA B 277 28.60 -26.69 -17.45
C ALA B 277 28.16 -25.34 -16.90
N ILE B 278 27.60 -25.31 -15.69
CA ILE B 278 27.15 -24.07 -15.07
C ILE B 278 28.15 -23.54 -14.06
N GLU B 279 29.27 -24.23 -13.86
CA GLU B 279 30.22 -23.85 -12.82
C GLU B 279 30.79 -22.45 -13.05
N GLU B 280 31.15 -22.14 -14.30
CA GLU B 280 31.77 -20.85 -14.59
C GLU B 280 30.79 -19.70 -14.38
N ARG B 281 29.55 -19.86 -14.81
CA ARG B 281 28.56 -18.79 -14.70
C ARG B 281 28.19 -18.52 -13.24
N VAL B 282 27.97 -19.56 -12.45
CA VAL B 282 27.56 -19.34 -11.06
C VAL B 282 28.69 -18.74 -10.24
N GLU B 283 29.95 -19.05 -10.60
CA GLU B 283 31.07 -18.47 -9.86
C GLU B 283 31.29 -17.00 -10.20
N ARG B 284 30.95 -16.58 -11.43
CA ARG B 284 31.01 -15.17 -11.77
C ARG B 284 29.97 -14.37 -10.99
N ILE B 285 28.74 -14.89 -10.92
CA ILE B 285 27.72 -14.25 -10.09
C ILE B 285 28.17 -14.19 -8.64
N LYS B 286 28.78 -15.27 -8.15
CA LYS B 286 29.26 -15.31 -6.77
C LYS B 286 30.35 -14.27 -6.53
N SER B 287 31.19 -14.00 -7.53
CA SER B 287 32.28 -13.05 -7.35
C SER B 287 31.79 -11.61 -7.44
N GLU B 288 30.82 -11.34 -8.32
CA GLU B 288 30.31 -9.99 -8.48
C GLU B 288 29.50 -9.54 -7.27
N TYR B 289 28.98 -10.47 -6.49
CA TYR B 289 28.16 -10.17 -5.31
C TYR B 289 28.73 -10.85 -4.08
N MET B 290 30.05 -10.69 -3.88
CA MET B 290 30.72 -11.32 -2.74
C MET B 290 30.15 -10.87 -1.40
N THR B 291 29.70 -9.62 -1.31
CA THR B 291 29.28 -9.07 -0.03
C THR B 291 27.97 -9.65 0.48
N SER B 292 27.12 -10.19 -0.39
CA SER B 292 25.83 -10.71 0.02
C SER B 292 25.65 -12.20 -0.26
N TRP B 293 26.57 -12.83 -0.99
CA TRP B 293 26.38 -14.22 -1.40
C TRP B 293 26.31 -15.14 -0.19
N PHE B 294 25.42 -16.13 -0.27
CA PHE B 294 25.25 -17.12 0.79
C PHE B 294 24.33 -18.22 0.29
N TYR B 295 24.43 -19.39 0.92
CA TYR B 295 23.56 -20.52 0.65
C TYR B 295 22.42 -20.49 1.66
N ASP B 296 21.21 -20.20 1.18
CA ASP B 296 20.05 -20.13 2.04
C ASP B 296 19.54 -21.54 2.31
N ASN B 297 19.63 -21.97 3.57
CA ASN B 297 19.11 -23.28 3.95
C ASN B 297 17.59 -23.31 4.02
N ASP B 298 16.93 -22.21 3.66
CA ASP B 298 15.48 -22.13 3.63
C ASP B 298 14.95 -21.97 2.20
N ASN B 299 15.74 -22.37 1.21
CA ASN B 299 15.31 -22.23 -0.17
C ASN B 299 14.13 -23.17 -0.46
N PRO B 300 13.12 -22.71 -1.19
CA PRO B 300 11.92 -23.52 -1.42
C PRO B 300 11.99 -24.43 -2.63
N TYR B 301 13.13 -24.49 -3.32
CA TYR B 301 13.22 -25.17 -4.60
C TYR B 301 13.35 -26.67 -4.41
N ARG B 302 12.38 -27.42 -4.91
CA ARG B 302 12.37 -28.88 -4.83
C ARG B 302 12.80 -29.56 -6.13
N THR B 303 12.42 -29.00 -7.28
CA THR B 303 12.73 -29.62 -8.56
C THR B 303 13.80 -28.88 -9.34
N TRP B 304 14.13 -27.65 -8.96
CA TRP B 304 15.24 -26.91 -9.54
C TRP B 304 16.46 -27.07 -8.64
N HIS B 305 17.63 -27.25 -9.25
CA HIS B 305 18.87 -27.26 -8.48
C HIS B 305 19.15 -25.85 -7.98
N TYR B 306 19.26 -25.70 -6.66
CA TYR B 306 19.55 -24.40 -6.05
C TYR B 306 21.03 -24.30 -5.75
N CYS B 307 21.64 -23.20 -6.17
CA CYS B 307 23.08 -23.00 -6.05
C CYS B 307 23.48 -21.93 -5.05
N GLY B 308 22.64 -20.93 -4.82
CA GLY B 308 22.99 -19.85 -3.91
C GLY B 308 22.20 -18.61 -4.21
N SER B 309 22.32 -17.64 -3.29
CA SER B 309 21.55 -16.41 -3.38
C SER B 309 22.38 -15.22 -2.93
N TYR B 310 22.01 -14.04 -3.42
CA TYR B 310 22.50 -12.76 -2.92
C TYR B 310 21.31 -11.83 -2.75
N VAL B 311 21.58 -10.57 -2.39
CA VAL B 311 20.54 -9.65 -1.94
C VAL B 311 20.51 -8.43 -2.85
N THR B 312 19.31 -8.06 -3.29
CA THR B 312 19.07 -6.81 -4.04
C THR B 312 17.81 -6.15 -3.48
N LYS B 313 17.38 -5.10 -4.17
CA LYS B 313 16.11 -4.45 -3.86
C LYS B 313 14.96 -5.21 -4.52
N THR B 314 13.80 -5.14 -3.88
CA THR B 314 12.58 -5.70 -4.46
C THR B 314 12.15 -4.89 -5.67
N SER B 315 11.26 -5.48 -6.47
CA SER B 315 10.78 -4.84 -7.69
C SER B 315 9.32 -5.25 -7.91
N GLY B 316 8.73 -4.70 -8.96
CA GLY B 316 7.36 -5.03 -9.32
C GLY B 316 6.31 -4.47 -8.39
N SER B 317 5.05 -4.53 -8.81
CA SER B 317 3.93 -4.05 -8.01
C SER B 317 2.82 -5.10 -8.03
N ALA B 318 2.04 -5.13 -6.94
CA ALA B 318 0.89 -6.01 -6.84
C ALA B 318 -0.45 -5.29 -7.02
N ALA B 319 -0.44 -3.97 -7.12
CA ALA B 319 -1.68 -3.22 -7.23
C ALA B 319 -2.19 -3.16 -8.66
N SER B 320 -3.51 -3.05 -8.79
CA SER B 320 -4.18 -2.84 -10.07
C SER B 320 -4.95 -1.53 -10.00
N MET B 321 -4.57 -0.57 -10.83
CA MET B 321 -5.28 0.70 -10.92
C MET B 321 -6.39 0.61 -11.95
N VAL B 322 -7.44 1.39 -11.71
CA VAL B 322 -8.63 1.37 -12.55
C VAL B 322 -8.51 2.48 -13.58
N ASN B 323 -8.68 2.13 -14.85
CA ASN B 323 -8.73 3.13 -15.90
C ASN B 323 -10.04 3.91 -15.78
N GLY B 324 -9.92 5.21 -15.50
CA GLY B 324 -11.09 5.96 -15.06
C GLY B 324 -12.13 6.13 -16.15
N VAL B 325 -11.71 6.59 -17.33
CA VAL B 325 -12.67 6.85 -18.40
C VAL B 325 -13.32 5.57 -18.88
N ILE B 326 -12.53 4.49 -19.00
CA ILE B 326 -13.11 3.19 -19.36
C ILE B 326 -14.05 2.71 -18.26
N LYS B 327 -13.68 2.91 -17.00
CA LYS B 327 -14.55 2.43 -15.92
C LYS B 327 -15.85 3.22 -15.85
N ILE B 328 -15.82 4.52 -16.16
CA ILE B 328 -17.03 5.31 -16.12
C ILE B 328 -17.92 5.01 -17.33
N LEU B 329 -17.32 4.90 -18.52
CA LEU B 329 -18.11 4.60 -19.72
C LEU B 329 -18.63 3.17 -19.71
N THR B 330 -17.91 2.24 -19.08
CA THR B 330 -18.33 0.85 -18.95
C THR B 330 -19.09 0.62 -17.65
N TYR B 331 -19.79 1.65 -17.19
CA TYR B 331 -20.49 1.57 -15.91
C TYR B 331 -21.52 0.44 -15.80
N PRO B 332 -22.34 0.13 -16.82
CA PRO B 332 -23.34 -0.94 -16.65
C PRO B 332 -22.75 -2.28 -16.26
N TRP B 333 -21.43 -2.45 -16.34
CA TRP B 333 -20.76 -3.69 -15.97
C TRP B 333 -20.20 -3.64 -14.55
N ASP B 334 -20.46 -2.55 -13.80
CA ASP B 334 -19.88 -2.42 -12.47
C ASP B 334 -20.30 -3.53 -11.52
N ARG B 335 -21.41 -4.21 -11.80
CA ARG B 335 -21.91 -5.26 -10.91
C ARG B 335 -21.67 -6.67 -11.44
N ILE B 336 -21.19 -6.79 -12.68
CA ILE B 336 -20.85 -8.11 -13.22
C ILE B 336 -19.50 -8.53 -12.65
N GLU B 337 -19.43 -9.78 -12.16
CA GLU B 337 -18.18 -10.26 -11.58
C GLU B 337 -17.16 -10.66 -12.65
N GLU B 338 -17.61 -11.05 -13.84
CA GLU B 338 -16.69 -11.50 -14.88
C GLU B 338 -15.76 -10.38 -15.34
N VAL B 339 -16.15 -9.13 -15.14
CA VAL B 339 -15.33 -7.97 -15.51
C VAL B 339 -14.56 -7.40 -14.33
N THR B 340 -15.22 -7.26 -13.18
CA THR B 340 -14.57 -6.65 -12.02
C THR B 340 -13.49 -7.54 -11.43
N ARG B 341 -13.63 -8.86 -11.55
CA ARG B 341 -12.64 -9.80 -11.02
C ARG B 341 -11.32 -9.74 -11.77
N MET B 342 -11.22 -8.99 -12.86
CA MET B 342 -9.98 -8.87 -13.59
C MET B 342 -9.05 -7.86 -12.93
N ALA B 343 -7.77 -8.20 -12.86
CA ALA B 343 -6.80 -7.36 -12.16
C ALA B 343 -5.42 -7.65 -12.72
N MET B 344 -4.45 -6.85 -12.28
CA MET B 344 -3.07 -7.03 -12.68
C MET B 344 -2.44 -8.22 -11.96
N THR B 345 -1.33 -8.69 -12.51
CA THR B 345 -0.60 -9.82 -11.93
C THR B 345 0.44 -9.30 -10.94
N ASP B 346 0.56 -10.00 -9.81
CA ASP B 346 1.51 -9.64 -8.78
C ASP B 346 2.92 -9.94 -9.25
N THR B 347 3.67 -8.90 -9.61
CA THR B 347 5.06 -9.07 -10.06
C THR B 347 6.07 -8.91 -8.94
N THR B 348 5.62 -8.70 -7.71
CA THR B 348 6.53 -8.73 -6.57
C THR B 348 7.15 -10.12 -6.48
N PRO B 349 8.36 -10.23 -5.90
CA PRO B 349 8.99 -11.55 -5.74
C PRO B 349 8.12 -12.56 -5.02
N PHE B 350 7.17 -12.09 -4.20
CA PHE B 350 6.28 -13.01 -3.48
C PHE B 350 5.35 -13.74 -4.45
N GLY B 351 4.54 -12.98 -5.20
CA GLY B 351 3.69 -13.59 -6.20
C GLY B 351 4.49 -14.34 -7.26
N GLN B 352 5.64 -13.77 -7.64
CA GLN B 352 6.61 -14.48 -8.46
C GLN B 352 6.91 -15.86 -7.88
N GLN B 353 7.20 -15.90 -6.58
CA GLN B 353 7.66 -17.13 -5.96
C GLN B 353 6.54 -18.16 -5.81
N ARG B 354 5.31 -17.70 -5.58
CA ARG B 354 4.22 -18.68 -5.44
C ARG B 354 3.68 -19.15 -6.78
N VAL B 355 3.76 -18.32 -7.83
CA VAL B 355 3.53 -18.85 -9.17
C VAL B 355 4.61 -19.87 -9.52
N PHE B 356 5.86 -19.57 -9.16
CA PHE B 356 6.92 -20.56 -9.31
C PHE B 356 6.59 -21.83 -8.54
N LYS B 357 5.91 -21.71 -7.40
CA LYS B 357 5.53 -22.89 -6.63
C LYS B 357 4.45 -23.69 -7.35
N GLU B 358 3.38 -23.03 -7.80
CA GLU B 358 2.26 -23.76 -8.40
C GLU B 358 2.63 -24.37 -9.74
N LYS B 359 3.31 -23.61 -10.60
CA LYS B 359 3.42 -23.99 -12.01
C LYS B 359 4.82 -24.35 -12.47
N VAL B 360 5.86 -23.75 -11.90
CA VAL B 360 7.21 -23.85 -12.47
C VAL B 360 8.01 -24.91 -11.73
N ASP B 361 7.70 -25.14 -10.46
CA ASP B 361 8.46 -26.08 -9.64
C ASP B 361 7.99 -27.52 -9.79
N THR B 362 7.37 -27.86 -10.92
CA THR B 362 6.98 -29.24 -11.19
C THR B 362 8.22 -30.07 -11.53
N ARG B 363 8.03 -31.39 -11.53
CA ARG B 363 9.04 -32.35 -11.95
C ARG B 363 8.59 -32.99 -13.26
N ALA B 364 9.47 -33.00 -14.25
CA ALA B 364 9.09 -33.43 -15.59
C ALA B 364 9.24 -34.94 -15.73
N LYS B 365 8.32 -35.53 -16.50
CA LYS B 365 8.41 -36.93 -16.87
C LYS B 365 9.19 -37.03 -18.18
N ASP B 366 10.27 -37.82 -18.17
CA ASP B 366 10.97 -38.10 -19.42
C ASP B 366 10.14 -39.07 -20.24
N PRO B 367 9.96 -38.82 -21.54
CA PRO B 367 9.16 -39.73 -22.37
C PRO B 367 9.78 -41.11 -22.41
N PRO B 368 8.97 -42.16 -22.26
CA PRO B 368 9.49 -43.53 -22.35
C PRO B 368 10.14 -43.80 -23.68
N ALA B 369 10.78 -44.97 -23.76
CA ALA B 369 11.72 -45.27 -24.85
C ALA B 369 11.03 -45.26 -26.21
N GLY B 370 9.90 -45.96 -26.34
CA GLY B 370 9.26 -46.06 -27.65
C GLY B 370 8.69 -44.74 -28.13
N THR B 371 7.95 -44.05 -27.27
CA THR B 371 7.47 -42.70 -27.59
C THR B 371 8.64 -41.79 -27.96
N ARG B 372 9.79 -41.97 -27.30
CA ARG B 372 10.98 -41.19 -27.64
C ARG B 372 11.41 -41.46 -29.07
N LYS B 373 11.44 -42.73 -29.47
CA LYS B 373 11.80 -43.08 -30.84
C LYS B 373 10.84 -42.45 -31.85
N ILE B 374 9.53 -42.54 -31.57
CA ILE B 374 8.54 -41.89 -32.42
C ILE B 374 8.81 -40.40 -32.53
N MET B 375 9.16 -39.77 -31.40
CA MET B 375 9.50 -38.35 -31.40
C MET B 375 10.69 -38.08 -32.30
N LYS B 376 11.70 -38.95 -32.28
CA LYS B 376 12.86 -38.77 -33.13
C LYS B 376 12.49 -38.87 -34.60
N VAL B 377 11.67 -39.86 -34.97
CA VAL B 377 11.30 -40.04 -36.38
C VAL B 377 10.49 -38.85 -36.87
N VAL B 378 9.40 -38.54 -36.18
CA VAL B 378 8.53 -37.45 -36.60
C VAL B 378 9.29 -36.12 -36.59
N ASN B 379 10.17 -35.94 -35.61
CA ASN B 379 10.95 -34.70 -35.53
C ASN B 379 11.89 -34.56 -36.72
N ARG B 380 12.68 -35.62 -37.00
CA ARG B 380 13.62 -35.55 -38.12
C ARG B 380 12.90 -35.32 -39.44
N TRP B 381 11.77 -36.00 -39.64
CA TRP B 381 10.96 -35.73 -40.84
C TRP B 381 10.52 -34.27 -40.87
N LEU B 382 10.03 -33.76 -39.75
CA LEU B 382 9.49 -32.40 -39.70
C LEU B 382 10.55 -31.36 -40.03
N PHE B 383 11.76 -31.53 -39.47
CA PHE B 383 12.83 -30.58 -39.79
C PHE B 383 13.31 -30.75 -41.23
N ARG B 384 13.33 -31.98 -41.74
CA ARG B 384 13.67 -32.19 -43.14
C ARG B 384 12.69 -31.48 -44.06
N HIS B 385 11.42 -31.35 -43.64
CA HIS B 385 10.46 -30.62 -44.44
C HIS B 385 10.56 -29.12 -44.22
N LEU B 386 10.93 -28.70 -43.01
CA LEU B 386 11.05 -27.27 -42.74
C LEU B 386 12.28 -26.67 -43.41
N ALA B 387 13.30 -27.47 -43.69
CA ALA B 387 14.53 -26.98 -44.29
C ALA B 387 14.62 -27.30 -45.79
N ARG B 388 13.48 -27.54 -46.45
CA ARG B 388 13.49 -27.86 -47.87
C ARG B 388 13.93 -26.67 -48.72
N GLU B 389 13.44 -25.47 -48.40
CA GLU B 389 13.65 -24.28 -49.21
C GLU B 389 14.56 -23.26 -48.56
N LYS B 390 14.32 -22.95 -47.28
CA LYS B 390 15.10 -21.94 -46.60
C LYS B 390 16.45 -22.53 -46.18
N ASN B 391 17.39 -21.64 -45.91
CA ASN B 391 18.73 -22.02 -45.50
C ASN B 391 19.07 -21.28 -44.21
N PRO B 392 19.48 -21.98 -43.16
CA PRO B 392 19.92 -21.29 -41.94
C PRO B 392 21.04 -20.32 -42.23
N ARG B 393 21.10 -19.25 -41.45
CA ARG B 393 22.05 -18.18 -41.68
C ARG B 393 22.35 -17.47 -40.37
N LEU B 394 23.55 -16.92 -40.28
CA LEU B 394 23.88 -16.06 -39.16
C LEU B 394 23.18 -14.71 -39.30
N CYS B 395 22.78 -14.14 -38.19
CA CYS B 395 22.19 -12.81 -38.17
C CYS B 395 23.27 -11.81 -37.77
N THR B 396 23.17 -10.59 -38.29
CA THR B 396 24.28 -9.66 -38.27
C THR B 396 24.11 -8.62 -37.16
N LYS B 397 25.24 -8.07 -36.74
CA LYS B 397 25.25 -6.95 -35.80
C LYS B 397 24.41 -5.80 -36.33
N GLU B 398 24.41 -5.61 -37.65
CA GLU B 398 23.60 -4.54 -38.25
C GLU B 398 22.11 -4.80 -38.08
N GLU B 399 21.68 -6.05 -38.21
CA GLU B 399 20.28 -6.40 -37.97
C GLU B 399 19.89 -6.15 -36.52
N PHE B 400 20.80 -6.47 -35.59
CA PHE B 400 20.51 -6.26 -34.17
C PHE B 400 20.37 -4.77 -33.85
N ILE B 401 21.36 -3.97 -34.26
CA ILE B 401 21.29 -2.53 -34.06
C ILE B 401 20.04 -1.97 -34.72
N ALA B 402 19.68 -2.50 -35.89
CA ALA B 402 18.45 -2.09 -36.54
C ALA B 402 17.24 -2.42 -35.67
N LYS B 403 17.31 -3.54 -34.94
CA LYS B 403 16.22 -3.89 -34.04
C LYS B 403 16.25 -3.09 -32.74
N VAL B 404 17.35 -2.39 -32.46
CA VAL B 404 17.46 -1.59 -31.24
C VAL B 404 16.83 -0.24 -31.57
N ARG B 405 15.51 -0.20 -31.53
CA ARG B 405 14.72 1.01 -31.68
C ARG B 405 13.58 1.01 -30.69
N SER B 406 13.83 0.46 -29.49
CA SER B 406 12.89 0.34 -28.39
C SER B 406 11.75 -0.61 -28.69
N HIS B 407 11.78 -1.28 -29.84
CA HIS B 407 10.83 -2.32 -30.21
C HIS B 407 11.67 -3.58 -30.43
N ALA B 408 11.94 -4.31 -29.35
CA ALA B 408 12.85 -5.45 -29.43
C ALA B 408 12.51 -6.46 -28.33
N ALA B 409 13.35 -7.47 -28.19
CA ALA B 409 13.20 -8.52 -27.20
C ALA B 409 13.94 -8.14 -25.91
N ILE B 410 14.18 -9.13 -25.06
CA ILE B 410 14.78 -8.94 -23.74
C ILE B 410 16.02 -8.06 -23.81
N GLY B 411 16.18 -7.21 -22.78
CA GLY B 411 17.34 -6.37 -22.67
C GLY B 411 17.81 -6.29 -21.23
N ALA B 412 18.93 -5.61 -21.04
CA ALA B 412 19.53 -5.45 -19.72
C ALA B 412 19.03 -4.18 -19.03
N GLU B 418 26.06 -2.19 -16.65
CA GLU B 418 25.71 -0.98 -15.93
C GLU B 418 26.54 0.21 -16.37
N GLN B 419 27.56 -0.03 -17.19
CA GLN B 419 28.35 1.07 -17.73
C GLN B 419 27.53 1.94 -18.68
N TRP B 420 26.48 1.39 -19.28
CA TRP B 420 25.56 2.15 -20.12
C TRP B 420 24.18 2.10 -19.50
N LYS B 421 23.28 2.94 -20.01
CA LYS B 421 21.93 3.05 -19.47
C LYS B 421 20.83 2.70 -20.47
N THR B 422 21.14 2.65 -21.76
CA THR B 422 20.20 2.22 -22.77
C THR B 422 20.88 1.24 -23.72
N ALA B 423 20.08 0.33 -24.28
CA ALA B 423 20.59 -0.61 -25.28
C ALA B 423 21.23 0.14 -26.44
N ASN B 424 20.58 1.20 -26.92
CA ASN B 424 21.15 1.97 -28.03
C ASN B 424 22.45 2.66 -27.63
N GLU B 425 22.56 3.08 -26.37
CA GLU B 425 23.82 3.66 -25.91
C GLU B 425 24.90 2.58 -25.82
N ALA B 426 24.50 1.33 -25.62
CA ALA B 426 25.47 0.24 -25.51
C ALA B 426 25.91 -0.26 -26.88
N VAL B 427 24.99 -0.36 -27.84
CA VAL B 427 25.33 -0.86 -29.16
C VAL B 427 26.13 0.13 -29.98
N GLN B 428 26.33 1.34 -29.48
CA GLN B 428 27.19 2.32 -30.12
C GLN B 428 28.58 2.35 -29.52
N ASP B 429 28.85 1.47 -28.54
CA ASP B 429 30.12 1.46 -27.82
C ASP B 429 30.90 0.22 -28.21
N PRO B 430 32.08 0.36 -28.82
CA PRO B 430 32.84 -0.84 -29.24
C PRO B 430 33.27 -1.73 -28.10
N LYS B 431 33.38 -1.20 -26.88
CA LYS B 431 33.76 -2.04 -25.74
C LYS B 431 32.71 -3.10 -25.46
N PHE B 432 31.44 -2.76 -25.67
CA PHE B 432 30.36 -3.75 -25.57
C PHE B 432 30.59 -4.90 -26.53
N TRP B 433 30.83 -4.58 -27.81
CA TRP B 433 31.07 -5.61 -28.81
C TRP B 433 32.38 -6.35 -28.58
N GLU B 434 33.32 -5.75 -27.83
CA GLU B 434 34.49 -6.51 -27.39
C GLU B 434 34.08 -7.62 -26.44
N LEU B 435 33.22 -7.30 -25.47
CA LEU B 435 32.67 -8.32 -24.59
C LEU B 435 31.93 -9.39 -25.38
N VAL B 436 31.12 -8.97 -26.37
CA VAL B 436 30.39 -9.93 -27.20
C VAL B 436 31.37 -10.86 -27.91
N ASP B 437 32.45 -10.30 -28.48
CA ASP B 437 33.44 -11.13 -29.14
C ASP B 437 34.14 -12.07 -28.18
N GLU B 438 34.32 -11.64 -26.93
CA GLU B 438 35.03 -12.45 -25.94
C GLU B 438 34.18 -13.64 -25.50
N GLU B 439 32.94 -13.39 -25.11
CA GLU B 439 32.05 -14.50 -24.77
C GLU B 439 31.78 -15.38 -25.99
N ARG B 440 31.79 -14.78 -27.18
CA ARG B 440 31.67 -15.56 -28.41
C ARG B 440 32.85 -16.52 -28.57
N LYS B 441 34.06 -16.04 -28.33
CA LYS B 441 35.23 -16.92 -28.34
C LYS B 441 35.06 -18.05 -27.33
N LEU B 442 34.61 -17.72 -26.12
CA LEU B 442 34.34 -18.76 -25.12
C LEU B 442 33.38 -19.80 -25.66
N HIS B 443 32.28 -19.35 -26.28
CA HIS B 443 31.32 -20.28 -26.87
C HIS B 443 31.98 -21.15 -27.92
N GLN B 444 32.90 -20.59 -28.71
CA GLN B 444 33.60 -21.39 -29.70
C GLN B 444 34.53 -22.40 -29.04
N GLN B 445 35.01 -22.12 -27.83
CA GLN B 445 35.79 -23.09 -27.07
C GLN B 445 34.91 -24.01 -26.21
N GLY B 446 33.60 -23.86 -26.27
CA GLY B 446 32.72 -24.69 -25.47
C GLY B 446 32.54 -24.23 -24.04
N ARG B 447 32.86 -22.98 -23.74
CA ARG B 447 32.65 -22.40 -22.42
C ARG B 447 31.58 -21.32 -22.49
N CYS B 448 30.98 -21.04 -21.34
CA CYS B 448 29.94 -20.02 -21.23
C CYS B 448 30.06 -19.37 -19.87
N ARG B 449 30.14 -18.04 -19.84
CA ARG B 449 30.42 -17.33 -18.60
C ARG B 449 29.38 -16.26 -18.28
N THR B 450 28.73 -15.69 -19.30
CA THR B 450 27.83 -14.56 -19.10
C THR B 450 26.40 -14.78 -19.54
N CYS B 451 26.10 -15.84 -20.29
CA CYS B 451 24.74 -16.07 -20.77
C CYS B 451 23.91 -16.65 -19.65
N VAL B 452 23.34 -15.76 -18.83
CA VAL B 452 22.54 -16.13 -17.68
C VAL B 452 21.14 -15.56 -17.87
N TYR B 453 20.14 -16.29 -17.38
CA TYR B 453 18.75 -15.87 -17.50
C TYR B 453 18.32 -15.06 -16.29
N ASN B 454 17.64 -13.93 -16.55
CA ASN B 454 17.03 -13.10 -15.52
C ASN B 454 15.51 -13.29 -15.60
N MET B 455 14.94 -13.88 -14.56
CA MET B 455 13.55 -14.34 -14.57
C MET B 455 12.69 -13.24 -13.95
N MET B 456 12.33 -12.25 -14.77
CA MET B 456 11.58 -11.09 -14.33
C MET B 456 10.08 -11.29 -14.56
N GLY B 457 9.28 -10.52 -13.82
CA GLY B 457 7.84 -10.72 -13.80
C GLY B 457 7.10 -10.02 -14.93
N LYS B 458 6.02 -10.64 -15.37
CA LYS B 458 5.21 -10.16 -16.48
C LYS B 458 3.92 -9.54 -15.96
N ARG B 459 3.72 -8.25 -16.22
CA ARG B 459 2.50 -7.55 -15.85
C ARG B 459 1.39 -7.93 -16.82
N GLU B 460 0.58 -8.91 -16.44
CA GLU B 460 -0.54 -9.38 -17.24
C GLU B 460 -1.86 -9.00 -16.58
N LYS B 461 -2.94 -9.15 -17.36
CA LYS B 461 -4.30 -8.97 -16.88
C LYS B 461 -4.94 -10.36 -16.82
N LYS B 462 -5.15 -10.87 -15.60
CA LYS B 462 -5.75 -12.17 -15.39
C LYS B 462 -6.94 -12.02 -14.45
N LEU B 463 -7.69 -13.10 -14.30
CA LEU B 463 -8.82 -13.12 -13.37
C LEU B 463 -8.29 -13.34 -11.96
N SER B 464 -8.76 -12.51 -11.03
CA SER B 464 -8.27 -12.58 -9.66
C SER B 464 -8.68 -13.89 -9.01
N GLU B 465 -7.77 -14.45 -8.22
CA GLU B 465 -8.04 -15.67 -7.48
C GLU B 465 -8.31 -15.28 -6.03
N PHE B 466 -9.45 -15.75 -5.52
CA PHE B 466 -9.82 -15.51 -4.11
C PHE B 466 -10.45 -14.13 -3.98
N GLY B 467 -10.02 -13.19 -4.81
CA GLY B 467 -10.56 -11.82 -4.70
C GLY B 467 -9.42 -10.85 -4.62
N LYS B 468 -8.22 -11.40 -4.84
CA LYS B 468 -7.00 -10.61 -4.87
C LYS B 468 -6.18 -11.02 -6.09
N ALA B 469 -5.11 -10.28 -6.34
CA ALA B 469 -4.38 -10.41 -7.59
C ALA B 469 -3.72 -11.78 -7.70
N LYS B 470 -3.74 -12.33 -8.91
CA LYS B 470 -3.08 -13.59 -9.21
C LYS B 470 -1.60 -13.36 -9.48
N GLY B 471 -0.78 -14.33 -9.09
CA GLY B 471 0.65 -14.22 -9.32
C GLY B 471 0.98 -14.08 -10.79
N SER B 472 2.23 -13.65 -11.04
CA SER B 472 2.66 -13.26 -12.38
C SER B 472 3.52 -14.35 -13.01
N ARG B 473 3.17 -14.73 -14.24
CA ARG B 473 4.07 -15.53 -15.05
C ARG B 473 5.39 -14.79 -15.23
N ALA B 474 6.45 -15.54 -15.47
CA ALA B 474 7.79 -14.99 -15.58
C ALA B 474 8.26 -15.01 -17.03
N ILE B 475 8.92 -13.93 -17.44
CA ILE B 475 9.55 -13.83 -18.75
C ILE B 475 11.05 -13.73 -18.53
N TRP B 476 11.80 -14.62 -19.18
CA TRP B 476 13.23 -14.73 -18.94
C TRP B 476 13.99 -13.71 -19.78
N TYR B 477 14.80 -12.88 -19.13
CA TYR B 477 15.68 -11.98 -19.84
C TYR B 477 17.12 -12.44 -19.72
N MET B 478 17.95 -11.92 -20.62
CA MET B 478 19.40 -11.98 -20.52
C MET B 478 19.94 -10.60 -20.84
N TRP B 479 21.20 -10.36 -20.47
CA TRP B 479 21.80 -9.08 -20.82
C TRP B 479 22.01 -9.00 -22.33
N LEU B 480 22.31 -7.79 -22.80
CA LEU B 480 22.31 -7.51 -24.24
C LEU B 480 23.22 -8.46 -25.00
N GLY B 481 24.40 -8.76 -24.45
CA GLY B 481 25.34 -9.59 -25.18
C GLY B 481 24.86 -11.03 -25.36
N ALA B 482 24.24 -11.60 -24.33
CA ALA B 482 23.71 -12.96 -24.45
C ALA B 482 22.55 -13.03 -25.42
N ARG B 483 21.65 -12.04 -25.36
CA ARG B 483 20.53 -12.00 -26.29
C ARG B 483 21.00 -11.77 -27.72
N TYR B 484 22.06 -10.98 -27.91
CA TYR B 484 22.60 -10.82 -29.26
C TYR B 484 23.20 -12.12 -29.77
N LEU B 485 23.92 -12.85 -28.92
CA LEU B 485 24.47 -14.14 -29.34
C LEU B 485 23.36 -15.10 -29.72
N GLU B 486 22.29 -15.14 -28.92
CA GLU B 486 21.13 -15.95 -29.26
C GLU B 486 20.54 -15.54 -30.61
N PHE B 487 20.46 -14.22 -30.86
CA PHE B 487 19.89 -13.74 -32.12
C PHE B 487 20.79 -14.07 -33.31
N GLU B 488 22.11 -13.98 -33.12
CA GLU B 488 23.05 -14.33 -34.16
C GLU B 488 22.98 -15.81 -34.50
N ALA B 489 22.85 -16.65 -33.47
CA ALA B 489 22.92 -18.09 -33.68
C ALA B 489 21.60 -18.66 -34.22
N LEU B 490 20.47 -18.21 -33.68
CA LEU B 490 19.19 -18.84 -33.98
C LEU B 490 18.10 -17.87 -34.41
N GLY B 491 18.39 -16.56 -34.50
CA GLY B 491 17.37 -15.60 -34.87
C GLY B 491 16.82 -15.78 -36.28
N PHE B 492 17.55 -16.52 -37.13
CA PHE B 492 17.08 -16.76 -38.49
C PHE B 492 15.73 -17.47 -38.51
N LEU B 493 15.42 -18.25 -37.47
CA LEU B 493 14.13 -18.92 -37.41
C LEU B 493 12.98 -17.92 -37.38
N ASN B 494 13.21 -16.76 -36.76
CA ASN B 494 12.21 -15.70 -36.73
C ASN B 494 12.33 -14.77 -37.93
N GLU B 495 13.53 -14.27 -38.21
CA GLU B 495 13.71 -13.28 -39.26
C GLU B 495 13.48 -13.84 -40.65
N ASP B 496 13.61 -15.16 -40.83
CA ASP B 496 13.37 -15.79 -42.11
C ASP B 496 12.05 -16.56 -42.15
N HIS B 497 11.20 -16.38 -41.14
CA HIS B 497 9.83 -16.90 -41.13
C HIS B 497 9.79 -18.40 -41.42
N TRP B 498 10.44 -19.17 -40.55
CA TRP B 498 10.41 -20.62 -40.69
C TRP B 498 9.07 -21.20 -40.26
N ALA B 499 8.38 -20.55 -39.33
CA ALA B 499 7.07 -21.01 -38.87
C ALA B 499 5.93 -20.44 -39.70
N SER B 500 6.23 -19.92 -40.90
CA SER B 500 5.18 -19.46 -41.79
C SER B 500 4.29 -20.61 -42.22
N ARG B 501 3.08 -20.27 -42.66
CA ARG B 501 2.15 -21.29 -43.13
C ARG B 501 2.64 -21.94 -44.42
N GLU B 502 3.36 -21.19 -45.25
CA GLU B 502 3.88 -21.77 -46.49
C GLU B 502 5.01 -22.76 -46.20
N ASN B 503 5.85 -22.45 -45.22
CA ASN B 503 7.00 -23.29 -44.91
C ASN B 503 6.69 -24.41 -43.93
N SER B 504 5.61 -24.29 -43.14
CA SER B 504 5.31 -25.27 -42.11
C SER B 504 3.94 -25.91 -42.24
N GLY B 505 3.05 -25.38 -43.08
CA GLY B 505 1.73 -25.93 -43.25
C GLY B 505 0.76 -25.64 -42.11
N GLY B 506 1.17 -25.89 -40.88
CA GLY B 506 0.31 -25.67 -39.73
C GLY B 506 0.59 -24.37 -39.00
N GLY B 507 1.73 -23.75 -39.28
CA GLY B 507 2.06 -22.49 -38.65
C GLY B 507 1.21 -21.34 -39.17
N VAL B 508 1.14 -20.28 -38.36
CA VAL B 508 0.42 -19.08 -38.75
C VAL B 508 1.29 -17.84 -38.49
N GLU B 509 2.60 -18.02 -38.47
CA GLU B 509 3.50 -16.92 -38.16
C GLU B 509 3.39 -15.84 -39.23
N GLY B 510 3.18 -14.59 -38.78
CA GLY B 510 3.06 -13.45 -39.65
C GLY B 510 1.63 -12.98 -39.84
N ILE B 511 0.66 -13.88 -39.71
CA ILE B 511 -0.74 -13.55 -39.92
C ILE B 511 -1.28 -12.85 -38.68
N GLY B 512 -1.84 -11.66 -38.86
CA GLY B 512 -2.44 -10.94 -37.76
C GLY B 512 -3.79 -11.50 -37.36
N LEU B 513 -4.27 -11.04 -36.20
CA LEU B 513 -5.59 -11.40 -35.70
C LEU B 513 -6.65 -11.31 -36.78
N GLN B 514 -6.58 -10.27 -37.63
CA GLN B 514 -7.59 -10.04 -38.67
C GLN B 514 -7.85 -11.29 -39.50
N TYR B 515 -6.81 -11.81 -40.14
CA TYR B 515 -6.95 -12.87 -41.14
C TYR B 515 -6.74 -14.27 -40.57
N LEU B 516 -6.68 -14.41 -39.25
CA LEU B 516 -6.51 -15.74 -38.66
C LEU B 516 -7.74 -16.60 -38.82
N GLY B 517 -8.94 -15.99 -38.79
CA GLY B 517 -10.16 -16.77 -38.93
C GLY B 517 -10.27 -17.48 -40.27
N TYR B 518 -9.66 -16.91 -41.31
CA TYR B 518 -9.70 -17.54 -42.64
C TYR B 518 -9.02 -18.90 -42.63
N VAL B 519 -8.03 -19.08 -41.75
CA VAL B 519 -7.36 -20.37 -41.64
C VAL B 519 -8.33 -21.42 -41.10
N ILE B 520 -9.01 -21.10 -39.99
CA ILE B 520 -9.96 -22.04 -39.40
C ILE B 520 -11.09 -22.34 -40.39
N ARG B 521 -11.59 -21.30 -41.06
CA ARG B 521 -12.64 -21.49 -42.06
C ARG B 521 -12.16 -22.41 -43.20
N ASP B 522 -10.89 -22.23 -43.61
CA ASP B 522 -10.33 -23.11 -44.64
C ASP B 522 -10.26 -24.55 -44.16
N LEU B 523 -9.85 -24.75 -42.91
CA LEU B 523 -9.87 -26.10 -42.34
C LEU B 523 -11.28 -26.66 -42.30
N ALA B 524 -12.28 -25.80 -42.06
CA ALA B 524 -13.67 -26.25 -42.05
C ALA B 524 -14.17 -26.61 -43.43
N ALA B 525 -13.56 -26.09 -44.49
CA ALA B 525 -13.97 -26.46 -45.83
C ALA B 525 -13.54 -27.88 -46.21
N MET B 526 -12.56 -28.45 -45.50
CA MET B 526 -12.03 -29.77 -45.81
C MET B 526 -12.93 -30.88 -45.29
N ASP B 527 -12.63 -32.10 -45.72
CA ASP B 527 -13.26 -33.29 -45.19
C ASP B 527 -12.57 -33.73 -43.90
N GLY B 528 -13.32 -34.39 -43.04
CA GLY B 528 -12.77 -34.95 -41.83
C GLY B 528 -13.78 -34.87 -40.70
N GLY B 529 -13.28 -35.11 -39.48
CA GLY B 529 -14.10 -35.06 -38.28
C GLY B 529 -14.26 -33.65 -37.75
N GLY B 530 -14.52 -33.56 -36.45
CA GLY B 530 -14.71 -32.28 -35.80
C GLY B 530 -13.40 -31.57 -35.49
N PHE B 531 -13.53 -30.32 -35.07
CA PHE B 531 -12.37 -29.53 -34.68
C PHE B 531 -11.95 -29.87 -33.26
N TYR B 532 -10.64 -29.95 -33.06
CA TYR B 532 -10.05 -30.11 -31.73
C TYR B 532 -9.02 -29.00 -31.51
N ALA B 533 -9.20 -28.25 -30.42
CA ALA B 533 -8.26 -27.20 -30.03
C ALA B 533 -8.04 -27.34 -28.53
N ASP B 534 -7.05 -28.16 -28.16
CA ASP B 534 -6.76 -28.45 -26.77
C ASP B 534 -5.64 -27.56 -26.28
N ASP B 535 -5.82 -26.97 -25.11
CA ASP B 535 -4.78 -26.16 -24.48
C ASP B 535 -3.91 -27.03 -23.58
N THR B 536 -2.60 -26.81 -23.66
CA THR B 536 -1.63 -27.54 -22.85
C THR B 536 -1.41 -26.79 -21.53
N ALA B 537 -1.44 -27.53 -20.42
CA ALA B 537 -1.22 -26.96 -19.10
C ALA B 537 0.25 -26.61 -18.94
N GLY B 538 0.58 -25.33 -19.09
CA GLY B 538 1.94 -24.86 -18.93
C GLY B 538 2.91 -25.46 -19.93
N TRP B 539 2.75 -25.12 -21.20
CA TRP B 539 3.55 -25.73 -22.26
C TRP B 539 5.05 -25.57 -22.00
N ASP B 540 5.47 -24.39 -21.55
CA ASP B 540 6.90 -24.13 -21.37
C ASP B 540 7.50 -25.03 -20.29
N THR B 541 6.72 -25.40 -19.28
CA THR B 541 7.21 -26.30 -18.24
C THR B 541 7.16 -27.76 -18.65
N ARG B 542 6.56 -28.08 -19.80
CA ARG B 542 6.45 -29.45 -20.26
C ARG B 542 7.36 -29.76 -21.44
N ILE B 543 8.14 -28.79 -21.91
CA ILE B 543 9.14 -29.07 -22.93
C ILE B 543 10.22 -29.94 -22.29
N THR B 544 10.29 -31.20 -22.70
CA THR B 544 11.19 -32.12 -22.03
C THR B 544 12.61 -31.98 -22.57
N GLU B 545 13.56 -32.58 -21.85
CA GLU B 545 14.92 -32.69 -22.35
C GLU B 545 14.96 -33.36 -23.72
N ALA B 546 14.06 -34.31 -23.96
CA ALA B 546 13.93 -34.91 -25.28
C ALA B 546 13.48 -33.88 -26.32
N ASP B 547 12.53 -33.02 -25.95
CA ASP B 547 12.08 -31.98 -26.87
C ASP B 547 13.24 -31.05 -27.25
N LEU B 548 14.11 -30.75 -26.30
CA LEU B 548 15.25 -29.88 -26.59
C LEU B 548 16.22 -30.56 -27.55
N ASP B 549 16.59 -31.81 -27.26
CA ASP B 549 17.46 -32.56 -28.16
C ASP B 549 16.83 -32.73 -29.53
N ASP B 550 15.50 -32.89 -29.57
CA ASP B 550 14.80 -32.94 -30.85
C ASP B 550 14.97 -31.62 -31.60
N GLU B 551 14.79 -30.50 -30.88
CA GLU B 551 14.97 -29.19 -31.48
C GLU B 551 16.40 -28.95 -31.93
N GLN B 552 17.37 -29.67 -31.36
CA GLN B 552 18.75 -29.53 -31.82
C GLN B 552 18.98 -30.12 -33.20
N GLU B 553 17.94 -30.64 -33.87
CA GLU B 553 18.09 -31.12 -35.24
C GLU B 553 18.42 -30.00 -36.21
N ILE B 554 18.18 -28.74 -35.84
CA ILE B 554 18.52 -27.62 -36.71
C ILE B 554 20.02 -27.55 -36.92
N LEU B 555 20.80 -28.01 -35.94
CA LEU B 555 22.25 -28.01 -36.08
C LEU B 555 22.72 -28.81 -37.28
N ASN B 556 21.99 -29.88 -37.63
CA ASN B 556 22.37 -30.70 -38.78
C ASN B 556 22.06 -30.05 -40.11
N TYR B 557 21.50 -28.84 -40.13
CA TYR B 557 21.23 -28.12 -41.37
C TYR B 557 22.00 -26.80 -41.45
N MET B 558 23.06 -26.66 -40.68
CA MET B 558 23.84 -25.43 -40.62
C MET B 558 25.25 -25.67 -41.13
N SER B 559 25.92 -24.56 -41.47
CA SER B 559 27.34 -24.62 -41.77
C SER B 559 28.13 -24.89 -40.49
N PRO B 560 29.36 -25.42 -40.63
CA PRO B 560 30.17 -25.67 -39.43
C PRO B 560 30.36 -24.45 -38.54
N HIS B 561 30.69 -23.29 -39.12
CA HIS B 561 30.90 -22.09 -38.32
C HIS B 561 29.63 -21.68 -37.59
N HIS B 562 28.48 -21.85 -38.24
CA HIS B 562 27.20 -21.51 -37.61
C HIS B 562 26.82 -22.56 -36.56
N LYS B 563 27.04 -23.84 -36.86
CA LYS B 563 26.64 -24.91 -35.95
C LYS B 563 27.38 -24.82 -34.62
N LYS B 564 28.62 -24.31 -34.60
CA LYS B 564 29.33 -24.18 -33.34
C LYS B 564 28.62 -23.18 -32.42
N LEU B 565 28.34 -21.98 -32.93
CA LEU B 565 27.69 -20.96 -32.13
C LEU B 565 26.29 -21.39 -31.71
N ALA B 566 25.48 -21.83 -32.68
CA ALA B 566 24.13 -22.26 -32.37
C ALA B 566 24.12 -23.41 -31.36
N GLN B 567 24.99 -24.39 -31.57
CA GLN B 567 25.12 -25.48 -30.61
C GLN B 567 25.47 -24.98 -29.22
N ALA B 568 26.35 -23.97 -29.14
CA ALA B 568 26.69 -23.39 -27.84
C ALA B 568 25.47 -22.76 -27.18
N VAL B 569 24.67 -22.01 -27.95
CA VAL B 569 23.46 -21.40 -27.41
C VAL B 569 22.50 -22.47 -26.91
N MET B 570 22.17 -23.42 -27.79
CA MET B 570 21.18 -24.44 -27.46
C MET B 570 21.59 -25.25 -26.24
N GLU B 571 22.79 -25.83 -26.27
CA GLU B 571 23.23 -26.69 -25.17
C GLU B 571 23.50 -25.87 -23.91
N MET B 572 24.45 -24.94 -23.99
CA MET B 572 24.94 -24.28 -22.79
C MET B 572 23.97 -23.24 -22.24
N THR B 573 23.09 -22.71 -23.07
CA THR B 573 22.13 -21.70 -22.63
C THR B 573 20.73 -22.27 -22.46
N TYR B 574 20.29 -23.13 -23.39
CA TYR B 574 18.95 -23.68 -23.29
C TYR B 574 18.87 -24.91 -22.38
N LYS B 575 19.90 -25.76 -22.39
CA LYS B 575 19.87 -26.95 -21.54
C LYS B 575 20.49 -26.67 -20.18
N ASN B 576 21.75 -26.26 -20.15
CA ASN B 576 22.44 -25.95 -18.92
C ASN B 576 22.16 -24.49 -18.51
N LYS B 577 20.88 -24.21 -18.30
CA LYS B 577 20.44 -22.87 -17.94
C LYS B 577 21.05 -22.43 -16.62
N VAL B 578 21.16 -21.12 -16.45
CA VAL B 578 21.40 -20.49 -15.16
C VAL B 578 20.38 -19.37 -15.01
N VAL B 579 19.52 -19.47 -14.01
CA VAL B 579 18.38 -18.58 -13.87
C VAL B 579 18.46 -17.85 -12.54
N LYS B 580 18.16 -16.55 -12.57
CA LYS B 580 18.11 -15.71 -11.38
C LYS B 580 16.66 -15.32 -11.12
N VAL B 581 16.16 -15.68 -9.95
CA VAL B 581 14.76 -15.46 -9.58
C VAL B 581 14.72 -14.64 -8.29
N LEU B 582 13.73 -13.77 -8.19
CA LEU B 582 13.56 -12.93 -7.01
C LEU B 582 12.67 -13.63 -5.99
N ARG B 583 13.10 -13.58 -4.73
CA ARG B 583 12.34 -14.11 -3.61
C ARG B 583 12.37 -13.08 -2.49
N PRO B 584 11.25 -12.85 -1.81
CA PRO B 584 11.21 -11.81 -0.77
C PRO B 584 12.19 -12.09 0.35
N ALA B 585 12.73 -11.01 0.90
CA ALA B 585 13.76 -11.05 1.92
C ALA B 585 13.42 -10.03 3.00
N PRO B 586 13.96 -10.19 4.21
CA PRO B 586 13.65 -9.24 5.29
C PRO B 586 14.13 -7.83 4.98
N GLY B 587 13.50 -6.87 5.65
CA GLY B 587 13.82 -5.47 5.45
C GLY B 587 13.39 -4.88 4.13
N GLY B 588 12.38 -5.47 3.49
CA GLY B 588 11.91 -4.93 2.22
C GLY B 588 12.84 -5.13 1.05
N LYS B 589 13.88 -5.92 1.22
CA LYS B 589 14.79 -6.26 0.13
C LYS B 589 14.35 -7.59 -0.46
N ALA B 590 15.13 -8.12 -1.41
CA ALA B 590 14.78 -9.38 -2.03
C ALA B 590 16.03 -10.23 -2.23
N TYR B 591 15.83 -11.54 -2.21
CA TYR B 591 16.88 -12.49 -2.54
C TYR B 591 16.86 -12.75 -4.05
N MET B 592 18.05 -12.83 -4.64
CA MET B 592 18.20 -13.30 -6.01
C MET B 592 18.77 -14.70 -5.95
N ASP B 593 17.96 -15.68 -6.34
CA ASP B 593 18.32 -17.09 -6.25
C ASP B 593 18.87 -17.56 -7.59
N VAL B 594 19.97 -18.29 -7.54
CA VAL B 594 20.60 -18.85 -8.73
C VAL B 594 20.23 -20.33 -8.78
N ILE B 595 19.34 -20.67 -9.71
CA ILE B 595 18.82 -22.03 -9.83
C ILE B 595 18.99 -22.49 -11.27
N SER B 596 18.92 -23.81 -11.46
CA SER B 596 19.13 -24.38 -12.78
C SER B 596 18.47 -25.75 -12.87
N ARG B 597 17.95 -26.06 -14.06
CA ARG B 597 17.64 -27.43 -14.45
C ARG B 597 17.84 -27.52 -15.97
N ARG B 598 17.39 -28.63 -16.55
CA ARG B 598 17.60 -28.88 -17.98
C ARG B 598 16.32 -28.96 -18.79
N ASP B 599 15.15 -29.02 -18.17
CA ASP B 599 13.95 -29.53 -18.81
C ASP B 599 12.82 -28.51 -18.94
N GLN B 600 13.11 -27.22 -18.96
CA GLN B 600 12.06 -26.24 -19.24
C GLN B 600 12.55 -25.16 -20.18
N ARG B 601 11.62 -24.29 -20.57
CA ARG B 601 11.88 -23.18 -21.47
C ARG B 601 11.23 -21.93 -20.88
N GLY B 602 11.65 -20.78 -21.39
CA GLY B 602 11.13 -19.51 -20.95
C GLY B 602 10.53 -18.72 -22.10
N SER B 603 9.55 -17.87 -21.78
CA SER B 603 8.90 -17.09 -22.81
C SER B 603 9.80 -15.99 -23.34
N GLY B 604 10.86 -15.64 -22.60
CA GLY B 604 11.72 -14.54 -22.97
C GLY B 604 12.55 -14.79 -24.20
N GLN B 605 12.88 -16.07 -24.48
CA GLN B 605 13.79 -16.39 -25.57
C GLN B 605 13.16 -15.99 -26.91
N VAL B 606 14.03 -15.83 -27.91
CA VAL B 606 13.56 -15.47 -29.24
C VAL B 606 13.24 -16.71 -30.08
N VAL B 607 13.76 -17.87 -29.71
CA VAL B 607 13.38 -19.14 -30.33
C VAL B 607 12.11 -19.72 -29.74
N THR B 608 11.64 -19.20 -28.60
CA THR B 608 10.49 -19.80 -27.91
C THR B 608 9.27 -19.92 -28.81
N TYR B 609 8.90 -18.84 -29.50
CA TYR B 609 7.70 -18.91 -30.33
C TYR B 609 7.89 -19.88 -31.50
N ALA B 610 9.03 -19.78 -32.19
CA ALA B 610 9.28 -20.66 -33.33
C ALA B 610 9.38 -22.11 -32.90
N LEU B 611 10.20 -22.38 -31.87
CA LEU B 611 10.42 -23.77 -31.46
C LEU B 611 9.18 -24.37 -30.80
N ASN B 612 8.37 -23.56 -30.13
CA ASN B 612 7.11 -24.08 -29.59
C ASN B 612 6.15 -24.44 -30.71
N THR B 613 6.13 -23.64 -31.79
CA THR B 613 5.29 -23.96 -32.93
C THR B 613 5.76 -25.21 -33.64
N ILE B 614 7.08 -25.35 -33.83
CA ILE B 614 7.61 -26.52 -34.52
C ILE B 614 7.39 -27.78 -33.69
N THR B 615 7.75 -27.71 -32.40
CA THR B 615 7.59 -28.88 -31.54
C THR B 615 6.13 -29.25 -31.36
N ASN B 616 5.25 -28.25 -31.30
CA ASN B 616 3.82 -28.54 -31.22
C ASN B 616 3.30 -29.15 -32.52
N LEU B 617 3.85 -28.72 -33.66
CA LEU B 617 3.55 -29.40 -34.91
C LEU B 617 3.93 -30.87 -34.83
N LYS B 618 5.14 -31.16 -34.32
CA LYS B 618 5.55 -32.55 -34.14
C LYS B 618 4.59 -33.30 -33.23
N VAL B 619 4.15 -32.65 -32.15
CA VAL B 619 3.28 -33.31 -31.17
C VAL B 619 1.96 -33.68 -31.81
N GLN B 620 1.28 -32.70 -32.42
CA GLN B 620 0.03 -32.99 -33.09
C GLN B 620 0.20 -34.01 -34.21
N LEU B 621 1.36 -34.02 -34.86
CA LEU B 621 1.63 -35.05 -35.88
C LEU B 621 1.63 -36.44 -35.25
N ILE B 622 2.35 -36.61 -34.14
CA ILE B 622 2.37 -37.89 -33.45
C ILE B 622 0.97 -38.29 -33.01
N ARG B 623 0.26 -37.36 -32.38
CA ARG B 623 -1.10 -37.67 -31.90
C ARG B 623 -2.01 -38.08 -33.04
N MET B 624 -1.89 -37.42 -34.20
CA MET B 624 -2.70 -37.85 -35.34
C MET B 624 -2.28 -39.22 -35.84
N ALA B 625 -1.00 -39.58 -35.68
CA ALA B 625 -0.59 -40.93 -36.06
C ALA B 625 -1.20 -41.96 -35.12
N GLU B 626 -1.27 -41.64 -33.83
CA GLU B 626 -1.96 -42.54 -32.90
C GLU B 626 -3.45 -42.61 -33.22
N ALA B 627 -4.04 -41.49 -33.64
CA ALA B 627 -5.44 -41.49 -33.99
C ALA B 627 -5.71 -42.28 -35.27
N GLU B 628 -4.69 -42.40 -36.14
CA GLU B 628 -4.82 -43.18 -37.36
C GLU B 628 -4.18 -44.55 -37.24
N MET B 629 -3.86 -44.97 -36.01
CA MET B 629 -3.41 -46.32 -35.71
C MET B 629 -2.10 -46.68 -36.42
N VAL B 630 -1.34 -45.68 -36.86
CA VAL B 630 0.04 -45.93 -37.27
C VAL B 630 0.86 -46.36 -36.07
N ILE B 631 0.74 -45.60 -34.98
CA ILE B 631 1.24 -45.97 -33.67
C ILE B 631 0.04 -46.02 -32.74
N HIS B 632 0.21 -46.76 -31.64
CA HIS B 632 -0.81 -46.87 -30.59
C HIS B 632 -0.18 -47.28 -29.28
N HIS B 633 -1.02 -47.62 -28.30
CA HIS B 633 -0.64 -47.52 -26.89
C HIS B 633 0.52 -48.43 -26.51
N GLN B 634 0.57 -49.66 -27.03
CA GLN B 634 1.68 -50.53 -26.66
C GLN B 634 3.03 -49.97 -27.11
N HIS B 635 3.04 -49.13 -28.15
CA HIS B 635 4.31 -48.56 -28.62
C HIS B 635 4.84 -47.47 -27.71
N VAL B 636 4.22 -47.23 -26.56
CA VAL B 636 4.71 -46.19 -25.64
C VAL B 636 6.02 -46.63 -24.99
N GLN B 637 6.01 -47.77 -24.30
CA GLN B 637 7.19 -48.17 -23.53
C GLN B 637 8.34 -48.62 -24.41
N ASP B 638 8.04 -49.15 -25.60
CA ASP B 638 9.07 -49.50 -26.57
C ASP B 638 8.39 -49.66 -27.93
N CYS B 639 9.19 -49.88 -28.96
CA CYS B 639 8.70 -49.72 -30.32
C CYS B 639 9.62 -50.47 -31.26
N ASP B 640 9.05 -51.30 -32.13
CA ASP B 640 9.85 -52.07 -33.08
C ASP B 640 10.26 -51.22 -34.28
N GLU B 641 11.36 -51.62 -34.93
CA GLU B 641 11.74 -51.02 -36.19
C GLU B 641 10.66 -51.19 -37.26
N SER B 642 9.78 -52.17 -37.09
CA SER B 642 8.66 -52.36 -38.01
C SER B 642 7.72 -51.16 -38.00
N VAL B 643 7.14 -50.86 -36.84
CA VAL B 643 6.20 -49.76 -36.72
C VAL B 643 6.88 -48.41 -36.96
N LEU B 644 8.20 -48.33 -36.73
CA LEU B 644 8.93 -47.11 -37.06
C LEU B 644 8.93 -46.88 -38.58
N THR B 645 9.03 -47.95 -39.35
CA THR B 645 8.95 -47.82 -40.81
C THR B 645 7.52 -47.48 -41.23
N ARG B 646 6.52 -48.04 -40.53
CA ARG B 646 5.14 -47.64 -40.76
C ARG B 646 4.96 -46.14 -40.59
N LEU B 647 5.42 -45.61 -39.45
CA LEU B 647 5.33 -44.17 -39.20
C LEU B 647 6.10 -43.38 -40.24
N GLU B 648 7.28 -43.88 -40.63
CA GLU B 648 8.08 -43.20 -41.65
C GLU B 648 7.30 -43.06 -42.96
N ALA B 649 6.77 -44.18 -43.46
CA ALA B 649 6.00 -44.14 -44.71
C ALA B 649 4.73 -43.31 -44.57
N TRP B 650 4.12 -43.32 -43.39
CA TRP B 650 2.95 -42.50 -43.16
C TRP B 650 3.30 -41.02 -43.26
N LEU B 651 4.42 -40.62 -42.68
CA LEU B 651 4.91 -39.26 -42.84
C LEU B 651 5.16 -38.92 -44.30
N THR B 652 5.78 -39.84 -45.04
CA THR B 652 6.04 -39.59 -46.46
C THR B 652 4.75 -39.41 -47.24
N GLU B 653 3.75 -40.24 -46.97
CA GLU B 653 2.53 -40.25 -47.78
C GLU B 653 1.60 -39.09 -47.43
N HIS B 654 1.34 -38.88 -46.14
CA HIS B 654 0.30 -37.95 -45.70
C HIS B 654 0.82 -36.82 -44.82
N GLY B 655 2.13 -36.72 -44.63
CA GLY B 655 2.67 -35.75 -43.67
C GLY B 655 2.23 -34.33 -43.94
N CYS B 656 2.39 -33.87 -45.19
CA CYS B 656 2.09 -32.48 -45.49
C CYS B 656 0.59 -32.21 -45.45
N ASP B 657 -0.23 -33.20 -45.78
CA ASP B 657 -1.68 -33.03 -45.63
C ASP B 657 -2.04 -32.87 -44.16
N ARG B 658 -1.51 -33.74 -43.30
CA ARG B 658 -1.79 -33.64 -41.87
C ARG B 658 -1.30 -32.30 -41.32
N LEU B 659 -0.16 -31.82 -41.82
CA LEU B 659 0.32 -30.50 -41.42
C LEU B 659 -0.65 -29.41 -41.86
N LYS B 660 -1.15 -29.50 -43.09
CA LYS B 660 -2.13 -28.52 -43.58
C LYS B 660 -3.47 -28.64 -42.88
N ARG B 661 -3.70 -29.70 -42.11
CA ARG B 661 -4.88 -29.80 -41.27
C ARG B 661 -4.69 -29.18 -39.88
N MET B 662 -3.73 -28.27 -39.73
CA MET B 662 -3.40 -27.70 -38.44
C MET B 662 -3.34 -26.18 -38.51
N ALA B 663 -3.71 -25.54 -37.40
CA ALA B 663 -3.47 -24.12 -37.16
C ALA B 663 -2.80 -24.01 -35.81
N VAL B 664 -1.47 -23.85 -35.80
CA VAL B 664 -0.67 -23.91 -34.58
C VAL B 664 0.08 -22.60 -34.42
N SER B 665 -0.16 -21.92 -33.31
CA SER B 665 0.59 -20.72 -32.93
C SER B 665 1.18 -20.97 -31.54
N GLY B 666 2.46 -21.33 -31.49
CA GLY B 666 3.08 -21.64 -30.21
C GLY B 666 2.39 -22.82 -29.57
N ASP B 667 1.90 -22.63 -28.35
CA ASP B 667 1.15 -23.66 -27.64
C ASP B 667 -0.32 -23.70 -28.08
N ASP B 668 -0.80 -22.67 -28.77
CA ASP B 668 -2.16 -22.69 -29.29
C ASP B 668 -2.22 -23.56 -30.54
N CYS B 669 -3.22 -24.44 -30.62
CA CYS B 669 -3.34 -25.34 -31.76
C CYS B 669 -4.81 -25.53 -32.10
N VAL B 670 -5.06 -25.77 -33.38
CA VAL B 670 -6.38 -26.15 -33.90
C VAL B 670 -6.16 -27.23 -34.94
N VAL B 671 -6.71 -28.42 -34.70
CA VAL B 671 -6.48 -29.58 -35.55
C VAL B 671 -7.82 -30.04 -36.12
N ARG B 672 -7.88 -30.21 -37.44
CA ARG B 672 -9.01 -30.83 -38.11
C ARG B 672 -8.57 -32.20 -38.60
N PRO B 673 -8.74 -33.24 -37.79
CA PRO B 673 -8.19 -34.55 -38.13
C PRO B 673 -9.07 -35.29 -39.14
N ILE B 674 -8.57 -36.45 -39.56
CA ILE B 674 -9.32 -37.30 -40.50
C ILE B 674 -10.66 -37.69 -39.91
N ASP B 675 -10.69 -38.02 -38.61
CA ASP B 675 -11.90 -38.48 -37.96
C ASP B 675 -11.78 -38.23 -36.47
N ASP B 676 -12.88 -38.48 -35.76
CA ASP B 676 -12.97 -38.15 -34.35
C ASP B 676 -12.27 -39.15 -33.43
N ARG B 677 -11.64 -40.19 -33.99
CA ARG B 677 -10.75 -41.03 -33.20
C ARG B 677 -9.64 -40.20 -32.54
N PHE B 678 -9.39 -39.00 -33.06
CA PHE B 678 -8.38 -38.10 -32.51
C PHE B 678 -8.64 -37.83 -31.04
N GLY B 679 -9.90 -37.59 -30.67
CA GLY B 679 -10.24 -37.25 -29.30
C GLY B 679 -9.92 -38.33 -28.28
N LEU B 680 -9.57 -39.54 -28.73
CA LEU B 680 -9.22 -40.63 -27.85
C LEU B 680 -7.75 -41.02 -27.96
N ALA B 681 -6.97 -40.33 -28.79
CA ALA B 681 -5.54 -40.60 -28.93
C ALA B 681 -4.81 -39.81 -27.86
N LEU B 682 -4.59 -40.44 -26.70
CA LEU B 682 -4.01 -39.77 -25.55
C LEU B 682 -2.76 -40.43 -25.00
N SER B 683 -2.40 -41.63 -25.48
CA SER B 683 -1.29 -42.37 -24.89
C SER B 683 0.03 -41.60 -25.05
N HIS B 684 0.37 -41.23 -26.27
CA HIS B 684 1.63 -40.54 -26.51
C HIS B 684 1.57 -39.08 -26.12
N LEU B 685 0.42 -38.43 -26.24
CA LEU B 685 0.26 -37.06 -25.76
C LEU B 685 0.60 -36.97 -24.28
N ASN B 686 0.10 -37.91 -23.48
CA ASN B 686 0.43 -37.92 -22.06
C ASN B 686 1.86 -38.38 -21.81
N ALA B 687 2.38 -39.26 -22.66
CA ALA B 687 3.75 -39.74 -22.49
C ALA B 687 4.76 -38.61 -22.67
N MET B 688 4.49 -37.69 -23.60
CA MET B 688 5.36 -36.55 -23.82
C MET B 688 5.10 -35.40 -22.85
N SER B 689 4.36 -35.65 -21.77
CA SER B 689 4.08 -34.69 -20.71
C SER B 689 3.27 -33.49 -21.19
N LYS B 690 2.70 -33.55 -22.39
CA LYS B 690 1.88 -32.46 -22.91
C LYS B 690 0.43 -32.64 -22.46
N VAL B 691 0.24 -32.54 -21.15
CA VAL B 691 -1.06 -32.79 -20.54
C VAL B 691 -1.98 -31.61 -20.79
N ARG B 692 -3.23 -31.90 -21.14
CA ARG B 692 -4.20 -30.86 -21.44
C ARG B 692 -4.68 -30.19 -20.16
N LYS B 693 -4.91 -28.89 -20.22
CA LYS B 693 -5.38 -28.13 -19.07
C LYS B 693 -6.90 -28.17 -18.97
N ASP B 694 -7.41 -28.09 -17.74
CA ASP B 694 -8.84 -28.03 -17.46
C ASP B 694 -9.57 -29.27 -18.00
N ILE B 695 -8.97 -30.44 -17.78
CA ILE B 695 -9.58 -31.71 -18.17
C ILE B 695 -8.86 -32.81 -17.41
N SER B 696 -9.53 -33.96 -17.29
CA SER B 696 -8.91 -35.13 -16.67
C SER B 696 -7.91 -35.76 -17.62
N GLU B 697 -6.87 -36.37 -17.04
CA GLU B 697 -5.73 -36.85 -17.83
C GLU B 697 -6.17 -37.82 -18.93
N TRP B 698 -7.23 -38.59 -18.71
CA TRP B 698 -7.70 -39.57 -19.68
C TRP B 698 -9.12 -39.29 -20.14
N GLN B 699 -9.59 -38.06 -19.99
CA GLN B 699 -10.88 -37.70 -20.54
C GLN B 699 -10.74 -37.36 -22.02
N PRO B 700 -11.61 -37.90 -22.87
CA PRO B 700 -11.55 -37.54 -24.30
C PRO B 700 -11.74 -36.04 -24.49
N SER B 701 -11.21 -35.54 -25.60
CA SER B 701 -11.22 -34.10 -25.85
C SER B 701 -12.56 -33.66 -26.42
N LYS B 702 -12.98 -32.45 -26.03
CA LYS B 702 -14.20 -31.84 -26.56
C LYS B 702 -14.02 -31.56 -28.05
N GLY B 703 -14.80 -32.23 -28.89
CA GLY B 703 -14.82 -31.90 -30.31
C GLY B 703 -15.68 -30.68 -30.60
N TRP B 704 -15.57 -30.21 -31.84
CA TRP B 704 -16.34 -29.04 -32.26
C TRP B 704 -16.88 -29.26 -33.67
N ASN B 705 -18.17 -28.97 -33.85
CA ASN B 705 -18.87 -29.17 -35.12
C ASN B 705 -18.80 -27.91 -35.97
N ASP B 706 -19.26 -26.79 -35.44
CA ASP B 706 -19.29 -25.53 -36.17
C ASP B 706 -17.99 -24.79 -35.93
N TRP B 707 -17.28 -24.46 -37.00
CA TRP B 707 -15.96 -23.85 -36.89
C TRP B 707 -16.01 -22.49 -36.20
N GLU B 708 -17.15 -21.80 -36.26
CA GLU B 708 -17.26 -20.49 -35.64
C GLU B 708 -17.17 -20.53 -34.12
N ASN B 709 -17.19 -21.71 -33.51
CA ASN B 709 -17.05 -21.86 -32.07
C ASN B 709 -15.67 -22.35 -31.65
N VAL B 710 -14.76 -22.58 -32.60
CA VAL B 710 -13.44 -23.13 -32.28
C VAL B 710 -12.58 -22.04 -31.64
N PRO B 711 -11.96 -22.29 -30.49
CA PRO B 711 -11.10 -21.28 -29.88
C PRO B 711 -9.67 -21.37 -30.37
N PHE B 712 -9.08 -20.21 -30.64
CA PHE B 712 -7.71 -20.14 -31.13
C PHE B 712 -7.15 -18.76 -30.87
N CYS B 713 -6.00 -18.71 -30.19
CA CYS B 713 -5.35 -17.45 -29.84
C CYS B 713 -6.28 -16.52 -29.08
N SER B 714 -6.92 -17.06 -28.04
CA SER B 714 -7.81 -16.35 -27.12
C SER B 714 -9.09 -15.86 -27.79
N HIS B 715 -9.33 -16.21 -29.05
CA HIS B 715 -10.47 -15.71 -29.78
C HIS B 715 -11.23 -16.86 -30.44
N HIS B 716 -12.45 -16.56 -30.87
CA HIS B 716 -13.16 -17.34 -31.87
C HIS B 716 -13.47 -16.42 -33.04
N PHE B 717 -14.08 -16.96 -34.09
CA PHE B 717 -14.23 -16.21 -35.32
C PHE B 717 -15.61 -16.41 -35.92
N HIS B 718 -16.10 -15.37 -36.59
CA HIS B 718 -17.42 -15.36 -37.21
C HIS B 718 -17.29 -14.88 -38.66
N GLU B 719 -18.17 -15.38 -39.51
CA GLU B 719 -18.25 -14.93 -40.89
C GLU B 719 -19.28 -13.81 -40.99
N LEU B 720 -18.87 -12.67 -41.52
CA LEU B 720 -19.73 -11.49 -41.63
C LEU B 720 -19.95 -11.15 -43.09
N GLN B 721 -21.11 -10.56 -43.36
CA GLN B 721 -21.50 -10.13 -44.70
C GLN B 721 -21.57 -8.62 -44.71
N LEU B 722 -20.82 -7.98 -45.62
CA LEU B 722 -20.85 -6.54 -45.71
C LEU B 722 -22.18 -6.06 -46.28
N LYS B 723 -22.37 -4.75 -46.25
CA LYS B 723 -23.59 -4.15 -46.80
C LYS B 723 -23.78 -4.52 -48.27
N ASP B 724 -22.68 -4.61 -49.03
CA ASP B 724 -22.71 -4.90 -50.45
C ASP B 724 -22.52 -6.37 -50.76
N GLY B 725 -22.92 -7.26 -49.84
CA GLY B 725 -22.89 -8.68 -50.08
C GLY B 725 -21.54 -9.35 -49.93
N ARG B 726 -20.46 -8.60 -49.82
CA ARG B 726 -19.15 -9.20 -49.65
C ARG B 726 -19.03 -9.84 -48.27
N ARG B 727 -18.03 -10.71 -48.10
CA ARG B 727 -17.90 -11.51 -46.90
C ARG B 727 -16.50 -11.36 -46.31
N ILE B 728 -16.44 -11.29 -44.98
CA ILE B 728 -15.18 -11.25 -44.24
C ILE B 728 -15.32 -12.11 -42.99
N VAL B 729 -14.17 -12.55 -42.46
CA VAL B 729 -14.10 -13.34 -41.24
C VAL B 729 -13.49 -12.47 -40.16
N VAL B 730 -14.24 -12.27 -39.08
CA VAL B 730 -13.85 -11.33 -38.03
C VAL B 730 -13.52 -12.08 -36.73
N PRO B 731 -12.65 -11.54 -35.89
CA PRO B 731 -12.38 -12.17 -34.60
C PRO B 731 -13.39 -11.74 -33.54
N CYS B 732 -13.61 -12.62 -32.57
CA CYS B 732 -14.56 -12.35 -31.51
C CYS B 732 -14.18 -13.13 -30.27
N ARG B 733 -14.53 -12.57 -29.11
CA ARG B 733 -14.40 -13.26 -27.84
C ARG B 733 -15.48 -12.73 -26.90
N GLU B 734 -15.56 -13.32 -25.72
CA GLU B 734 -16.53 -12.88 -24.72
C GLU B 734 -16.34 -11.39 -24.43
N GLN B 735 -17.44 -10.64 -24.52
CA GLN B 735 -17.36 -9.19 -24.36
C GLN B 735 -16.91 -8.80 -22.95
N ASP B 736 -17.20 -9.64 -21.95
CA ASP B 736 -16.79 -9.34 -20.59
C ASP B 736 -15.28 -9.35 -20.44
N GLU B 737 -14.59 -10.24 -21.16
CA GLU B 737 -13.12 -10.26 -21.11
C GLU B 737 -12.54 -8.96 -21.66
N LEU B 738 -13.06 -8.49 -22.80
CA LEU B 738 -12.56 -7.26 -23.40
C LEU B 738 -12.75 -6.07 -22.48
N ILE B 739 -13.91 -5.99 -21.82
CA ILE B 739 -14.19 -4.88 -20.93
C ILE B 739 -13.40 -4.99 -19.64
N GLY B 740 -13.33 -6.20 -19.08
CA GLY B 740 -12.55 -6.40 -17.87
C GLY B 740 -11.08 -6.04 -18.05
N ARG B 741 -10.53 -6.35 -19.23
CA ARG B 741 -9.14 -5.97 -19.50
C ARG B 741 -9.02 -4.50 -19.84
N GLY B 742 -10.01 -3.91 -20.52
CA GLY B 742 -9.95 -2.49 -20.79
C GLY B 742 -10.10 -1.62 -19.56
N ARG B 743 -10.71 -2.13 -18.49
CA ARG B 743 -10.99 -1.37 -17.29
C ARG B 743 -9.81 -1.29 -16.31
N VAL B 744 -8.70 -1.96 -16.58
CA VAL B 744 -7.61 -2.07 -15.63
C VAL B 744 -6.39 -1.34 -16.20
N SER B 745 -5.70 -0.58 -15.33
CA SER B 745 -4.55 0.21 -15.74
C SER B 745 -3.27 -0.29 -15.09
N PRO B 746 -2.19 -0.43 -15.85
CA PRO B 746 -0.93 -0.93 -15.28
C PRO B 746 -0.26 0.12 -14.41
N GLY B 747 0.41 -0.37 -13.36
CA GLY B 747 1.11 0.50 -12.44
C GLY B 747 0.26 1.45 -11.62
N ASN B 748 0.87 2.03 -10.59
CA ASN B 748 0.20 2.96 -9.69
C ASN B 748 0.36 4.39 -10.18
N GLY B 749 -0.69 5.18 -10.00
CA GLY B 749 -0.64 6.60 -10.27
C GLY B 749 -1.53 7.03 -11.40
N TRP B 750 -2.72 7.53 -11.06
CA TRP B 750 -3.78 7.80 -12.03
C TRP B 750 -3.49 9.12 -12.73
N MET B 751 -2.60 9.07 -13.73
CA MET B 751 -2.39 10.22 -14.58
C MET B 751 -3.54 10.33 -15.55
N ILE B 752 -4.16 11.52 -15.61
CA ILE B 752 -5.32 11.69 -16.49
C ILE B 752 -4.91 11.69 -17.96
N LYS B 753 -3.63 11.88 -18.26
CA LYS B 753 -3.13 11.88 -19.62
C LYS B 753 -2.74 10.50 -20.11
N GLU B 754 -2.05 9.71 -19.27
CA GLU B 754 -1.61 8.38 -19.66
C GLU B 754 -2.79 7.44 -19.88
N THR B 755 -3.64 7.28 -18.85
CA THR B 755 -4.73 6.31 -18.95
C THR B 755 -5.78 6.71 -19.98
N ALA B 756 -5.87 8.00 -20.32
CA ALA B 756 -6.77 8.40 -21.39
C ALA B 756 -6.22 8.00 -22.75
N CYS B 757 -4.90 8.10 -22.93
CA CYS B 757 -4.29 7.62 -24.17
C CYS B 757 -4.40 6.10 -24.28
N LEU B 758 -4.18 5.39 -23.17
CA LEU B 758 -4.40 3.94 -23.15
C LEU B 758 -5.84 3.61 -23.49
N SER B 759 -6.79 4.37 -22.94
CA SER B 759 -8.20 4.16 -23.25
C SER B 759 -8.47 4.39 -24.73
N LYS B 760 -7.82 5.39 -25.33
CA LYS B 760 -7.94 5.59 -26.76
C LYS B 760 -7.35 4.42 -27.53
N ALA B 761 -6.31 3.79 -27.00
CA ALA B 761 -5.75 2.60 -27.65
C ALA B 761 -6.75 1.44 -27.59
N TYR B 762 -7.37 1.22 -26.44
CA TYR B 762 -8.39 0.18 -26.34
C TYR B 762 -9.55 0.46 -27.27
N ALA B 763 -10.01 1.71 -27.33
CA ALA B 763 -11.12 2.07 -28.20
C ALA B 763 -10.76 1.86 -29.67
N ASN B 764 -9.50 2.14 -30.03
CA ASN B 764 -9.09 1.94 -31.42
C ASN B 764 -9.00 0.45 -31.76
N MET B 765 -8.47 -0.36 -30.84
CA MET B 765 -8.43 -1.80 -31.08
C MET B 765 -9.83 -2.37 -31.22
N TRP B 766 -10.75 -1.95 -30.35
CA TRP B 766 -12.14 -2.38 -30.48
C TRP B 766 -12.73 -1.93 -31.80
N SER B 767 -12.42 -0.71 -32.23
CA SER B 767 -12.92 -0.22 -33.51
C SER B 767 -12.38 -1.04 -34.68
N LEU B 768 -11.16 -1.56 -34.55
CA LEU B 768 -10.51 -2.23 -35.67
C LEU B 768 -10.84 -3.72 -35.74
N MET B 769 -10.81 -4.42 -34.61
CA MET B 769 -11.05 -5.86 -34.57
C MET B 769 -12.44 -6.25 -34.09
N TYR B 770 -13.05 -5.44 -33.23
CA TYR B 770 -14.29 -5.82 -32.55
C TYR B 770 -15.44 -4.88 -32.91
N PHE B 771 -15.36 -4.26 -34.09
CA PHE B 771 -16.38 -3.32 -34.54
C PHE B 771 -17.77 -3.96 -34.60
N HIS B 772 -17.83 -5.28 -34.77
CA HIS B 772 -19.09 -5.97 -35.03
C HIS B 772 -19.92 -6.20 -33.78
N LYS B 773 -19.44 -5.79 -32.61
CA LYS B 773 -20.19 -5.93 -31.37
C LYS B 773 -20.76 -4.57 -30.98
N ARG B 774 -22.07 -4.51 -30.79
CA ARG B 774 -22.77 -3.23 -30.71
C ARG B 774 -22.32 -2.43 -29.51
N ASP B 775 -22.18 -3.07 -28.35
CA ASP B 775 -21.65 -2.37 -27.17
C ASP B 775 -20.21 -1.93 -27.39
N MET B 776 -19.46 -2.64 -28.22
CA MET B 776 -18.05 -2.35 -28.41
C MET B 776 -17.84 -1.13 -29.31
N ARG B 777 -18.64 -0.98 -30.37
CA ARG B 777 -18.49 0.19 -31.23
C ARG B 777 -18.96 1.45 -30.51
N LEU B 778 -20.10 1.37 -29.83
CA LEU B 778 -20.58 2.49 -29.03
C LEU B 778 -19.54 2.89 -27.98
N LEU B 779 -18.87 1.90 -27.40
CA LEU B 779 -17.83 2.17 -26.41
C LEU B 779 -16.62 2.83 -27.04
N SER B 780 -16.21 2.34 -28.21
CA SER B 780 -15.08 2.94 -28.92
C SER B 780 -15.36 4.40 -29.26
N LEU B 781 -16.49 4.66 -29.92
CA LEU B 781 -16.81 6.03 -30.32
C LEU B 781 -17.00 6.93 -29.10
N ALA B 782 -17.57 6.38 -28.03
CA ALA B 782 -17.74 7.16 -26.80
C ALA B 782 -16.38 7.55 -26.21
N VAL B 783 -15.45 6.59 -26.15
CA VAL B 783 -14.13 6.87 -25.60
C VAL B 783 -13.41 7.91 -26.45
N SER B 784 -13.37 7.68 -27.77
CA SER B 784 -12.74 8.65 -28.66
C SER B 784 -13.56 9.92 -28.81
N SER B 785 -14.70 10.03 -28.14
CA SER B 785 -15.44 11.28 -28.05
C SER B 785 -15.20 12.01 -26.74
N ALA B 786 -14.83 11.29 -25.67
CA ALA B 786 -14.48 11.92 -24.41
C ALA B 786 -12.99 12.23 -24.29
N VAL B 787 -12.15 11.60 -25.12
CA VAL B 787 -10.70 11.78 -25.06
C VAL B 787 -10.30 12.84 -26.07
N PRO B 788 -9.42 13.78 -25.71
CA PRO B 788 -8.95 14.79 -26.66
C PRO B 788 -8.53 14.19 -28.00
N THR B 789 -8.94 14.87 -29.08
CA THR B 789 -8.73 14.34 -30.42
C THR B 789 -7.26 14.29 -30.79
N SER B 790 -6.46 15.25 -30.31
CA SER B 790 -5.06 15.32 -30.67
C SER B 790 -4.17 14.39 -29.84
N TRP B 791 -4.75 13.67 -28.88
CA TRP B 791 -3.94 12.79 -28.05
C TRP B 791 -3.73 11.45 -28.72
N VAL B 792 -2.54 10.89 -28.54
CA VAL B 792 -2.07 9.72 -29.27
C VAL B 792 -2.18 8.49 -28.37
N PRO B 793 -2.66 7.36 -28.89
CA PRO B 793 -2.79 6.16 -28.06
C PRO B 793 -1.43 5.61 -27.67
N GLN B 794 -1.28 5.33 -26.36
CA GLN B 794 -0.08 4.69 -25.82
C GLN B 794 -0.51 3.51 -24.97
N GLY B 795 0.46 2.69 -24.59
CA GLY B 795 0.19 1.57 -23.71
C GLY B 795 0.10 0.26 -24.46
N ARG B 796 -0.15 -0.80 -23.70
CA ARG B 796 -0.27 -2.15 -24.22
C ARG B 796 -1.72 -2.61 -24.14
N THR B 797 -2.26 -3.05 -25.28
CA THR B 797 -3.62 -3.54 -25.34
C THR B 797 -3.73 -5.05 -25.41
N THR B 798 -2.76 -5.73 -26.02
CA THR B 798 -2.74 -7.18 -26.10
C THR B 798 -1.33 -7.68 -25.92
N TRP B 799 -1.21 -8.97 -25.56
CA TRP B 799 0.06 -9.66 -25.51
C TRP B 799 0.24 -10.64 -26.66
N SER B 800 -0.79 -10.83 -27.48
CA SER B 800 -0.70 -11.77 -28.60
C SER B 800 0.31 -11.27 -29.62
N ILE B 801 1.13 -12.21 -30.12
CA ILE B 801 2.04 -11.88 -31.22
C ILE B 801 1.28 -11.53 -32.49
N HIS B 802 0.00 -11.88 -32.56
CA HIS B 802 -0.84 -11.57 -33.71
C HIS B 802 -1.53 -10.22 -33.59
N GLY B 803 -1.22 -9.45 -32.55
CA GLY B 803 -1.67 -8.07 -32.50
C GLY B 803 -0.61 -7.16 -33.08
N LYS B 804 -0.77 -6.79 -34.35
CA LYS B 804 0.27 -6.06 -35.07
C LYS B 804 0.32 -4.59 -34.69
N GLY B 805 -0.66 -4.08 -33.95
CA GLY B 805 -0.63 -2.71 -33.49
C GLY B 805 -1.17 -1.69 -34.47
N GLU B 806 -1.88 -2.12 -35.52
CA GLU B 806 -2.39 -1.19 -36.52
C GLU B 806 -3.35 -0.18 -35.93
N TRP B 807 -3.93 -0.47 -34.77
CA TRP B 807 -4.87 0.45 -34.13
C TRP B 807 -4.18 1.54 -33.31
N MET B 808 -2.86 1.46 -33.16
CA MET B 808 -2.12 2.39 -32.31
C MET B 808 -1.73 3.67 -33.05
N THR B 809 -2.43 4.01 -34.12
CA THR B 809 -2.12 5.17 -34.92
C THR B 809 -3.03 6.35 -34.55
N THR B 810 -2.65 7.53 -35.03
CA THR B 810 -3.49 8.71 -34.93
C THR B 810 -4.42 8.89 -36.12
N GLU B 811 -4.36 7.97 -37.08
CA GLU B 811 -5.20 8.04 -38.28
C GLU B 811 -6.67 7.88 -37.90
N ASP B 812 -7.54 8.13 -38.88
CA ASP B 812 -8.96 7.90 -38.71
C ASP B 812 -9.24 6.41 -38.77
N MET B 813 -9.97 5.90 -37.77
CA MET B 813 -10.18 4.47 -37.65
C MET B 813 -10.96 3.90 -38.83
N LEU B 814 -11.79 4.72 -39.48
CA LEU B 814 -12.52 4.26 -40.66
C LEU B 814 -11.59 3.91 -41.81
N GLU B 815 -10.47 4.62 -41.93
CA GLU B 815 -9.58 4.41 -43.07
C GLU B 815 -8.63 3.23 -42.84
N VAL B 816 -8.12 3.07 -41.62
CA VAL B 816 -7.33 1.88 -41.31
C VAL B 816 -8.20 0.64 -41.33
N TRP B 817 -9.49 0.78 -41.02
CA TRP B 817 -10.43 -0.33 -41.15
C TRP B 817 -10.53 -0.77 -42.61
N ASN B 818 -10.75 0.19 -43.51
CA ASN B 818 -10.79 -0.14 -44.93
C ASN B 818 -9.45 -0.68 -45.41
N ARG B 819 -8.36 -0.29 -44.77
CA ARG B 819 -7.05 -0.81 -45.14
C ARG B 819 -6.93 -2.28 -44.81
N VAL B 820 -7.08 -2.62 -43.52
CA VAL B 820 -6.82 -3.99 -43.08
C VAL B 820 -7.89 -4.95 -43.59
N TRP B 821 -9.15 -4.50 -43.65
CA TRP B 821 -10.22 -5.39 -44.09
C TRP B 821 -10.42 -5.38 -45.59
N ILE B 822 -10.21 -4.26 -46.27
CA ILE B 822 -10.41 -4.17 -47.72
C ILE B 822 -9.09 -4.03 -48.47
N THR B 823 -8.30 -3.00 -48.15
CA THR B 823 -7.17 -2.65 -49.01
C THR B 823 -6.04 -3.68 -48.92
N ASN B 824 -5.72 -4.13 -47.71
CA ASN B 824 -4.58 -5.02 -47.49
C ASN B 824 -5.02 -6.44 -47.17
N ASN B 825 -6.28 -6.78 -47.43
CA ASN B 825 -6.80 -8.10 -47.13
C ASN B 825 -6.66 -8.98 -48.37
N PRO B 826 -5.80 -10.01 -48.35
CA PRO B 826 -5.65 -10.86 -49.54
C PRO B 826 -6.91 -11.63 -49.90
N HIS B 827 -7.82 -11.83 -48.96
CA HIS B 827 -9.04 -12.58 -49.21
C HIS B 827 -10.17 -11.72 -49.77
N MET B 828 -9.97 -10.40 -49.86
CA MET B 828 -10.97 -9.50 -50.41
C MET B 828 -10.57 -9.16 -51.84
N GLN B 829 -11.28 -9.75 -52.81
CA GLN B 829 -10.98 -9.49 -54.22
C GLN B 829 -11.43 -8.10 -54.62
N ASP B 830 -12.73 -7.82 -54.48
CA ASP B 830 -13.26 -6.48 -54.75
C ASP B 830 -12.70 -5.52 -53.72
N LYS B 831 -11.87 -4.59 -54.16
CA LYS B 831 -11.19 -3.66 -53.25
C LYS B 831 -11.97 -2.37 -53.04
N THR B 832 -13.29 -2.40 -53.23
CA THR B 832 -14.11 -1.21 -53.02
C THR B 832 -14.17 -0.87 -51.54
N MET B 833 -13.84 0.37 -51.21
CA MET B 833 -13.80 0.82 -49.82
C MET B 833 -15.22 1.08 -49.30
N VAL B 834 -15.34 1.07 -47.98
CA VAL B 834 -16.60 1.37 -47.29
C VAL B 834 -16.63 2.85 -46.92
N LYS B 835 -17.79 3.47 -47.11
CA LYS B 835 -17.89 4.93 -47.10
C LYS B 835 -18.10 5.49 -45.69
N LYS B 836 -19.16 5.05 -45.02
CA LYS B 836 -19.52 5.56 -43.71
C LYS B 836 -19.38 4.47 -42.65
N TRP B 837 -19.36 4.90 -41.38
CA TRP B 837 -19.31 3.95 -40.28
C TRP B 837 -20.58 3.12 -40.20
N ARG B 838 -21.73 3.72 -40.53
CA ARG B 838 -23.00 3.00 -40.45
C ARG B 838 -23.13 1.90 -41.49
N ASP B 839 -22.28 1.89 -42.52
CA ASP B 839 -22.26 0.82 -43.49
C ASP B 839 -21.40 -0.36 -43.04
N VAL B 840 -20.59 -0.18 -42.00
CA VAL B 840 -19.86 -1.30 -41.42
C VAL B 840 -20.85 -2.20 -40.68
N PRO B 841 -20.89 -3.50 -40.98
CA PRO B 841 -21.95 -4.35 -40.44
C PRO B 841 -21.69 -4.74 -38.99
N TYR B 842 -22.71 -5.37 -38.40
CA TYR B 842 -22.64 -5.93 -37.05
C TYR B 842 -22.82 -7.44 -37.13
N LEU B 843 -22.63 -8.10 -36.00
CA LEU B 843 -23.01 -9.49 -35.89
C LEU B 843 -24.54 -9.60 -35.86
N THR B 844 -25.03 -10.83 -36.05
CA THR B 844 -26.43 -11.11 -35.80
C THR B 844 -26.78 -10.74 -34.37
N LYS B 845 -27.97 -10.18 -34.16
CA LYS B 845 -28.40 -9.85 -32.80
C LYS B 845 -28.34 -11.06 -31.90
N ARG B 846 -28.60 -12.25 -32.44
CA ARG B 846 -28.43 -13.48 -31.67
C ARG B 846 -26.96 -13.73 -31.36
N GLN B 847 -26.09 -13.58 -32.36
CA GLN B 847 -24.66 -13.85 -32.16
C GLN B 847 -24.03 -12.85 -31.20
N ASP B 848 -24.46 -11.58 -31.26
CA ASP B 848 -23.93 -10.59 -30.33
C ASP B 848 -24.35 -10.92 -28.90
N LYS B 849 -25.64 -11.20 -28.72
CA LYS B 849 -26.14 -11.64 -27.42
C LYS B 849 -25.44 -12.92 -26.98
N LEU B 850 -25.19 -13.83 -27.92
CA LEU B 850 -24.55 -15.09 -27.59
C LEU B 850 -23.08 -14.91 -27.26
N CYS B 851 -22.48 -13.81 -27.67
CA CYS B 851 -21.09 -13.49 -27.34
C CYS B 851 -21.00 -12.31 -26.37
N GLY B 852 -22.06 -12.05 -25.61
CA GLY B 852 -21.96 -11.21 -24.43
C GLY B 852 -22.54 -9.82 -24.51
N SER B 853 -23.21 -9.47 -25.60
CA SER B 853 -23.77 -8.13 -25.70
C SER B 853 -24.93 -7.96 -24.73
N LEU B 854 -25.05 -6.74 -24.20
CA LEU B 854 -26.11 -6.41 -23.26
C LEU B 854 -27.34 -5.81 -23.94
N ILE B 855 -27.44 -5.94 -25.27
CA ILE B 855 -28.64 -5.48 -25.95
C ILE B 855 -29.84 -6.30 -25.48
N GLY B 856 -30.98 -5.63 -25.38
CA GLY B 856 -32.18 -6.28 -24.87
C GLY B 856 -32.49 -5.87 -23.45
N MET B 857 -31.45 -5.78 -22.62
CA MET B 857 -31.63 -5.27 -21.25
C MET B 857 -31.96 -3.79 -21.29
N THR B 858 -32.88 -3.37 -20.41
CA THR B 858 -33.28 -1.97 -20.36
C THR B 858 -32.20 -1.09 -19.75
N ASN B 859 -31.22 -1.68 -19.06
CA ASN B 859 -30.11 -0.91 -18.53
C ASN B 859 -29.20 -0.40 -19.63
N ARG B 860 -29.09 -1.13 -20.74
CA ARG B 860 -28.29 -0.66 -21.86
C ARG B 860 -28.94 0.52 -22.57
N ALA B 861 -30.27 0.57 -22.61
CA ALA B 861 -30.95 1.71 -23.24
C ALA B 861 -30.62 3.01 -22.51
N THR B 862 -30.88 3.05 -21.20
CA THR B 862 -30.54 4.22 -20.41
C THR B 862 -29.06 4.55 -20.51
N TRP B 863 -28.20 3.53 -20.56
CA TRP B 863 -26.77 3.74 -20.74
C TRP B 863 -26.49 4.47 -22.05
N ALA B 864 -27.13 4.03 -23.14
CA ALA B 864 -26.92 4.64 -24.44
C ALA B 864 -27.50 6.05 -24.50
N SER B 865 -28.49 6.36 -23.65
CA SER B 865 -29.03 7.71 -23.65
C SER B 865 -28.14 8.68 -22.85
N HIS B 866 -27.66 8.25 -21.68
CA HIS B 866 -26.87 9.13 -20.84
C HIS B 866 -25.37 8.98 -21.06
N ILE B 867 -24.96 8.22 -22.08
CA ILE B 867 -23.53 8.06 -22.33
C ILE B 867 -22.93 9.37 -22.81
N HIS B 868 -23.74 10.25 -23.42
CA HIS B 868 -23.22 11.53 -23.88
C HIS B 868 -23.06 12.50 -22.72
N LEU B 869 -23.97 12.44 -21.73
CA LEU B 869 -23.79 13.19 -20.51
C LEU B 869 -22.53 12.71 -19.78
N VAL B 870 -22.30 11.40 -19.77
CA VAL B 870 -21.07 10.88 -19.16
C VAL B 870 -19.84 11.35 -19.92
N ILE B 871 -19.91 11.33 -21.25
CA ILE B 871 -18.82 11.86 -22.07
C ILE B 871 -18.52 13.30 -21.70
N HIS B 872 -19.57 14.12 -21.57
CA HIS B 872 -19.37 15.51 -21.19
C HIS B 872 -18.74 15.62 -19.82
N ARG B 873 -19.14 14.76 -18.87
CA ARG B 873 -18.51 14.75 -17.55
C ARG B 873 -17.01 14.48 -17.67
N ILE B 874 -16.63 13.47 -18.46
CA ILE B 874 -15.23 13.11 -18.57
C ILE B 874 -14.43 14.22 -19.25
N ARG B 875 -15.01 14.84 -20.28
CA ARG B 875 -14.39 16.01 -20.88
C ARG B 875 -14.17 17.11 -19.84
N THR B 876 -15.17 17.35 -19.00
CA THR B 876 -15.05 18.37 -17.97
C THR B 876 -13.90 18.07 -17.00
N LEU B 877 -13.84 16.84 -16.49
CA LEU B 877 -12.79 16.52 -15.53
C LEU B 877 -11.41 16.53 -16.17
N ILE B 878 -11.29 16.14 -17.44
CA ILE B 878 -9.99 16.21 -18.10
C ILE B 878 -9.59 17.66 -18.32
N GLY B 879 -10.55 18.51 -18.65
CA GLY B 879 -10.30 19.93 -18.84
C GLY B 879 -10.47 20.36 -20.29
N GLN B 880 -10.05 21.59 -20.56
CA GLN B 880 -10.28 22.22 -21.86
C GLN B 880 -9.24 21.72 -22.85
N GLU B 881 -9.70 20.99 -23.86
CA GLU B 881 -8.86 20.47 -24.92
C GLU B 881 -9.71 20.33 -26.17
N LYS B 882 -9.09 19.85 -27.25
CA LYS B 882 -9.78 19.71 -28.53
C LYS B 882 -10.47 18.34 -28.57
N TYR B 883 -11.80 18.34 -28.50
CA TYR B 883 -12.60 17.13 -28.55
C TYR B 883 -13.32 17.04 -29.88
N THR B 884 -13.92 15.87 -30.13
CA THR B 884 -14.72 15.64 -31.32
C THR B 884 -15.91 14.77 -30.96
N ASP B 885 -17.06 15.07 -31.55
CA ASP B 885 -18.30 14.34 -31.27
C ASP B 885 -18.43 13.22 -32.30
N TYR B 886 -17.72 12.12 -32.04
CA TYR B 886 -17.71 11.00 -32.97
C TYR B 886 -19.04 10.27 -33.04
N LEU B 887 -19.87 10.36 -31.99
CA LEU B 887 -21.10 9.57 -31.96
C LEU B 887 -22.03 9.90 -33.12
N THR B 888 -21.87 11.08 -33.74
CA THR B 888 -22.73 11.44 -34.87
C THR B 888 -22.49 10.55 -36.09
N VAL B 889 -21.34 9.87 -36.18
CA VAL B 889 -21.13 8.95 -37.29
C VAL B 889 -21.85 7.63 -37.09
N MET B 890 -22.47 7.43 -35.94
CA MET B 890 -23.29 6.25 -35.67
C MET B 890 -24.76 6.62 -35.81
N ASP B 891 -25.58 5.59 -35.97
CA ASP B 891 -27.01 5.79 -36.11
C ASP B 891 -27.60 6.35 -34.82
N ARG B 892 -28.80 6.92 -34.95
CA ARG B 892 -29.57 7.55 -33.86
C ARG B 892 -28.75 8.50 -32.99
N TYR B 893 -27.66 9.07 -33.49
CA TYR B 893 -26.91 10.05 -32.72
C TYR B 893 -26.51 11.29 -33.52
N SER B 894 -27.09 11.49 -34.69
CA SER B 894 -26.82 12.70 -35.48
C SER B 894 -27.39 13.94 -34.79
N SAH C . -22.33 13.50 2.27
CA SAH C . -21.25 14.06 3.07
CB SAH C . -21.81 14.63 4.37
CG SAH C . -23.11 14.01 4.86
SD SAH C . -22.89 12.58 5.94
C SAH C . -20.17 13.03 3.37
O SAH C . -20.21 12.30 4.36
OXT SAH C . -19.21 12.89 2.61
C5' SAH C . -23.33 13.61 7.37
C4' SAH C . -22.14 13.81 8.30
O4' SAH C . -22.38 14.86 9.21
C3' SAH C . -21.87 12.57 9.15
O3' SAH C . -20.76 11.86 8.65
C2' SAH C . -21.57 13.10 10.54
O2' SAH C . -20.26 12.74 10.91
C1' SAH C . -21.67 14.62 10.40
N9 SAH C . -22.38 15.20 11.57
C8 SAH C . -23.34 14.58 12.33
N7 SAH C . -23.74 15.43 13.30
C5 SAH C . -23.04 16.59 13.17
C6 SAH C . -23.05 17.78 13.89
N6 SAH C . -23.87 17.91 14.93
N1 SAH C . -22.22 18.80 13.53
C2 SAH C . -21.37 18.65 12.45
N3 SAH C . -21.36 17.47 11.74
C4 SAH C . -22.19 16.45 12.09
S SO4 D . -19.72 4.90 1.56
O1 SO4 D . -20.82 3.95 1.69
O2 SO4 D . -19.95 5.74 0.38
O3 SO4 D . -19.64 5.76 2.74
O4 SO4 D . -18.47 4.18 1.40
S SO4 E . 24.63 46.24 31.38
O1 SO4 E . 23.94 45.14 30.73
O2 SO4 E . 25.94 46.41 30.78
O3 SO4 E . 23.85 47.47 31.19
O4 SO4 E . 24.77 45.96 32.80
S SO4 F . 10.89 12.81 22.10
O1 SO4 F . 9.52 12.73 22.60
O2 SO4 F . 11.08 11.80 21.07
O3 SO4 F . 11.13 14.13 21.54
O4 SO4 F . 11.82 12.57 23.20
ZN ZN G . 26.42 28.97 -0.55
ZN ZN H . 5.51 11.33 36.65
N SAH I . -10.27 -21.95 11.77
CA SAH I . -10.07 -21.45 10.41
CB SAH I . -11.41 -21.37 9.68
CG SAH I . -12.63 -21.53 10.57
SD SAH I . -14.15 -20.92 9.80
C SAH I . -9.38 -20.10 10.40
O SAH I . -9.60 -19.28 9.51
OXT SAH I . -8.57 -19.80 11.27
C5' SAH I . -14.52 -22.56 9.13
C4' SAH I . -14.60 -22.54 7.60
O4' SAH I . -14.90 -23.82 7.09
C3' SAH I . -15.70 -21.61 7.11
O3' SAH I . -15.15 -20.42 6.62
C2' SAH I . -16.38 -22.37 5.99
O2' SAH I . -16.26 -21.65 4.78
C1' SAH I . -15.63 -23.68 5.88
N9 SAH I . -16.57 -24.81 5.69
C8 SAH I . -17.80 -24.95 6.30
N7 SAH I . -18.36 -26.11 5.85
C5 SAH I . -17.52 -26.69 4.97
C6 SAH I . -17.60 -27.87 4.23
N6 SAH I . -18.68 -28.64 4.33
N1 SAH I . -16.57 -28.22 3.39
C2 SAH I . -15.45 -27.41 3.29
N3 SAH I . -15.38 -26.24 4.03
C4 SAH I . -16.39 -25.89 4.86
S SO4 J . 9.97 -37.66 -47.15
O1 SO4 J . 8.73 -36.88 -47.24
O2 SO4 J . 10.51 -37.84 -48.50
O3 SO4 J . 10.94 -36.96 -46.33
O4 SO4 J . 9.68 -38.97 -46.56
S SO4 K . -10.81 -11.67 12.08
O1 SO4 K . -11.03 -10.33 11.54
O2 SO4 K . -10.99 -12.66 11.01
O3 SO4 K . -11.77 -11.93 13.16
O4 SO4 K . -9.46 -11.76 12.61
S SO4 L . 4.24 -32.55 -9.08
O1 SO4 L . 3.48 -31.41 -9.60
O2 SO4 L . 4.10 -33.68 -10.00
O3 SO4 L . 5.64 -32.18 -8.98
O4 SO4 L . 3.73 -32.92 -7.77
S SO4 M . -5.21 -11.05 -24.34
O1 SO4 M . -6.40 -10.86 -25.16
O2 SO4 M . -4.14 -11.63 -25.16
O3 SO4 M . -4.77 -9.76 -23.82
O4 SO4 M . -5.51 -11.95 -23.23
ZN ZN N . 27.35 -17.71 -22.83
ZN ZN O . -18.39 -14.11 -31.21
#